data_1J2Y
# 
_entry.id   1J2Y 
# 
_audit_conform.dict_name       mmcif_pdbx.dic 
_audit_conform.dict_version    5.380 
_audit_conform.dict_location   http://mmcif.pdb.org/dictionaries/ascii/mmcif_pdbx.dic 
# 
loop_
_database_2.database_id 
_database_2.database_code 
_database_2.pdbx_database_accession 
_database_2.pdbx_DOI 
PDB   1J2Y         pdb_00001j2y 10.2210/pdb1j2y/pdb 
RCSB  RCSB005564   ?            ?                   
WWPDB D_1000005564 ?            ?                   
# 
_pdbx_database_status.status_code                     REL 
_pdbx_database_status.entry_id                        1J2Y 
_pdbx_database_status.recvd_initial_deposition_date   2003-01-15 
_pdbx_database_status.deposit_site                    PDBJ 
_pdbx_database_status.process_site                    PDBJ 
_pdbx_database_status.status_code_sf                  REL 
_pdbx_database_status.SG_entry                        . 
_pdbx_database_status.pdb_format_compatible           Y 
_pdbx_database_status.status_code_mr                  ? 
_pdbx_database_status.status_code_cs                  ? 
_pdbx_database_status.status_code_nmr_data            ? 
_pdbx_database_status.methods_development_category    ? 
# 
loop_
_audit_author.name 
_audit_author.pdbx_ordinal 
'Lee, B.I.'  1 
'Kwak, J.E.' 2 
'Suh, S.W.'  3 
# 
_citation.id                        primary 
_citation.title                     'Crystal structure of the type II 3-dehydroquinase from Helicobacter pylori' 
_citation.journal_abbrev            Proteins 
_citation.journal_volume            51 
_citation.page_first                616 
_citation.page_last                 617 
_citation.year                      2003 
_citation.journal_id_ASTM           PSFGEY 
_citation.country                   US 
_citation.journal_id_ISSN           0887-3585 
_citation.journal_id_CSD            0867 
_citation.book_publisher            ? 
_citation.pdbx_database_id_PubMed   12784220 
_citation.pdbx_database_id_DOI      10.1002/prot.10415 
# 
loop_
_citation_author.citation_id 
_citation_author.name 
_citation_author.ordinal 
_citation_author.identifier_ORCID 
primary 'Lee, B.I.'  1 ? 
primary 'Kwak, J.E.' 2 ? 
primary 'Suh, S.W.'  3 ? 
# 
_cell.entry_id           1J2Y 
_cell.length_a           98.910 
_cell.length_b           98.910 
_cell.length_c           98.910 
_cell.angle_alpha        90.00 
_cell.angle_beta         90.00 
_cell.angle_gamma        90.00 
_cell.Z_PDB              24 
_cell.pdbx_unique_axis   ? 
# 
_symmetry.entry_id                         1J2Y 
_symmetry.space_group_name_H-M             'P 42 3 2' 
_symmetry.pdbx_full_space_group_name_H-M   ? 
_symmetry.cell_setting                     ? 
_symmetry.Int_Tables_number                208 
# 
loop_
_entity.id 
_entity.type 
_entity.src_method 
_entity.pdbx_description 
_entity.formula_weight 
_entity.pdbx_number_of_molecules 
_entity.pdbx_ec 
_entity.pdbx_mutation 
_entity.pdbx_fragment 
_entity.details 
1 polymer     man '3-dehydroquinate dehydratase'                      18499.246 1  4.2.1.10 ? ? ? 
2 non-polymer syn '1,3,4-TRIHYDROXY-5-OXO-CYCLOHEXANECARBOXYLIC ACID' 190.151   1  ?        ? ? ? 
3 water       nat water                                               18.015    19 ?        ? ? ? 
# 
_entity_name_com.entity_id   1 
_entity_name_com.name        'Type II 3-dehydroquinase' 
# 
_entity_poly.entity_id                      1 
_entity_poly.type                           'polypeptide(L)' 
_entity_poly.nstd_linkage                   no 
_entity_poly.nstd_monomer                   no 
_entity_poly.pdbx_seq_one_letter_code       
;MKILVIQGPNLNMLGHRDPRLYGMVTLDQIHEIMQTFVKQGNLDVELEFFQTNFEGEIIDKIQESVGSDYEGIIINPGAF
SHTSIAIADAIMLAGKPVIEVHLTNIQAREEFRKNSYTGAACGGVIMGFGPLGYNMALMAMVNILAEMKAFQEAQKNNPN
NPINNQK
;
_entity_poly.pdbx_seq_one_letter_code_can   
;MKILVIQGPNLNMLGHRDPRLYGMVTLDQIHEIMQTFVKQGNLDVELEFFQTNFEGEIIDKIQESVGSDYEGIIINPGAF
SHTSIAIADAIMLAGKPVIEVHLTNIQAREEFRKNSYTGAACGGVIMGFGPLGYNMALMAMVNILAEMKAFQEAQKNNPN
NPINNQK
;
_entity_poly.pdbx_strand_id                 A 
_entity_poly.pdbx_target_identifier         ? 
# 
loop_
_entity_poly_seq.entity_id 
_entity_poly_seq.num 
_entity_poly_seq.mon_id 
_entity_poly_seq.hetero 
1 1   MET n 
1 2   LYS n 
1 3   ILE n 
1 4   LEU n 
1 5   VAL n 
1 6   ILE n 
1 7   GLN n 
1 8   GLY n 
1 9   PRO n 
1 10  ASN n 
1 11  LEU n 
1 12  ASN n 
1 13  MET n 
1 14  LEU n 
1 15  GLY n 
1 16  HIS n 
1 17  ARG n 
1 18  ASP n 
1 19  PRO n 
1 20  ARG n 
1 21  LEU n 
1 22  TYR n 
1 23  GLY n 
1 24  MET n 
1 25  VAL n 
1 26  THR n 
1 27  LEU n 
1 28  ASP n 
1 29  GLN n 
1 30  ILE n 
1 31  HIS n 
1 32  GLU n 
1 33  ILE n 
1 34  MET n 
1 35  GLN n 
1 36  THR n 
1 37  PHE n 
1 38  VAL n 
1 39  LYS n 
1 40  GLN n 
1 41  GLY n 
1 42  ASN n 
1 43  LEU n 
1 44  ASP n 
1 45  VAL n 
1 46  GLU n 
1 47  LEU n 
1 48  GLU n 
1 49  PHE n 
1 50  PHE n 
1 51  GLN n 
1 52  THR n 
1 53  ASN n 
1 54  PHE n 
1 55  GLU n 
1 56  GLY n 
1 57  GLU n 
1 58  ILE n 
1 59  ILE n 
1 60  ASP n 
1 61  LYS n 
1 62  ILE n 
1 63  GLN n 
1 64  GLU n 
1 65  SER n 
1 66  VAL n 
1 67  GLY n 
1 68  SER n 
1 69  ASP n 
1 70  TYR n 
1 71  GLU n 
1 72  GLY n 
1 73  ILE n 
1 74  ILE n 
1 75  ILE n 
1 76  ASN n 
1 77  PRO n 
1 78  GLY n 
1 79  ALA n 
1 80  PHE n 
1 81  SER n 
1 82  HIS n 
1 83  THR n 
1 84  SER n 
1 85  ILE n 
1 86  ALA n 
1 87  ILE n 
1 88  ALA n 
1 89  ASP n 
1 90  ALA n 
1 91  ILE n 
1 92  MET n 
1 93  LEU n 
1 94  ALA n 
1 95  GLY n 
1 96  LYS n 
1 97  PRO n 
1 98  VAL n 
1 99  ILE n 
1 100 GLU n 
1 101 VAL n 
1 102 HIS n 
1 103 LEU n 
1 104 THR n 
1 105 ASN n 
1 106 ILE n 
1 107 GLN n 
1 108 ALA n 
1 109 ARG n 
1 110 GLU n 
1 111 GLU n 
1 112 PHE n 
1 113 ARG n 
1 114 LYS n 
1 115 ASN n 
1 116 SER n 
1 117 TYR n 
1 118 THR n 
1 119 GLY n 
1 120 ALA n 
1 121 ALA n 
1 122 CYS n 
1 123 GLY n 
1 124 GLY n 
1 125 VAL n 
1 126 ILE n 
1 127 MET n 
1 128 GLY n 
1 129 PHE n 
1 130 GLY n 
1 131 PRO n 
1 132 LEU n 
1 133 GLY n 
1 134 TYR n 
1 135 ASN n 
1 136 MET n 
1 137 ALA n 
1 138 LEU n 
1 139 MET n 
1 140 ALA n 
1 141 MET n 
1 142 VAL n 
1 143 ASN n 
1 144 ILE n 
1 145 LEU n 
1 146 ALA n 
1 147 GLU n 
1 148 MET n 
1 149 LYS n 
1 150 ALA n 
1 151 PHE n 
1 152 GLN n 
1 153 GLU n 
1 154 ALA n 
1 155 GLN n 
1 156 LYS n 
1 157 ASN n 
1 158 ASN n 
1 159 PRO n 
1 160 ASN n 
1 161 ASN n 
1 162 PRO n 
1 163 ILE n 
1 164 ASN n 
1 165 ASN n 
1 166 GLN n 
1 167 LYS n 
# 
_entity_src_gen.entity_id                          1 
_entity_src_gen.pdbx_src_id                        1 
_entity_src_gen.pdbx_alt_source_flag               sample 
_entity_src_gen.pdbx_seq_type                      ? 
_entity_src_gen.pdbx_beg_seq_num                   ? 
_entity_src_gen.pdbx_end_seq_num                   ? 
_entity_src_gen.gene_src_common_name               ? 
_entity_src_gen.gene_src_genus                     Helicobacter 
_entity_src_gen.pdbx_gene_src_gene                 aroQ 
_entity_src_gen.gene_src_species                   ? 
_entity_src_gen.gene_src_strain                    ? 
_entity_src_gen.gene_src_tissue                    ? 
_entity_src_gen.gene_src_tissue_fraction           ? 
_entity_src_gen.gene_src_details                   ? 
_entity_src_gen.pdbx_gene_src_fragment             ? 
_entity_src_gen.pdbx_gene_src_scientific_name      'Helicobacter pylori' 
_entity_src_gen.pdbx_gene_src_ncbi_taxonomy_id     210 
_entity_src_gen.pdbx_gene_src_variant              ? 
_entity_src_gen.pdbx_gene_src_cell_line            ? 
_entity_src_gen.pdbx_gene_src_atcc                 ? 
_entity_src_gen.pdbx_gene_src_organ                ? 
_entity_src_gen.pdbx_gene_src_organelle            ? 
_entity_src_gen.pdbx_gene_src_cell                 ? 
_entity_src_gen.pdbx_gene_src_cellular_location    ? 
_entity_src_gen.host_org_common_name               ? 
_entity_src_gen.pdbx_host_org_scientific_name      'Escherichia coli' 
_entity_src_gen.pdbx_host_org_ncbi_taxonomy_id     562 
_entity_src_gen.host_org_genus                     Escherichia 
_entity_src_gen.pdbx_host_org_gene                 ? 
_entity_src_gen.pdbx_host_org_organ                ? 
_entity_src_gen.host_org_species                   ? 
_entity_src_gen.pdbx_host_org_tissue               ? 
_entity_src_gen.pdbx_host_org_tissue_fraction      ? 
_entity_src_gen.pdbx_host_org_strain               'B834(DE3)' 
_entity_src_gen.pdbx_host_org_variant              ? 
_entity_src_gen.pdbx_host_org_cell_line            ? 
_entity_src_gen.pdbx_host_org_atcc                 ? 
_entity_src_gen.pdbx_host_org_culture_collection   ? 
_entity_src_gen.pdbx_host_org_cell                 ? 
_entity_src_gen.pdbx_host_org_organelle            ? 
_entity_src_gen.pdbx_host_org_cellular_location    ? 
_entity_src_gen.pdbx_host_org_vector_type          PLASMID 
_entity_src_gen.pdbx_host_org_vector               ? 
_entity_src_gen.host_org_details                   ? 
_entity_src_gen.expression_system_id               ? 
_entity_src_gen.plasmid_name                       pET21a 
_entity_src_gen.plasmid_details                    ? 
_entity_src_gen.pdbx_description                   ? 
# 
_struct_ref.id                         1 
_struct_ref.db_name                    UNP 
_struct_ref.db_code                    AROQ_HELPY 
_struct_ref.entity_id                  1 
_struct_ref.pdbx_seq_one_letter_code   
;MKILVIQGPNLNMLGHRDPRLYGMVTLDQIHEIMQTFVKQGNLDVELEFFQTNFEGEIIDKIQESVGSDYEGIIINPGAF
SHTSIAIADAIMLAGKPVIEVHLTNIQAREEFRKNSYTGAACGGVIMGFGPLGYNMALMAMVNILAEMKAFQEAQKNNPN
NPINNQK
;
_struct_ref.pdbx_align_begin           1 
_struct_ref.pdbx_db_accession          Q48255 
_struct_ref.pdbx_db_isoform            ? 
# 
_struct_ref_seq.align_id                      1 
_struct_ref_seq.ref_id                        1 
_struct_ref_seq.pdbx_PDB_id_code              1J2Y 
_struct_ref_seq.pdbx_strand_id                A 
_struct_ref_seq.seq_align_beg                 1 
_struct_ref_seq.pdbx_seq_align_beg_ins_code   ? 
_struct_ref_seq.seq_align_end                 167 
_struct_ref_seq.pdbx_seq_align_end_ins_code   ? 
_struct_ref_seq.pdbx_db_accession             Q48255 
_struct_ref_seq.db_align_beg                  1 
_struct_ref_seq.pdbx_db_align_beg_ins_code    ? 
_struct_ref_seq.db_align_end                  167 
_struct_ref_seq.pdbx_db_align_end_ins_code    ? 
_struct_ref_seq.pdbx_auth_seq_align_beg       1 
_struct_ref_seq.pdbx_auth_seq_align_end       167 
# 
loop_
_chem_comp.id 
_chem_comp.type 
_chem_comp.mon_nstd_flag 
_chem_comp.name 
_chem_comp.pdbx_synonyms 
_chem_comp.formula 
_chem_comp.formula_weight 
ALA 'L-peptide linking' y ALANINE                                             ?                      'C3 H7 N O2'     89.093  
ARG 'L-peptide linking' y ARGININE                                            ?                      'C6 H15 N4 O2 1' 175.209 
ASN 'L-peptide linking' y ASPARAGINE                                          ?                      'C4 H8 N2 O3'    132.118 
ASP 'L-peptide linking' y 'ASPARTIC ACID'                                     ?                      'C4 H7 N O4'     133.103 
CYS 'L-peptide linking' y CYSTEINE                                            ?                      'C3 H7 N O2 S'   121.158 
DQA non-polymer         . '1,3,4-TRIHYDROXY-5-OXO-CYCLOHEXANECARBOXYLIC ACID' '3-DEHYDROQUINIC ACID' 'C7 H10 O6'      190.151 
GLN 'L-peptide linking' y GLUTAMINE                                           ?                      'C5 H10 N2 O3'   146.144 
GLU 'L-peptide linking' y 'GLUTAMIC ACID'                                     ?                      'C5 H9 N O4'     147.129 
GLY 'peptide linking'   y GLYCINE                                             ?                      'C2 H5 N O2'     75.067  
HIS 'L-peptide linking' y HISTIDINE                                           ?                      'C6 H10 N3 O2 1' 156.162 
HOH non-polymer         . WATER                                               ?                      'H2 O'           18.015  
ILE 'L-peptide linking' y ISOLEUCINE                                          ?                      'C6 H13 N O2'    131.173 
LEU 'L-peptide linking' y LEUCINE                                             ?                      'C6 H13 N O2'    131.173 
LYS 'L-peptide linking' y LYSINE                                              ?                      'C6 H15 N2 O2 1' 147.195 
MET 'L-peptide linking' y METHIONINE                                          ?                      'C5 H11 N O2 S'  149.211 
PHE 'L-peptide linking' y PHENYLALANINE                                       ?                      'C9 H11 N O2'    165.189 
PRO 'L-peptide linking' y PROLINE                                             ?                      'C5 H9 N O2'     115.130 
SER 'L-peptide linking' y SERINE                                              ?                      'C3 H7 N O3'     105.093 
THR 'L-peptide linking' y THREONINE                                           ?                      'C4 H9 N O3'     119.119 
TYR 'L-peptide linking' y TYROSINE                                            ?                      'C9 H11 N O3'    181.189 
VAL 'L-peptide linking' y VALINE                                              ?                      'C5 H11 N O2'    117.146 
# 
_exptl.entry_id          1J2Y 
_exptl.method            'X-RAY DIFFRACTION' 
_exptl.crystals_number   1 
# 
_exptl_crystal.id                    1 
_exptl_crystal.density_meas          ? 
_exptl_crystal.density_Matthews      2.30 
_exptl_crystal.density_percent_sol   46.07 
_exptl_crystal.description           ? 
# 
_exptl_crystal_grow.crystal_id      1 
_exptl_crystal_grow.method          'VAPOR DIFFUSION, HANGING DROP' 
_exptl_crystal_grow.temp            295 
_exptl_crystal_grow.temp_details    ? 
_exptl_crystal_grow.pH              5.8 
_exptl_crystal_grow.pdbx_details    
'PEG 4000, sodium cholride, sodium citrate, EDTA, 2-mercaptoethanol, pH 5.8, VAPOR DIFFUSION, HANGING DROP, temperature 295K' 
_exptl_crystal_grow.pdbx_pH_range   . 
# 
_diffrn.id                     1 
_diffrn.ambient_temp           100 
_diffrn.ambient_temp_details   ? 
_diffrn.crystal_id             1 
# 
_diffrn_detector.diffrn_id              1 
_diffrn_detector.detector               CCD 
_diffrn_detector.type                   'ADSC QUANTUM 4' 
_diffrn_detector.pdbx_collection_date   ? 
_diffrn_detector.details                ? 
# 
_diffrn_radiation.diffrn_id                        1 
_diffrn_radiation.wavelength_id                    1 
_diffrn_radiation.pdbx_monochromatic_or_laue_m_l   M 
_diffrn_radiation.monochromator                    ? 
_diffrn_radiation.pdbx_diffrn_protocol             'SINGLE WAVELENGTH' 
_diffrn_radiation.pdbx_scattering_type             x-ray 
# 
_diffrn_radiation_wavelength.id           1 
_diffrn_radiation_wavelength.wavelength   1.00000 
_diffrn_radiation_wavelength.wt           1.0 
# 
_diffrn_source.diffrn_id                   1 
_diffrn_source.source                      SYNCHROTRON 
_diffrn_source.type                        'PHOTON FACTORY BEAMLINE BL-6A' 
_diffrn_source.pdbx_synchrotron_site       'Photon Factory' 
_diffrn_source.pdbx_synchrotron_beamline   BL-6A 
_diffrn_source.pdbx_wavelength             ? 
_diffrn_source.pdbx_wavelength_list        1.00000 
# 
_reflns.entry_id                     1J2Y 
_reflns.observed_criterion_sigma_I   0 
_reflns.observed_criterion_sigma_F   0 
_reflns.d_resolution_low             44 
_reflns.d_resolution_high            2.5 
_reflns.number_obs                   6146 
_reflns.number_all                   6146 
_reflns.percent_possible_obs         100 
_reflns.pdbx_Rmerge_I_obs            ? 
_reflns.pdbx_Rsym_value              0.086 
_reflns.pdbx_netI_over_sigmaI        ? 
_reflns.B_iso_Wilson_estimate        53.5 
_reflns.pdbx_redundancy              38 
_reflns.R_free_details               ? 
_reflns.limit_h_max                  ? 
_reflns.limit_h_min                  ? 
_reflns.limit_k_max                  ? 
_reflns.limit_k_min                  ? 
_reflns.limit_l_max                  ? 
_reflns.limit_l_min                  ? 
_reflns.observed_criterion_F_max     ? 
_reflns.observed_criterion_F_min     ? 
_reflns.pdbx_ordinal                 1 
_reflns.pdbx_diffrn_id               1 
# 
_reflns_shell.d_res_high             2.5 
_reflns_shell.d_res_low              2.64 
_reflns_shell.percent_possible_all   100 
_reflns_shell.Rmerge_I_obs           ? 
_reflns_shell.pdbx_Rsym_value        0.484 
_reflns_shell.meanI_over_sigI_obs    ? 
_reflns_shell.pdbx_redundancy        ? 
_reflns_shell.percent_possible_obs   ? 
_reflns_shell.number_unique_all      ? 
_reflns_shell.pdbx_ordinal           1 
_reflns_shell.pdbx_diffrn_id         1 
# 
_refine.entry_id                                 1J2Y 
_refine.ls_number_reflns_obs                     5133 
_refine.ls_number_reflns_all                     5469 
_refine.pdbx_ls_sigma_I                          ? 
_refine.pdbx_ls_sigma_F                          2.0 
_refine.pdbx_data_cutoff_high_absF               160671.11 
_refine.pdbx_data_cutoff_low_absF                0.000000 
_refine.ls_d_res_low                             19.78 
_refine.ls_d_res_high                            2.60 
_refine.ls_percent_reflns_obs                    93.8 
_refine.ls_R_factor_obs                          0.218 
_refine.ls_R_factor_all                          ? 
_refine.ls_R_factor_R_work                       0.218 
_refine.ls_R_factor_R_free                       0.272 
_refine.ls_R_factor_R_free_error                 0.012 
_refine.ls_R_factor_R_free_error_details         ? 
_refine.ls_percent_reflns_R_free                 10.9 
_refine.ls_number_reflns_R_free                  558 
_refine.ls_number_parameters                     ? 
_refine.ls_number_restraints                     ? 
_refine.occupancy_min                            ? 
_refine.occupancy_max                            ? 
_refine.correlation_coeff_Fo_to_Fc               ? 
_refine.correlation_coeff_Fo_to_Fc_free          ? 
_refine.B_iso_mean                               52.2 
_refine.aniso_B[1][1]                            0.00 
_refine.aniso_B[2][2]                            0.00 
_refine.aniso_B[3][3]                            0.00 
_refine.aniso_B[1][2]                            0.00 
_refine.aniso_B[1][3]                            0.00 
_refine.aniso_B[2][3]                            0.00 
_refine.solvent_model_details                    'FLAT MODEL' 
_refine.solvent_model_param_ksol                 0.311869 
_refine.solvent_model_param_bsol                 46.0261 
_refine.pdbx_solvent_vdw_probe_radii             ? 
_refine.pdbx_solvent_ion_probe_radii             ? 
_refine.pdbx_solvent_shrinkage_radii             ? 
_refine.pdbx_ls_cross_valid_method               THROUGHOUT 
_refine.details                                  ? 
_refine.pdbx_starting_model                      'PDB ENTRY 2DHQ' 
_refine.pdbx_method_to_determine_struct          'MOLECULAR REPLACEMENT' 
_refine.pdbx_isotropic_thermal_model             RESTRAINED 
_refine.pdbx_stereochemistry_target_values       ? 
_refine.pdbx_stereochem_target_val_spec_case     ? 
_refine.pdbx_R_Free_selection_details            RANDOM 
_refine.pdbx_overall_ESU_R_Free                  ? 
_refine.overall_SU_B                             ? 
_refine.ls_redundancy_reflns_obs                 ? 
_refine.B_iso_min                                ? 
_refine.B_iso_max                                ? 
_refine.overall_SU_R_Cruickshank_DPI             ? 
_refine.overall_SU_R_free                        ? 
_refine.overall_SU_ML                            ? 
_refine.pdbx_overall_ESU_R                       ? 
_refine.pdbx_data_cutoff_high_rms_absF           ? 
_refine.pdbx_refine_id                           'X-RAY DIFFRACTION' 
_refine.pdbx_diffrn_id                           1 
_refine.pdbx_TLS_residual_ADP_flag               ? 
_refine.pdbx_overall_phase_error                 ? 
_refine.pdbx_overall_SU_R_free_Cruickshank_DPI   ? 
_refine.pdbx_overall_SU_R_Blow_DPI               ? 
_refine.pdbx_overall_SU_R_free_Blow_DPI          ? 
# 
_refine_analyze.entry_id                        1J2Y 
_refine_analyze.Luzzati_coordinate_error_obs    0.34 
_refine_analyze.Luzzati_sigma_a_obs             0.34 
_refine_analyze.Luzzati_d_res_low_obs           5.00 
_refine_analyze.Luzzati_coordinate_error_free   0.45 
_refine_analyze.Luzzati_sigma_a_free            0.49 
_refine_analyze.Luzzati_d_res_low_free          ? 
_refine_analyze.number_disordered_residues      ? 
_refine_analyze.occupancy_sum_hydrogen          ? 
_refine_analyze.occupancy_sum_non_hydrogen      ? 
_refine_analyze.pdbx_Luzzati_d_res_high_obs     ? 
_refine_analyze.pdbx_refine_id                  'X-RAY DIFFRACTION' 
# 
_refine_hist.pdbx_refine_id                   'X-RAY DIFFRACTION' 
_refine_hist.cycle_id                         LAST 
_refine_hist.pdbx_number_atoms_protein        1221 
_refine_hist.pdbx_number_atoms_nucleic_acid   0 
_refine_hist.pdbx_number_atoms_ligand         13 
_refine_hist.number_atoms_solvent             19 
_refine_hist.number_atoms_total               1253 
_refine_hist.d_res_high                       2.60 
_refine_hist.d_res_low                        19.78 
# 
loop_
_refine_ls_restr.type 
_refine_ls_restr.dev_ideal 
_refine_ls_restr.dev_ideal_target 
_refine_ls_restr.weight 
_refine_ls_restr.number 
_refine_ls_restr.pdbx_refine_id 
_refine_ls_restr.pdbx_restraint_function 
c_bond_d                0.009 ?    ? ? 'X-RAY DIFFRACTION' ? 
c_bond_d_na             ?     ?    ? ? 'X-RAY DIFFRACTION' ? 
c_bond_d_prot           ?     ?    ? ? 'X-RAY DIFFRACTION' ? 
c_angle_d               ?     ?    ? ? 'X-RAY DIFFRACTION' ? 
c_angle_d_na            ?     ?    ? ? 'X-RAY DIFFRACTION' ? 
c_angle_d_prot          ?     ?    ? ? 'X-RAY DIFFRACTION' ? 
c_angle_deg             1.4   ?    ? ? 'X-RAY DIFFRACTION' ? 
c_angle_deg_na          ?     ?    ? ? 'X-RAY DIFFRACTION' ? 
c_angle_deg_prot        ?     ?    ? ? 'X-RAY DIFFRACTION' ? 
c_dihedral_angle_d      23.7  ?    ? ? 'X-RAY DIFFRACTION' ? 
c_dihedral_angle_d_na   ?     ?    ? ? 'X-RAY DIFFRACTION' ? 
c_dihedral_angle_d_prot ?     ?    ? ? 'X-RAY DIFFRACTION' ? 
c_improper_angle_d      0.85  ?    ? ? 'X-RAY DIFFRACTION' ? 
c_improper_angle_d_na   ?     ?    ? ? 'X-RAY DIFFRACTION' ? 
c_improper_angle_d_prot ?     ?    ? ? 'X-RAY DIFFRACTION' ? 
c_mcbond_it             4.51  1.50 ? ? 'X-RAY DIFFRACTION' ? 
c_mcangle_it            6.53  2.00 ? ? 'X-RAY DIFFRACTION' ? 
c_scbond_it             7.11  2.00 ? ? 'X-RAY DIFFRACTION' ? 
c_scangle_it            8.60  2.50 ? ? 'X-RAY DIFFRACTION' ? 
# 
_refine_ls_shell.pdbx_total_number_of_bins_used   6 
_refine_ls_shell.d_res_high                       2.60 
_refine_ls_shell.d_res_low                        2.76 
_refine_ls_shell.number_reflns_R_work             642 
_refine_ls_shell.R_factor_R_work                  0.338 
_refine_ls_shell.percent_reflns_obs               81.8 
_refine_ls_shell.R_factor_R_free                  0.397 
_refine_ls_shell.R_factor_R_free_error            0.045 
_refine_ls_shell.percent_reflns_R_free            10.7 
_refine_ls_shell.number_reflns_R_free             77 
_refine_ls_shell.number_reflns_obs                ? 
_refine_ls_shell.redundancy_reflns_obs            ? 
_refine_ls_shell.number_reflns_all                ? 
_refine_ls_shell.pdbx_refine_id                   'X-RAY DIFFRACTION' 
_refine_ls_shell.R_factor_all                     ? 
# 
loop_
_pdbx_xplor_file.serial_no 
_pdbx_xplor_file.param_file 
_pdbx_xplor_file.topol_file 
_pdbx_xplor_file.pdbx_refine_id 
1 PROTEIN_REP.PARAM PROTEIN.TOP 'X-RAY DIFFRACTION' 
2 WATER_REP.PARAM   WATER.TOP   'X-RAY DIFFRACTION' 
3 DHQ.PARAM         DHQ.TOP     'X-RAY DIFFRACTION' 
# 
_struct.entry_id                  1J2Y 
_struct.title                     'Crystal structure of the type II 3-dehydroquinase' 
_struct.pdbx_model_details        ? 
_struct.pdbx_CASP_flag            ? 
_struct.pdbx_model_type_details   ? 
# 
_struct_keywords.entry_id        1J2Y 
_struct_keywords.pdbx_keywords   LYASE 
_struct_keywords.text            'Lyase, 3-dehydroquinase' 
# 
loop_
_struct_asym.id 
_struct_asym.pdbx_blank_PDB_chainid_flag 
_struct_asym.pdbx_modified 
_struct_asym.entity_id 
_struct_asym.details 
A N N 1 ? 
B N N 2 ? 
C N N 3 ? 
# 
_struct_biol.id                    1 
_struct_biol.details               
;The biological assembly is dodecamer generated from the monomer in the asymmetric unit by the operations: 
z, x-1, y+1 and 
y+1,z-1,x and 
-x+2, y, -z+2 and 
-y+1, z-1, -x+2 and 
-z+2,x-1,-y+1 and 
-z+2, -x+1, y+1 and 
-y+1,-z+1,x and 
-x+2,-y,z and 
y+1, -z+1, -x+2 and 
x, -y, -z+2 and 
z,-x+1, -y+1 and
;
_struct_biol.pdbx_parent_biol_id   ? 
# 
loop_
_struct_conf.conf_type_id 
_struct_conf.id 
_struct_conf.pdbx_PDB_helix_id 
_struct_conf.beg_label_comp_id 
_struct_conf.beg_label_asym_id 
_struct_conf.beg_label_seq_id 
_struct_conf.pdbx_beg_PDB_ins_code 
_struct_conf.end_label_comp_id 
_struct_conf.end_label_asym_id 
_struct_conf.end_label_seq_id 
_struct_conf.pdbx_end_PDB_ins_code 
_struct_conf.beg_auth_comp_id 
_struct_conf.beg_auth_asym_id 
_struct_conf.beg_auth_seq_id 
_struct_conf.end_auth_comp_id 
_struct_conf.end_auth_asym_id 
_struct_conf.end_auth_seq_id 
_struct_conf.pdbx_PDB_helix_class 
_struct_conf.details 
_struct_conf.pdbx_PDB_helix_length 
HELX_P HELX_P1 1 PRO A 9   ? LEU A 14  ? PRO A 9   LEU A 14  5 ? 6  
HELX_P HELX_P2 2 ASP A 28  ? GLY A 41  ? ASP A 28  GLY A 41  1 ? 14 
HELX_P HELX_P3 3 PHE A 54  ? SER A 65  ? PHE A 54  SER A 65  1 ? 12 
HELX_P HELX_P4 4 PRO A 77  ? THR A 83  ? PRO A 77  THR A 83  5 ? 7  
HELX_P HELX_P5 5 SER A 84  ? ALA A 94  ? SER A 84  ALA A 94  1 ? 11 
HELX_P HELX_P6 6 ASN A 105 ? ARG A 109 ? ASN A 105 ARG A 109 5 ? 5  
HELX_P HELX_P7 7 GLU A 110 ? LYS A 114 ? GLU A 110 LYS A 114 5 ? 5  
HELX_P HELX_P8 8 PRO A 131 ? GLU A 153 ? PRO A 131 GLU A 153 1 ? 23 
# 
_struct_conf_type.id          HELX_P 
_struct_conf_type.criteria    ? 
_struct_conf_type.reference   ? 
# 
_struct_sheet.id               A 
_struct_sheet.type             ? 
_struct_sheet.number_strands   5 
_struct_sheet.details          ? 
# 
loop_
_struct_sheet_order.sheet_id 
_struct_sheet_order.range_id_1 
_struct_sheet_order.range_id_2 
_struct_sheet_order.offset 
_struct_sheet_order.sense 
A 1 2 ? parallel 
A 2 3 ? parallel 
A 3 4 ? parallel 
A 4 5 ? parallel 
# 
loop_
_struct_sheet_range.sheet_id 
_struct_sheet_range.id 
_struct_sheet_range.beg_label_comp_id 
_struct_sheet_range.beg_label_asym_id 
_struct_sheet_range.beg_label_seq_id 
_struct_sheet_range.pdbx_beg_PDB_ins_code 
_struct_sheet_range.end_label_comp_id 
_struct_sheet_range.end_label_asym_id 
_struct_sheet_range.end_label_seq_id 
_struct_sheet_range.pdbx_end_PDB_ins_code 
_struct_sheet_range.beg_auth_comp_id 
_struct_sheet_range.beg_auth_asym_id 
_struct_sheet_range.beg_auth_seq_id 
_struct_sheet_range.end_auth_comp_id 
_struct_sheet_range.end_auth_asym_id 
_struct_sheet_range.end_auth_seq_id 
A 1 GLU A 46  ? GLN A 51  ? GLU A 46  GLN A 51  
A 2 LYS A 2   ? GLN A 7   ? LYS A 2   GLN A 7   
A 3 TYR A 70  ? ASN A 76  ? TYR A 70  ASN A 76  
A 4 VAL A 98  ? HIS A 102 ? VAL A 98  HIS A 102 
A 5 GLY A 124 ? MET A 127 ? GLY A 124 MET A 127 
# 
loop_
_pdbx_struct_sheet_hbond.sheet_id 
_pdbx_struct_sheet_hbond.range_id_1 
_pdbx_struct_sheet_hbond.range_id_2 
_pdbx_struct_sheet_hbond.range_1_label_atom_id 
_pdbx_struct_sheet_hbond.range_1_label_comp_id 
_pdbx_struct_sheet_hbond.range_1_label_asym_id 
_pdbx_struct_sheet_hbond.range_1_label_seq_id 
_pdbx_struct_sheet_hbond.range_1_PDB_ins_code 
_pdbx_struct_sheet_hbond.range_1_auth_atom_id 
_pdbx_struct_sheet_hbond.range_1_auth_comp_id 
_pdbx_struct_sheet_hbond.range_1_auth_asym_id 
_pdbx_struct_sheet_hbond.range_1_auth_seq_id 
_pdbx_struct_sheet_hbond.range_2_label_atom_id 
_pdbx_struct_sheet_hbond.range_2_label_comp_id 
_pdbx_struct_sheet_hbond.range_2_label_asym_id 
_pdbx_struct_sheet_hbond.range_2_label_seq_id 
_pdbx_struct_sheet_hbond.range_2_PDB_ins_code 
_pdbx_struct_sheet_hbond.range_2_auth_atom_id 
_pdbx_struct_sheet_hbond.range_2_auth_comp_id 
_pdbx_struct_sheet_hbond.range_2_auth_asym_id 
_pdbx_struct_sheet_hbond.range_2_auth_seq_id 
A 1 2 O PHE A 50  ? O PHE A 50  N GLN A 7   ? N GLN A 7   
A 2 3 N LYS A 2   ? N LYS A 2   O GLU A 71  ? O GLU A 71  
A 3 4 N ILE A 75  ? N ILE A 75  O VAL A 101 ? O VAL A 101 
A 4 5 N GLU A 100 ? N GLU A 100 O ILE A 126 ? O ILE A 126 
# 
_struct_site.id                   AC1 
_struct_site.pdbx_evidence_code   Software 
_struct_site.pdbx_auth_asym_id    A 
_struct_site.pdbx_auth_comp_id    DQA 
_struct_site.pdbx_auth_seq_id     219 
_struct_site.pdbx_auth_ins_code   ? 
_struct_site.pdbx_num_residues    11 
_struct_site.details              'BINDING SITE FOR RESIDUE DQA A 219' 
# 
loop_
_struct_site_gen.id 
_struct_site_gen.site_id 
_struct_site_gen.pdbx_num_res 
_struct_site_gen.label_comp_id 
_struct_site_gen.label_asym_id 
_struct_site_gen.label_seq_id 
_struct_site_gen.pdbx_auth_ins_code 
_struct_site_gen.auth_comp_id 
_struct_site_gen.auth_asym_id 
_struct_site_gen.auth_seq_id 
_struct_site_gen.label_atom_id 
_struct_site_gen.label_alt_id 
_struct_site_gen.symmetry 
_struct_site_gen.details 
1  AC1 11 ARG A 17  ? ARG A 17  . ? 1_555 ? 
2  AC1 11 TYR A 22  ? TYR A 22  . ? 1_555 ? 
3  AC1 11 ASN A 76  ? ASN A 76  . ? 1_555 ? 
4  AC1 11 GLY A 78  ? GLY A 78  . ? 1_555 ? 
5  AC1 11 HIS A 82  ? HIS A 82  . ? 1_555 ? 
6  AC1 11 ASP A 89  ? ASP A 89  . ? 5_546 ? 
7  AC1 11 HIS A 102 ? HIS A 102 . ? 1_555 ? 
8  AC1 11 LEU A 103 ? LEU A 103 . ? 1_555 ? 
9  AC1 11 THR A 104 ? THR A 104 . ? 1_555 ? 
10 AC1 11 ILE A 106 ? ILE A 106 . ? 1_555 ? 
11 AC1 11 ARG A 113 ? ARG A 113 . ? 1_555 ? 
# 
_atom_sites.entry_id                    1J2Y 
_atom_sites.fract_transf_matrix[1][1]   -0.00789076 
_atom_sites.fract_transf_matrix[1][2]   -0.00282083 
_atom_sites.fract_transf_matrix[1][3]   0.00565604 
_atom_sites.fract_transf_matrix[2][1]   -0.00509610 
_atom_sites.fract_transf_matrix[2][2]   -0.00251217 
_atom_sites.fract_transf_matrix[2][3]   -0.00836247 
_atom_sites.fract_transf_matrix[3][1]   0.00373868 
_atom_sites.fract_transf_matrix[3][2]   -0.00937785 
_atom_sites.fract_transf_matrix[3][3]   0.00053884 
_atom_sites.fract_transf_vector[1]      0.908728 
_atom_sites.fract_transf_vector[2]      -0.318152 
_atom_sites.fract_transf_vector[3]      0.933745 
# 
loop_
_atom_type.symbol 
C 
N 
O 
S 
# 
loop_
_atom_site.group_PDB 
_atom_site.id 
_atom_site.type_symbol 
_atom_site.label_atom_id 
_atom_site.label_alt_id 
_atom_site.label_comp_id 
_atom_site.label_asym_id 
_atom_site.label_entity_id 
_atom_site.label_seq_id 
_atom_site.pdbx_PDB_ins_code 
_atom_site.Cartn_x 
_atom_site.Cartn_y 
_atom_site.Cartn_z 
_atom_site.occupancy 
_atom_site.B_iso_or_equiv 
_atom_site.pdbx_formal_charge 
_atom_site.auth_seq_id 
_atom_site.auth_comp_id 
_atom_site.auth_asym_id 
_atom_site.auth_atom_id 
_atom_site.pdbx_PDB_model_num 
ATOM   1    N N   . MET A 1 1   ? 15.220  4.200   5.564   1.00 78.19  ? 1   MET A N   1 
ATOM   2    C CA  . MET A 1 1   ? 14.277  3.105   5.193   1.00 78.46  ? 1   MET A CA  1 
ATOM   3    C C   . MET A 1 1   ? 12.919  3.684   4.807   1.00 76.86  ? 1   MET A C   1 
ATOM   4    O O   . MET A 1 1   ? 11.943  3.563   5.549   1.00 74.54  ? 1   MET A O   1 
ATOM   5    C CB  . MET A 1 1   ? 14.119  2.131   6.364   1.00 80.76  ? 1   MET A CB  1 
ATOM   6    C CG  . MET A 1 1   ? 13.312  0.887   6.041   1.00 79.05  ? 1   MET A CG  1 
ATOM   7    S SD  . MET A 1 1   ? 13.337  -0.300  7.392   1.00 89.07  ? 1   MET A SD  1 
ATOM   8    C CE  . MET A 1 1   ? 14.417  -1.590  6.722   1.00 81.10  ? 1   MET A CE  1 
ATOM   9    N N   . LYS A 1 2   ? 12.870  4.319   3.641   1.00 77.40  ? 2   LYS A N   1 
ATOM   10   C CA  . LYS A 1 2   ? 11.638  4.926   3.154   1.00 75.16  ? 2   LYS A CA  1 
ATOM   11   C C   . LYS A 1 2   ? 10.612  3.915   2.652   1.00 71.03  ? 2   LYS A C   1 
ATOM   12   O O   . LYS A 1 2   ? 10.911  3.058   1.813   1.00 57.44  ? 2   LYS A O   1 
ATOM   13   C CB  . LYS A 1 2   ? 11.926  5.933   2.028   1.00 81.45  ? 2   LYS A CB  1 
ATOM   14   C CG  . LYS A 1 2   ? 12.122  7.385   2.472   1.00 83.35  ? 2   LYS A CG  1 
ATOM   15   C CD  . LYS A 1 2   ? 13.506  7.642   3.052   1.00 85.69  ? 2   LYS A CD  1 
ATOM   16   C CE  . LYS A 1 2   ? 13.677  9.110   3.433   1.00 89.62  ? 2   LYS A CE  1 
ATOM   17   N NZ  . LYS A 1 2   ? 15.068  9.420   3.876   1.00 87.61  ? 2   LYS A NZ  1 
ATOM   18   N N   . ILE A 1 3   ? 9.400   4.029   3.190   1.00 63.56  ? 3   ILE A N   1 
ATOM   19   C CA  . ILE A 1 3   ? 8.283   3.184   2.806   1.00 56.20  ? 3   ILE A CA  1 
ATOM   20   C C   . ILE A 1 3   ? 7.313   4.093   2.072   1.00 56.00  ? 3   ILE A C   1 
ATOM   21   O O   . ILE A 1 3   ? 6.740   5.006   2.664   1.00 55.06  ? 3   ILE A O   1 
ATOM   22   C CB  . ILE A 1 3   ? 7.564   2.597   4.022   1.00 52.29  ? 3   ILE A CB  1 
ATOM   23   C CG1 . ILE A 1 3   ? 8.501   1.648   4.776   1.00 42.95  ? 3   ILE A CG1 1 
ATOM   24   C CG2 . ILE A 1 3   ? 6.271   1.919   3.574   1.00 44.36  ? 3   ILE A CG2 1 
ATOM   25   C CD1 . ILE A 1 3   ? 9.002   0.493   3.968   1.00 45.48  ? 3   ILE A CD1 1 
ATOM   26   N N   . LEU A 1 4   ? 7.139   3.849   0.779   1.00 53.63  ? 4   LEU A N   1 
ATOM   27   C CA  . LEU A 1 4   ? 6.245   4.669   -0.020  1.00 49.56  ? 4   LEU A CA  1 
ATOM   28   C C   . LEU A 1 4   ? 4.814   4.217   0.220   1.00 47.44  ? 4   LEU A C   1 
ATOM   29   O O   . LEU A 1 4   ? 4.516   3.023   0.187   1.00 47.50  ? 4   LEU A O   1 
ATOM   30   C CB  . LEU A 1 4   ? 6.592   4.531   -1.501  1.00 47.66  ? 4   LEU A CB  1 
ATOM   31   C CG  . LEU A 1 4   ? 6.444   5.785   -2.357  1.00 43.49  ? 4   LEU A CG  1 
ATOM   32   C CD1 . LEU A 1 4   ? 6.675   5.409   -3.810  1.00 38.27  ? 4   LEU A CD1 1 
ATOM   33   C CD2 . LEU A 1 4   ? 5.072   6.398   -2.163  1.00 45.84  ? 4   LEU A CD2 1 
ATOM   34   N N   . VAL A 1 5   ? 3.936   5.176   0.472   1.00 43.10  ? 5   VAL A N   1 
ATOM   35   C CA  . VAL A 1 5   ? 2.535   4.885   0.712   1.00 42.42  ? 5   VAL A CA  1 
ATOM   36   C C   . VAL A 1 5   ? 1.731   5.554   -0.396  1.00 48.72  ? 5   VAL A C   1 
ATOM   37   O O   . VAL A 1 5   ? 1.588   6.777   -0.424  1.00 52.69  ? 5   VAL A O   1 
ATOM   38   C CB  . VAL A 1 5   ? 2.111   5.416   2.082   1.00 40.27  ? 5   VAL A CB  1 
ATOM   39   C CG1 . VAL A 1 5   ? 0.643   5.154   2.319   1.00 43.77  ? 5   VAL A CG1 1 
ATOM   40   C CG2 . VAL A 1 5   ? 2.943   4.748   3.155   1.00 38.74  ? 5   VAL A CG2 1 
ATOM   41   N N   . ILE A 1 6   ? 1.215   4.742   -1.316  1.00 47.57  ? 6   ILE A N   1 
ATOM   42   C CA  . ILE A 1 6   ? 0.457   5.253   -2.452  1.00 44.78  ? 6   ILE A CA  1 
ATOM   43   C C   . ILE A 1 6   ? -1.041  5.007   -2.379  1.00 43.53  ? 6   ILE A C   1 
ATOM   44   O O   . ILE A 1 6   ? -1.493  3.865   -2.320  1.00 41.59  ? 6   ILE A O   1 
ATOM   45   C CB  . ILE A 1 6   ? 0.981   4.655   -3.756  1.00 34.28  ? 6   ILE A CB  1 
ATOM   46   C CG1 . ILE A 1 6   ? 2.475   4.960   -3.887  1.00 31.93  ? 6   ILE A CG1 1 
ATOM   47   C CG2 . ILE A 1 6   ? 0.211   5.225   -4.916  1.00 35.15  ? 6   ILE A CG2 1 
ATOM   48   C CD1 . ILE A 1 6   ? 3.150   4.283   -5.043  1.00 23.29  ? 6   ILE A CD1 1 
ATOM   49   N N   . GLN A 1 7   ? -1.797  6.100   -2.397  1.00 44.58  ? 7   GLN A N   1 
ATOM   50   C CA  . GLN A 1 7   ? -3.250  6.051   -2.335  1.00 44.26  ? 7   GLN A CA  1 
ATOM   51   C C   . GLN A 1 7   ? -3.829  6.307   -3.716  1.00 46.42  ? 7   GLN A C   1 
ATOM   52   O O   . GLN A 1 7   ? -3.455  7.274   -4.386  1.00 47.20  ? 7   GLN A O   1 
ATOM   53   C CB  . GLN A 1 7   ? -3.779  7.111   -1.368  1.00 43.31  ? 7   GLN A CB  1 
ATOM   54   C CG  . GLN A 1 7   ? -3.104  7.125   -0.003  1.00 49.11  ? 7   GLN A CG  1 
ATOM   55   C CD  . GLN A 1 7   ? -3.403  5.902   0.843   1.00 42.09  ? 7   GLN A CD  1 
ATOM   56   O OE1 . GLN A 1 7   ? -2.954  5.808   1.974   1.00 51.74  ? 7   GLN A OE1 1 
ATOM   57   N NE2 . GLN A 1 7   ? -4.159  4.963   0.300   1.00 50.69  ? 7   GLN A NE2 1 
ATOM   58   N N   . GLY A 1 8   ? -4.746  5.439   -4.132  1.00 38.78  ? 8   GLY A N   1 
ATOM   59   C CA  . GLY A 1 8   ? -5.370  5.581   -5.436  1.00 33.65  ? 8   GLY A CA  1 
ATOM   60   C C   . GLY A 1 8   ? -6.389  6.708   -5.476  1.00 36.79  ? 8   GLY A C   1 
ATOM   61   O O   . GLY A 1 8   ? -6.493  7.476   -4.524  1.00 32.23  ? 8   GLY A O   1 
ATOM   62   N N   . PRO A 1 9   ? -7.174  6.810   -6.559  1.00 30.33  ? 9   PRO A N   1 
ATOM   63   C CA  . PRO A 1 9   ? -8.201  7.817   -6.796  1.00 32.46  ? 9   PRO A CA  1 
ATOM   64   C C   . PRO A 1 9   ? -8.870  8.515   -5.626  1.00 36.91  ? 9   PRO A C   1 
ATOM   65   O O   . PRO A 1 9   ? -8.207  9.043   -4.748  1.00 56.70  ? 9   PRO A O   1 
ATOM   66   C CB  . PRO A 1 9   ? -9.181  7.079   -7.694  1.00 29.51  ? 9   PRO A CB  1 
ATOM   67   C CG  . PRO A 1 9   ? -8.269  6.379   -8.585  1.00 28.30  ? 9   PRO A CG  1 
ATOM   68   C CD  . PRO A 1 9   ? -7.207  5.813   -7.640  1.00 33.13  ? 9   PRO A CD  1 
ATOM   69   N N   . ASN A 1 10  ? -10.194 8.531   -5.643  1.00 37.23  ? 10  ASN A N   1 
ATOM   70   C CA  . ASN A 1 10  ? -11.015 9.212   -4.649  1.00 35.02  ? 10  ASN A CA  1 
ATOM   71   C C   . ASN A 1 10  ? -10.729 8.980   -3.163  1.00 35.02  ? 10  ASN A C   1 
ATOM   72   O O   . ASN A 1 10  ? -11.576 9.254   -2.317  1.00 36.24  ? 10  ASN A O   1 
ATOM   73   C CB  . ASN A 1 10  ? -12.476 8.891   -4.943  1.00 32.05  ? 10  ASN A CB  1 
ATOM   74   C CG  . ASN A 1 10  ? -12.821 9.074   -6.408  1.00 41.15  ? 10  ASN A CG  1 
ATOM   75   O OD1 . ASN A 1 10  ? -12.940 10.199  -6.896  1.00 39.57  ? 10  ASN A OD1 1 
ATOM   76   N ND2 . ASN A 1 10  ? -12.967 7.961   -7.124  1.00 35.38  ? 10  ASN A ND2 1 
ATOM   77   N N   . LEU A 1 11  ? -9.538  8.496   -2.837  1.00 32.98  ? 11  LEU A N   1 
ATOM   78   C CA  . LEU A 1 11  ? -9.190  8.239   -1.449  1.00 35.99  ? 11  LEU A CA  1 
ATOM   79   C C   . LEU A 1 11  ? -8.943  9.509   -0.642  1.00 39.24  ? 11  LEU A C   1 
ATOM   80   O O   . LEU A 1 11  ? -8.942  9.483   0.580   1.00 48.38  ? 11  LEU A O   1 
ATOM   81   C CB  . LEU A 1 11  ? -7.981  7.310   -1.390  1.00 31.18  ? 11  LEU A CB  1 
ATOM   82   C CG  . LEU A 1 11  ? -8.405  5.882   -1.713  1.00 28.04  ? 11  LEU A CG  1 
ATOM   83   C CD1 . LEU A 1 11  ? -7.222  4.938   -1.705  1.00 33.91  ? 11  LEU A CD1 1 
ATOM   84   C CD2 . LEU A 1 11  ? -9.435  5.470   -0.677  1.00 33.18  ? 11  LEU A CD2 1 
ATOM   85   N N   . ASN A 1 12  ? -8.751  10.621  -1.335  1.00 43.69  ? 12  ASN A N   1 
ATOM   86   C CA  . ASN A 1 12  ? -8.532  11.901  -0.685  1.00 38.46  ? 12  ASN A CA  1 
ATOM   87   C C   . ASN A 1 12  ? -9.874  12.459  -0.237  1.00 42.40  ? 12  ASN A C   1 
ATOM   88   O O   . ASN A 1 12  ? -9.958  13.220  0.723   1.00 56.68  ? 12  ASN A O   1 
ATOM   89   C CB  . ASN A 1 12  ? -7.881  12.882  -1.662  1.00 40.21  ? 12  ASN A CB  1 
ATOM   90   C CG  . ASN A 1 12  ? -8.680  13.054  -2.943  1.00 39.38  ? 12  ASN A CG  1 
ATOM   91   O OD1 . ASN A 1 12  ? -8.430  13.966  -3.721  1.00 40.69  ? 12  ASN A OD1 1 
ATOM   92   N ND2 . ASN A 1 12  ? -9.643  12.171  -3.168  1.00 47.00  ? 12  ASN A ND2 1 
ATOM   93   N N   . MET A 1 13  ? -10.930 12.074  -0.938  1.00 40.98  ? 13  MET A N   1 
ATOM   94   C CA  . MET A 1 13  ? -12.255 12.557  -0.614  1.00 42.36  ? 13  MET A CA  1 
ATOM   95   C C   . MET A 1 13  ? -12.902 11.747  0.478   1.00 40.72  ? 13  MET A C   1 
ATOM   96   O O   . MET A 1 13  ? -14.114 11.821  0.678   1.00 40.90  ? 13  MET A O   1 
ATOM   97   C CB  . MET A 1 13  ? -13.143 12.545  -1.850  1.00 50.66  ? 13  MET A CB  1 
ATOM   98   C CG  . MET A 1 13  ? -12.758 13.587  -2.874  1.00 64.37  ? 13  MET A CG  1 
ATOM   99   S SD  . MET A 1 13  ? -12.978 15.259  -2.262  1.00 73.76  ? 13  MET A SD  1 
ATOM   100  C CE  . MET A 1 13  ? -14.521 15.691  -3.033  1.00 58.41  ? 13  MET A CE  1 
ATOM   101  N N   . LEU A 1 14  ? -12.112 10.949  1.181   1.00 41.54  ? 14  LEU A N   1 
ATOM   102  C CA  . LEU A 1 14  ? -12.686 10.182  2.269   1.00 45.58  ? 14  LEU A CA  1 
ATOM   103  C C   . LEU A 1 14  ? -13.289 11.247  3.170   1.00 56.00  ? 14  LEU A C   1 
ATOM   104  O O   . LEU A 1 14  ? -12.649 12.265  3.452   1.00 67.37  ? 14  LEU A O   1 
ATOM   105  C CB  . LEU A 1 14  ? -11.599 9.400   2.998   1.00 41.71  ? 14  LEU A CB  1 
ATOM   106  C CG  . LEU A 1 14  ? -11.170 8.097   2.325   1.00 38.20  ? 14  LEU A CG  1 
ATOM   107  C CD1 . LEU A 1 14  ? -9.902  7.559   2.963   1.00 34.16  ? 14  LEU A CD1 1 
ATOM   108  C CD2 . LEU A 1 14  ? -12.307 7.098   2.449   1.00 39.61  ? 14  LEU A CD2 1 
ATOM   109  N N   . GLY A 1 15  ? -14.522 11.031  3.603   1.00 60.40  ? 15  GLY A N   1 
ATOM   110  C CA  . GLY A 1 15  ? -15.176 12.017  4.444   1.00 64.92  ? 15  GLY A CA  1 
ATOM   111  C C   . GLY A 1 15  ? -16.440 12.482  3.749   1.00 69.15  ? 15  GLY A C   1 
ATOM   112  O O   . GLY A 1 15  ? -17.412 12.864  4.400   1.00 71.15  ? 15  GLY A O   1 
ATOM   113  N N   . HIS A 1 16  ? -16.415 12.455  2.418   1.00 68.54  ? 16  HIS A N   1 
ATOM   114  C CA  . HIS A 1 16  ? -17.567 12.834  1.607   1.00 67.38  ? 16  HIS A CA  1 
ATOM   115  C C   . HIS A 1 16  ? -18.184 11.543  1.097   1.00 64.42  ? 16  HIS A C   1 
ATOM   116  O O   . HIS A 1 16  ? -19.316 11.529  0.613   1.00 60.81  ? 16  HIS A O   1 
ATOM   117  C CB  . HIS A 1 16  ? -17.152 13.701  0.415   1.00 72.27  ? 16  HIS A CB  1 
ATOM   118  C CG  . HIS A 1 16  ? -16.720 15.083  0.792   1.00 79.56  ? 16  HIS A CG  1 
ATOM   119  N ND1 . HIS A 1 16  ? -15.572 15.335  1.515   1.00 82.90  ? 16  HIS A ND1 1 
ATOM   120  C CD2 . HIS A 1 16  ? -17.280 16.290  0.543   1.00 78.35  ? 16  HIS A CD2 1 
ATOM   121  C CE1 . HIS A 1 16  ? -15.445 16.637  1.694   1.00 84.06  ? 16  HIS A CE1 1 
ATOM   122  N NE2 . HIS A 1 16  ? -16.468 17.240  1.114   1.00 86.64  ? 16  HIS A NE2 1 
ATOM   123  N N   . ARG A 1 17  ? -17.420 10.460  1.210   1.00 65.89  ? 17  ARG A N   1 
ATOM   124  C CA  . ARG A 1 17  ? -17.871 9.143   0.775   1.00 64.63  ? 17  ARG A CA  1 
ATOM   125  C C   . ARG A 1 17  ? -18.878 8.585   1.764   1.00 66.89  ? 17  ARG A C   1 
ATOM   126  O O   . ARG A 1 17  ? -19.066 9.131   2.851   1.00 62.97  ? 17  ARG A O   1 
ATOM   127  C CB  . ARG A 1 17  ? -16.689 8.179   0.656   1.00 54.26  ? 17  ARG A CB  1 
ATOM   128  C CG  . ARG A 1 17  ? -15.842 8.353   -0.597  1.00 56.82  ? 17  ARG A CG  1 
ATOM   129  C CD  . ARG A 1 17  ? -14.583 7.504   -0.521  1.00 62.18  ? 17  ARG A CD  1 
ATOM   130  N NE  . ARG A 1 17  ? -13.983 7.223   -1.822  1.00 64.95  ? 17  ARG A NE  1 
ATOM   131  C CZ  . ARG A 1 17  ? -14.434 6.306   -2.671  1.00 68.42  ? 17  ARG A CZ  1 
ATOM   132  N NH1 . ARG A 1 17  ? -15.497 5.582   -2.362  1.00 75.02  ? 17  ARG A NH1 1 
ATOM   133  N NH2 . ARG A 1 17  ? -13.809 6.093   -3.820  1.00 77.66  ? 17  ARG A NH2 1 
ATOM   134  N N   . ASP A 1 18  ? -19.522 7.492   1.377   1.00 72.45  ? 18  ASP A N   1 
ATOM   135  C CA  . ASP A 1 18  ? -20.515 6.844   2.221   1.00 80.61  ? 18  ASP A CA  1 
ATOM   136  C C   . ASP A 1 18  ? -19.999 6.576   3.623   1.00 81.58  ? 18  ASP A C   1 
ATOM   137  O O   . ASP A 1 18  ? -18.973 5.916   3.804   1.00 84.57  ? 18  ASP A O   1 
ATOM   138  C CB  . ASP A 1 18  ? -20.938 5.514   1.615   1.00 83.93  ? 18  ASP A CB  1 
ATOM   139  C CG  . ASP A 1 18  ? -21.551 5.668   0.254   1.00 94.35  ? 18  ASP A CG  1 
ATOM   140  O OD1 . ASP A 1 18  ? -22.099 4.670   -0.258  1.00 98.07  ? 18  ASP A OD1 1 
ATOM   141  O OD2 . ASP A 1 18  ? -21.478 6.783   -0.307  1.00 104.80 ? 18  ASP A OD2 1 
ATOM   142  N N   . PRO A 1 19  ? -20.706 7.081   4.641   1.00 78.18  ? 19  PRO A N   1 
ATOM   143  C CA  . PRO A 1 19  ? -20.242 6.835   6.004   1.00 76.34  ? 19  PRO A CA  1 
ATOM   144  C C   . PRO A 1 19  ? -20.484 5.369   6.368   1.00 71.69  ? 19  PRO A C   1 
ATOM   145  O O   . PRO A 1 19  ? -20.000 4.888   7.385   1.00 70.86  ? 19  PRO A O   1 
ATOM   146  C CB  . PRO A 1 19  ? -21.084 7.803   6.829   1.00 77.00  ? 19  PRO A CB  1 
ATOM   147  C CG  . PRO A 1 19  ? -22.374 7.833   6.071   1.00 80.89  ? 19  PRO A CG  1 
ATOM   148  C CD  . PRO A 1 19  ? -21.910 7.930   4.636   1.00 79.23  ? 19  PRO A CD  1 
ATOM   149  N N   . ARG A 1 20  ? -21.226 4.663   5.521   1.00 65.53  ? 20  ARG A N   1 
ATOM   150  C CA  . ARG A 1 20  ? -21.522 3.255   5.757   1.00 64.08  ? 20  ARG A CA  1 
ATOM   151  C C   . ARG A 1 20  ? -20.407 2.334   5.278   1.00 63.26  ? 20  ARG A C   1 
ATOM   152  O O   . ARG A 1 20  ? -20.346 1.174   5.671   1.00 65.90  ? 20  ARG A O   1 
ATOM   153  C CB  . ARG A 1 20  ? -22.823 2.868   5.059   1.00 71.76  ? 20  ARG A CB  1 
ATOM   154  C CG  . ARG A 1 20  ? -24.044 3.547   5.624   1.00 84.73  ? 20  ARG A CG  1 
ATOM   155  C CD  . ARG A 1 20  ? -25.274 3.235   4.795   1.00 98.25  ? 20  ARG A CD  1 
ATOM   156  N NE  . ARG A 1 20  ? -25.186 3.820   3.461   1.00 108.75 ? 20  ARG A NE  1 
ATOM   157  C CZ  . ARG A 1 20  ? -26.144 3.739   2.542   1.00 112.38 ? 20  ARG A CZ  1 
ATOM   158  N NH1 . ARG A 1 20  ? -27.272 3.093   2.807   1.00 114.48 ? 20  ARG A NH1 1 
ATOM   159  N NH2 . ARG A 1 20  ? -25.974 4.309   1.355   1.00 113.70 ? 20  ARG A NH2 1 
ATOM   160  N N   . LEU A 1 21  ? -19.530 2.852   4.425   1.00 62.86  ? 21  LEU A N   1 
ATOM   161  C CA  . LEU A 1 21  ? -18.417 2.067   3.891   1.00 55.63  ? 21  LEU A CA  1 
ATOM   162  C C   . LEU A 1 21  ? -17.075 2.497   4.466   1.00 61.18  ? 21  LEU A C   1 
ATOM   163  O O   . LEU A 1 21  ? -16.309 1.676   4.980   1.00 60.68  ? 21  LEU A O   1 
ATOM   164  C CB  . LEU A 1 21  ? -18.335 2.223   2.374   1.00 48.71  ? 21  LEU A CB  1 
ATOM   165  C CG  . LEU A 1 21  ? -19.477 1.701   1.516   1.00 45.83  ? 21  LEU A CG  1 
ATOM   166  C CD1 . LEU A 1 21  ? -19.154 1.964   0.056   1.00 43.12  ? 21  LEU A CD1 1 
ATOM   167  C CD2 . LEU A 1 21  ? -19.663 0.215   1.765   1.00 49.94  ? 21  LEU A CD2 1 
ATOM   168  N N   . TYR A 1 22  ? -16.805 3.797   4.361   1.00 64.37  ? 22  TYR A N   1 
ATOM   169  C CA  . TYR A 1 22  ? -15.552 4.390   4.813   1.00 65.06  ? 22  TYR A CA  1 
ATOM   170  C C   . TYR A 1 22  ? -15.678 5.188   6.117   1.00 69.48  ? 22  TYR A C   1 
ATOM   171  O O   . TYR A 1 22  ? -14.734 5.871   6.536   1.00 63.99  ? 22  TYR A O   1 
ATOM   172  C CB  . TYR A 1 22  ? -14.998 5.296   3.707   1.00 66.55  ? 22  TYR A CB  1 
ATOM   173  C CG  . TYR A 1 22  ? -14.986 4.672   2.316   1.00 66.42  ? 22  TYR A CG  1 
ATOM   174  C CD1 . TYR A 1 22  ? -16.141 4.624   1.526   1.00 65.23  ? 22  TYR A CD1 1 
ATOM   175  C CD2 . TYR A 1 22  ? -13.812 4.149   1.785   1.00 66.04  ? 22  TYR A CD2 1 
ATOM   176  C CE1 . TYR A 1 22  ? -16.111 4.073   0.241   1.00 58.39  ? 22  TYR A CE1 1 
ATOM   177  C CE2 . TYR A 1 22  ? -13.774 3.600   0.509   1.00 62.29  ? 22  TYR A CE2 1 
ATOM   178  C CZ  . TYR A 1 22  ? -14.917 3.565   -0.259  1.00 62.28  ? 22  TYR A CZ  1 
ATOM   179  O OH  . TYR A 1 22  ? -14.834 3.039   -1.532  1.00 57.73  ? 22  TYR A OH  1 
ATOM   180  N N   . GLY A 1 23  ? -16.844 5.103   6.753   1.00 70.36  ? 23  GLY A N   1 
ATOM   181  C CA  . GLY A 1 23  ? -17.062 5.811   8.000   1.00 68.91  ? 23  GLY A CA  1 
ATOM   182  C C   . GLY A 1 23  ? -16.777 7.297   7.914   1.00 73.04  ? 23  GLY A C   1 
ATOM   183  O O   . GLY A 1 23  ? -17.018 7.929   6.884   1.00 76.00  ? 23  GLY A O   1 
ATOM   184  N N   . MET A 1 24  ? -16.259 7.856   9.004   1.00 75.52  ? 24  MET A N   1 
ATOM   185  C CA  . MET A 1 24  ? -15.938 9.277   9.068   1.00 76.87  ? 24  MET A CA  1 
ATOM   186  C C   . MET A 1 24  ? -14.466 9.458   9.405   1.00 77.27  ? 24  MET A C   1 
ATOM   187  O O   . MET A 1 24  ? -14.111 9.689   10.560  1.00 84.11  ? 24  MET A O   1 
ATOM   188  C CB  . MET A 1 24  ? -16.782 9.970   10.143  1.00 81.31  ? 24  MET A CB  1 
ATOM   189  C CG  . MET A 1 24  ? -18.238 9.551   10.167  1.00 88.43  ? 24  MET A CG  1 
ATOM   190  S SD  . MET A 1 24  ? -18.659 8.714   11.708  1.00 89.86  ? 24  MET A SD  1 
ATOM   191  C CE  . MET A 1 24  ? -17.906 7.093   11.454  1.00 93.12  ? 24  MET A CE  1 
ATOM   192  N N   . VAL A 1 25  ? -13.608 9.345   8.399   1.00 74.55  ? 25  VAL A N   1 
ATOM   193  C CA  . VAL A 1 25  ? -12.173 9.508   8.594   1.00 66.46  ? 25  VAL A CA  1 
ATOM   194  C C   . VAL A 1 25  ? -11.588 10.079  7.314   1.00 61.57  ? 25  VAL A C   1 
ATOM   195  O O   . VAL A 1 25  ? -12.067 9.782   6.226   1.00 60.79  ? 25  VAL A O   1 
ATOM   196  C CB  . VAL A 1 25  ? -11.481 8.158   8.893   1.00 68.82  ? 25  VAL A CB  1 
ATOM   197  C CG1 . VAL A 1 25  ? -9.985  8.372   9.076   1.00 70.56  ? 25  VAL A CG1 1 
ATOM   198  C CG2 . VAL A 1 25  ? -12.081 7.523   10.142  1.00 71.89  ? 25  VAL A CG2 1 
ATOM   199  N N   . THR A 1 26  ? -10.557 10.903  7.439   1.00 55.33  ? 26  THR A N   1 
ATOM   200  C CA  . THR A 1 26  ? -9.940  11.489  6.264   1.00 55.95  ? 26  THR A CA  1 
ATOM   201  C C   . THR A 1 26  ? -8.626  10.804  5.946   1.00 55.71  ? 26  THR A C   1 
ATOM   202  O O   . THR A 1 26  ? -7.986  10.224  6.822   1.00 55.11  ? 26  THR A O   1 
ATOM   203  C CB  . THR A 1 26  ? -9.673  12.987  6.460   1.00 63.27  ? 26  THR A CB  1 
ATOM   204  O OG1 . THR A 1 26  ? -8.829  13.182  7.606   1.00 60.67  ? 26  THR A OG1 1 
ATOM   205  C CG2 . THR A 1 26  ? -10.989 13.739  6.640   1.00 62.63  ? 26  THR A CG2 1 
ATOM   206  N N   . LEU A 1 27  ? -8.228  10.879  4.682   1.00 55.90  ? 27  LEU A N   1 
ATOM   207  C CA  . LEU A 1 27  ? -6.984  10.280  4.224   1.00 50.94  ? 27  LEU A CA  1 
ATOM   208  C C   . LEU A 1 27  ? -5.792  10.781  5.045   1.00 53.41  ? 27  LEU A C   1 
ATOM   209  O O   . LEU A 1 27  ? -4.696  10.233  4.956   1.00 51.98  ? 27  LEU A O   1 
ATOM   210  C CB  . LEU A 1 27  ? -6.756  10.617  2.755   1.00 43.69  ? 27  LEU A CB  1 
ATOM   211  C CG  . LEU A 1 27  ? -6.099  9.575   1.849   1.00 39.69  ? 27  LEU A CG  1 
ATOM   212  C CD1 . LEU A 1 27  ? -5.253  10.303  0.805   1.00 41.54  ? 27  LEU A CD1 1 
ATOM   213  C CD2 . LEU A 1 27  ? -5.247  8.624   2.646   1.00 31.97  ? 27  LEU A CD2 1 
ATOM   214  N N   . ASP A 1 28  ? -6.000  11.832  5.833   1.00 54.93  ? 28  ASP A N   1 
ATOM   215  C CA  . ASP A 1 28  ? -4.922  12.369  6.654   1.00 50.98  ? 28  ASP A CA  1 
ATOM   216  C C   . ASP A 1 28  ? -4.898  11.704  8.018   1.00 52.87  ? 28  ASP A C   1 
ATOM   217  O O   . ASP A 1 28  ? -3.847  11.255  8.473   1.00 56.96  ? 28  ASP A O   1 
ATOM   218  C CB  . ASP A 1 28  ? -5.066  13.880  6.808   1.00 47.98  ? 28  ASP A CB  1 
ATOM   219  C CG  . ASP A 1 28  ? -4.829  14.617  5.507   1.00 56.98  ? 28  ASP A CG  1 
ATOM   220  O OD1 . ASP A 1 28  ? -3.797  14.337  4.845   1.00 47.41  ? 28  ASP A OD1 1 
ATOM   221  O OD2 . ASP A 1 28  ? -5.668  15.472  5.147   1.00 53.67  ? 28  ASP A OD2 1 
ATOM   222  N N   . GLN A 1 29  ? -6.056  11.638  8.668   1.00 51.14  ? 29  GLN A N   1 
ATOM   223  C CA  . GLN A 1 29  ? -6.154  11.011  9.979   1.00 51.87  ? 29  GLN A CA  1 
ATOM   224  C C   . GLN A 1 29  ? -5.616  9.590   9.917   1.00 54.83  ? 29  GLN A C   1 
ATOM   225  O O   . GLN A 1 29  ? -5.041  9.086   10.885  1.00 56.81  ? 29  GLN A O   1 
ATOM   226  C CB  . GLN A 1 29  ? -7.606  10.985  10.446  1.00 58.23  ? 29  GLN A CB  1 
ATOM   227  C CG  . GLN A 1 29  ? -8.216  12.356  10.630  1.00 70.66  ? 29  GLN A CG  1 
ATOM   228  C CD  . GLN A 1 29  ? -9.698  12.281  10.904  1.00 78.30  ? 29  GLN A CD  1 
ATOM   229  O OE1 . GLN A 1 29  ? -10.467 11.797  10.076  1.00 90.37  ? 29  GLN A OE1 1 
ATOM   230  N NE2 . GLN A 1 29  ? -10.110 12.753  12.074  1.00 84.73  ? 29  GLN A NE2 1 
ATOM   231  N N   . ILE A 1 30  ? -5.808  8.946   8.769   1.00 58.76  ? 30  ILE A N   1 
ATOM   232  C CA  . ILE A 1 30  ? -5.339  7.580   8.578   1.00 58.14  ? 30  ILE A CA  1 
ATOM   233  C C   . ILE A 1 30  ? -3.829  7.586   8.321   1.00 56.95  ? 30  ILE A C   1 
ATOM   234  O O   . ILE A 1 30  ? -3.117  6.647   8.692   1.00 51.83  ? 30  ILE A O   1 
ATOM   235  C CB  . ILE A 1 30  ? -6.132  6.886   7.422   1.00 57.93  ? 30  ILE A CB  1 
ATOM   236  C CG1 . ILE A 1 30  ? -5.545  5.511   7.107   1.00 54.66  ? 30  ILE A CG1 1 
ATOM   237  C CG2 . ILE A 1 30  ? -6.156  7.775   6.202   1.00 62.72  ? 30  ILE A CG2 1 
ATOM   238  C CD1 . ILE A 1 30  ? -4.359  5.532   6.165   1.00 53.38  ? 30  ILE A CD1 1 
ATOM   239  N N   . HIS A 1 31  ? -3.338  8.658   7.707   1.00 55.83  ? 31  HIS A N   1 
ATOM   240  C CA  . HIS A 1 31  ? -1.911  8.783   7.435   1.00 55.68  ? 31  HIS A CA  1 
ATOM   241  C C   . HIS A 1 31  ? -1.168  9.040   8.734   1.00 58.48  ? 31  HIS A C   1 
ATOM   242  O O   . HIS A 1 31  ? -0.038  8.589   8.916   1.00 59.42  ? 31  HIS A O   1 
ATOM   243  C CB  . HIS A 1 31  ? -1.645  9.934   6.466   1.00 62.84  ? 31  HIS A CB  1 
ATOM   244  C CG  . HIS A 1 31  ? -1.812  9.566   5.025   1.00 67.89  ? 31  HIS A CG  1 
ATOM   245  N ND1 . HIS A 1 31  ? -1.710  10.491  4.007   1.00 68.20  ? 31  HIS A ND1 1 
ATOM   246  C CD2 . HIS A 1 31  ? -2.040  8.373   4.428   1.00 67.16  ? 31  HIS A CD2 1 
ATOM   247  C CE1 . HIS A 1 31  ? -1.866  9.882   2.845   1.00 68.76  ? 31  HIS A CE1 1 
ATOM   248  N NE2 . HIS A 1 31  ? -2.066  8.596   3.072   1.00 65.82  ? 31  HIS A NE2 1 
ATOM   249  N N   . GLU A 1 32  ? -1.805  9.767   9.642   1.00 65.92  ? 32  GLU A N   1 
ATOM   250  C CA  . GLU A 1 32  ? -1.165  10.059  10.912  1.00 74.24  ? 32  GLU A CA  1 
ATOM   251  C C   . GLU A 1 32  ? -1.206  8.872   11.865  1.00 71.47  ? 32  GLU A C   1 
ATOM   252  O O   . GLU A 1 32  ? -0.337  8.752   12.730  1.00 73.13  ? 32  GLU A O   1 
ATOM   253  C CB  . GLU A 1 32  ? -1.782  11.303  11.566  1.00 83.02  ? 32  GLU A CB  1 
ATOM   254  C CG  . GLU A 1 32  ? -3.283  11.283  11.726  1.00 93.47  ? 32  GLU A CG  1 
ATOM   255  C CD  . GLU A 1 32  ? -3.795  12.536  12.411  1.00 101.85 ? 32  GLU A CD  1 
ATOM   256  O OE1 . GLU A 1 32  ? -3.501  12.717  13.613  1.00 102.62 ? 32  GLU A OE1 1 
ATOM   257  O OE2 . GLU A 1 32  ? -4.481  13.344  11.746  1.00 105.93 ? 32  GLU A OE2 1 
ATOM   258  N N   . ILE A 1 33  ? -2.199  7.997   11.718  1.00 66.02  ? 33  ILE A N   1 
ATOM   259  C CA  . ILE A 1 33  ? -2.259  6.827   12.585  1.00 61.09  ? 33  ILE A CA  1 
ATOM   260  C C   . ILE A 1 33  ? -1.154  5.869   12.166  1.00 58.56  ? 33  ILE A C   1 
ATOM   261  O O   . ILE A 1 33  ? -0.642  5.108   12.984  1.00 67.95  ? 33  ILE A O   1 
ATOM   262  C CB  . ILE A 1 33  ? -3.629  6.109   12.530  1.00 60.18  ? 33  ILE A CB  1 
ATOM   263  C CG1 . ILE A 1 33  ? -3.526  4.724   13.183  1.00 55.76  ? 33  ILE A CG1 1 
ATOM   264  C CG2 . ILE A 1 33  ? -4.091  5.982   11.113  1.00 68.17  ? 33  ILE A CG2 1 
ATOM   265  C CD1 . ILE A 1 33  ? -3.036  4.734   14.636  1.00 53.49  ? 33  ILE A CD1 1 
ATOM   266  N N   . MET A 1 34  ? -0.780  5.901   10.892  1.00 58.15  ? 34  MET A N   1 
ATOM   267  C CA  . MET A 1 34  ? 0.310   5.049   10.433  1.00 62.85  ? 34  MET A CA  1 
ATOM   268  C C   . MET A 1 34  ? 1.575   5.632   11.049  1.00 65.98  ? 34  MET A C   1 
ATOM   269  O O   . MET A 1 34  ? 2.592   4.951   11.199  1.00 65.76  ? 34  MET A O   1 
ATOM   270  C CB  . MET A 1 34  ? 0.428   5.067   8.909   1.00 56.54  ? 34  MET A CB  1 
ATOM   271  C CG  . MET A 1 34  ? -0.286  3.914   8.224   1.00 56.56  ? 34  MET A CG  1 
ATOM   272  S SD  . MET A 1 34  ? -0.119  3.936   6.427   1.00 39.99  ? 34  MET A SD  1 
ATOM   273  C CE  . MET A 1 34  ? -1.157  5.332   6.077   1.00 36.20  ? 34  MET A CE  1 
ATOM   274  N N   . GLN A 1 35  ? 1.492   6.907   11.406  1.00 68.92  ? 35  GLN A N   1 
ATOM   275  C CA  . GLN A 1 35  ? 2.606   7.604   12.020  1.00 70.26  ? 35  GLN A CA  1 
ATOM   276  C C   . GLN A 1 35  ? 2.655   7.207   13.488  1.00 71.85  ? 35  GLN A C   1 
ATOM   277  O O   . GLN A 1 35  ? 3.644   6.632   13.947  1.00 64.38  ? 35  GLN A O   1 
ATOM   278  C CB  . GLN A 1 35  ? 2.411   9.110   11.881  1.00 71.23  ? 35  GLN A CB  1 
ATOM   279  C CG  . GLN A 1 35  ? 3.669   9.856   11.482  1.00 79.94  ? 35  GLN A CG  1 
ATOM   280  C CD  . GLN A 1 35  ? 4.368   9.230   10.289  1.00 80.27  ? 35  GLN A CD  1 
ATOM   281  O OE1 . GLN A 1 35  ? 5.026   8.195   10.414  1.00 78.77  ? 35  GLN A OE1 1 
ATOM   282  N NE2 . GLN A 1 35  ? 4.220   9.851   9.123   1.00 78.36  ? 35  GLN A NE2 1 
ATOM   283  N N   . THR A 1 36  ? 1.572   7.498   14.210  1.00 69.97  ? 36  THR A N   1 
ATOM   284  C CA  . THR A 1 36  ? 1.459   7.163   15.632  1.00 71.08  ? 36  THR A CA  1 
ATOM   285  C C   . THR A 1 36  ? 1.663   5.669   15.831  1.00 67.51  ? 36  THR A C   1 
ATOM   286  O O   . THR A 1 36  ? 1.703   5.177   16.959  1.00 66.36  ? 36  THR A O   1 
ATOM   287  C CB  . THR A 1 36  ? 0.067   7.516   16.206  1.00 74.13  ? 36  THR A CB  1 
ATOM   288  O OG1 . THR A 1 36  ? -0.912  6.621   15.664  1.00 77.28  ? 36  THR A OG1 1 
ATOM   289  C CG2 . THR A 1 36  ? -0.314  8.955   15.861  1.00 76.13  ? 36  THR A CG2 1 
ATOM   290  N N   . PHE A 1 37  ? 1.772   4.949   14.721  1.00 68.52  ? 37  PHE A N   1 
ATOM   291  C CA  . PHE A 1 37  ? 1.986   3.515   14.771  1.00 67.26  ? 37  PHE A CA  1 
ATOM   292  C C   . PHE A 1 37  ? 3.480   3.225   14.720  1.00 69.39  ? 37  PHE A C   1 
ATOM   293  O O   . PHE A 1 37  ? 3.989   2.435   15.513  1.00 67.98  ? 37  PHE A O   1 
ATOM   294  C CB  . PHE A 1 37  ? 1.300   2.824   13.598  1.00 54.71  ? 37  PHE A CB  1 
ATOM   295  C CG  . PHE A 1 37  ? 1.319   1.331   13.700  1.00 54.07  ? 37  PHE A CG  1 
ATOM   296  C CD1 . PHE A 1 37  ? 0.503   0.676   14.623  1.00 40.11  ? 37  PHE A CD1 1 
ATOM   297  C CD2 . PHE A 1 37  ? 2.180   0.577   12.904  1.00 45.02  ? 37  PHE A CD2 1 
ATOM   298  C CE1 . PHE A 1 37  ? 0.546   -0.706  14.754  1.00 47.47  ? 37  PHE A CE1 1 
ATOM   299  C CE2 . PHE A 1 37  ? 2.232   -0.806  13.026  1.00 38.75  ? 37  PHE A CE2 1 
ATOM   300  C CZ  . PHE A 1 37  ? 1.411   -1.452  13.956  1.00 43.06  ? 37  PHE A CZ  1 
ATOM   301  N N   . VAL A 1 38  ? 4.178   3.857   13.778  1.00 74.19  ? 38  VAL A N   1 
ATOM   302  C CA  . VAL A 1 38  ? 5.620   3.670   13.651  1.00 79.89  ? 38  VAL A CA  1 
ATOM   303  C C   . VAL A 1 38  ? 6.307   4.551   14.682  1.00 84.43  ? 38  VAL A C   1 
ATOM   304  O O   . VAL A 1 38  ? 7.453   4.315   15.058  1.00 87.87  ? 38  VAL A O   1 
ATOM   305  C CB  . VAL A 1 38  ? 6.120   4.067   12.259  1.00 78.48  ? 38  VAL A CB  1 
ATOM   306  C CG1 . VAL A 1 38  ? 5.501   3.165   11.215  1.00 79.94  ? 38  VAL A CG1 1 
ATOM   307  C CG2 . VAL A 1 38  ? 5.781   5.521   11.984  1.00 86.41  ? 38  VAL A CG2 1 
ATOM   308  N N   . LYS A 1 39  ? 5.588   5.575   15.130  1.00 87.01  ? 39  LYS A N   1 
ATOM   309  C CA  . LYS A 1 39  ? 6.093   6.500   16.136  1.00 87.05  ? 39  LYS A CA  1 
ATOM   310  C C   . LYS A 1 39  ? 6.106   5.745   17.454  1.00 85.68  ? 39  LYS A C   1 
ATOM   311  O O   . LYS A 1 39  ? 7.110   5.735   18.165  1.00 86.30  ? 39  LYS A O   1 
ATOM   312  C CB  . LYS A 1 39  ? 5.165   7.718   16.252  1.00 92.45  ? 39  LYS A CB  1 
ATOM   313  C CG  . LYS A 1 39  ? 5.659   8.841   17.161  1.00 86.35  ? 39  LYS A CG  1 
ATOM   314  C CD  . LYS A 1 39  ? 6.484   9.871   16.400  1.00 88.52  ? 39  LYS A CD  1 
ATOM   315  C CE  . LYS A 1 39  ? 7.819   9.312   15.933  1.00 93.06  ? 39  LYS A CE  1 
ATOM   316  N NZ  . LYS A 1 39  ? 8.707   8.955   17.075  1.00 100.90 ? 39  LYS A NZ  1 
ATOM   317  N N   . GLN A 1 40  ? 4.980   5.107   17.768  1.00 83.99  ? 40  GLN A N   1 
ATOM   318  C CA  . GLN A 1 40  ? 4.854   4.337   18.996  1.00 87.46  ? 40  GLN A CA  1 
ATOM   319  C C   . GLN A 1 40  ? 5.845   3.178   18.966  1.00 84.38  ? 40  GLN A C   1 
ATOM   320  O O   . GLN A 1 40  ? 6.858   3.204   19.664  1.00 85.92  ? 40  GLN A O   1 
ATOM   321  C CB  . GLN A 1 40  ? 3.423   3.813   19.149  1.00 93.89  ? 40  GLN A CB  1 
ATOM   322  C CG  . GLN A 1 40  ? 3.119   3.234   20.529  1.00 106.23 ? 40  GLN A CG  1 
ATOM   323  C CD  . GLN A 1 40  ? 3.633   1.814   20.716  1.00 112.04 ? 40  GLN A CD  1 
ATOM   324  O OE1 . GLN A 1 40  ? 3.743   1.329   21.842  1.00 116.58 ? 40  GLN A OE1 1 
ATOM   325  N NE2 . GLN A 1 40  ? 3.930   1.136   19.613  1.00 108.45 ? 40  GLN A NE2 1 
ATOM   326  N N   . GLY A 1 41  ? 5.556   2.163   18.161  1.00 81.08  ? 41  GLY A N   1 
ATOM   327  C CA  . GLY A 1 41  ? 6.464   1.036   18.062  1.00 80.93  ? 41  GLY A CA  1 
ATOM   328  C C   . GLY A 1 41  ? 7.702   1.537   17.349  1.00 80.77  ? 41  GLY A C   1 
ATOM   329  O O   . GLY A 1 41  ? 7.698   1.690   16.131  1.00 83.95  ? 41  GLY A O   1 
ATOM   330  N N   . ASN A 1 42  ? 8.759   1.805   18.105  1.00 76.22  ? 42  ASN A N   1 
ATOM   331  C CA  . ASN A 1 42  ? 9.991   2.320   17.527  1.00 78.37  ? 42  ASN A CA  1 
ATOM   332  C C   . ASN A 1 42  ? 10.523  1.469   16.377  1.00 77.44  ? 42  ASN A C   1 
ATOM   333  O O   . ASN A 1 42  ? 11.194  0.461   16.590  1.00 75.27  ? 42  ASN A O   1 
ATOM   334  C CB  . ASN A 1 42  ? 11.045  2.476   18.624  1.00 78.55  ? 42  ASN A CB  1 
ATOM   335  C CG  . ASN A 1 42  ? 10.640  3.504   19.673  1.00 79.16  ? 42  ASN A CG  1 
ATOM   336  O OD1 . ASN A 1 42  ? 10.526  4.703   19.381  1.00 63.77  ? 42  ASN A OD1 1 
ATOM   337  N ND2 . ASN A 1 42  ? 10.410  3.038   20.899  1.00 69.47  ? 42  ASN A ND2 1 
ATOM   338  N N   . LEU A 1 43  ? 10.210  1.905   15.159  1.00 76.49  ? 43  LEU A N   1 
ATOM   339  C CA  . LEU A 1 43  ? 10.616  1.231   13.926  1.00 74.50  ? 43  LEU A CA  1 
ATOM   340  C C   . LEU A 1 43  ? 11.239  2.285   13.017  1.00 76.75  ? 43  LEU A C   1 
ATOM   341  O O   . LEU A 1 43  ? 10.534  3.163   12.527  1.00 75.93  ? 43  LEU A O   1 
ATOM   342  C CB  . LEU A 1 43  ? 9.388   0.638   13.230  1.00 69.28  ? 43  LEU A CB  1 
ATOM   343  C CG  . LEU A 1 43  ? 8.395   -0.168  14.073  1.00 64.84  ? 43  LEU A CG  1 
ATOM   344  C CD1 . LEU A 1 43  ? 7.038   -0.183  13.395  1.00 52.21  ? 43  LEU A CD1 1 
ATOM   345  C CD2 . LEU A 1 43  ? 8.918   -1.573  14.288  1.00 64.92  ? 43  LEU A CD2 1 
ATOM   346  N N   . ASP A 1 44  ? 12.547  2.202   12.786  1.00 85.65  ? 44  ASP A N   1 
ATOM   347  C CA  . ASP A 1 44  ? 13.231  3.184   11.942  1.00 90.21  ? 44  ASP A CA  1 
ATOM   348  C C   . ASP A 1 44  ? 12.743  3.156   10.492  1.00 88.92  ? 44  ASP A C   1 
ATOM   349  O O   . ASP A 1 44  ? 13.492  2.835   9.565   1.00 89.15  ? 44  ASP A O   1 
ATOM   350  C CB  . ASP A 1 44  ? 14.757  2.989   11.997  1.00 95.87  ? 44  ASP A CB  1 
ATOM   351  C CG  . ASP A 1 44  ? 15.227  1.769   11.218  1.00 100.09 ? 44  ASP A CG  1 
ATOM   352  O OD1 . ASP A 1 44  ? 14.706  0.663   11.470  1.00 107.25 ? 44  ASP A OD1 1 
ATOM   353  O OD2 . ASP A 1 44  ? 16.120  1.918   10.356  1.00 95.71  ? 44  ASP A OD2 1 
ATOM   354  N N   . VAL A 1 45  ? 11.471  3.495   10.309  1.00 84.60  ? 45  VAL A N   1 
ATOM   355  C CA  . VAL A 1 45  ? 10.870  3.540   8.988   1.00 79.55  ? 45  VAL A CA  1 
ATOM   356  C C   . VAL A 1 45  ? 10.292  4.922   8.753   1.00 75.83  ? 45  VAL A C   1 
ATOM   357  O O   . VAL A 1 45  ? 9.377   5.358   9.447   1.00 79.19  ? 45  VAL A O   1 
ATOM   358  C CB  . VAL A 1 45  ? 9.739   2.502   8.834   1.00 81.49  ? 45  VAL A CB  1 
ATOM   359  C CG1 . VAL A 1 45  ? 10.313  1.097   8.893   1.00 85.23  ? 45  VAL A CG1 1 
ATOM   360  C CG2 . VAL A 1 45  ? 8.697   2.698   9.924   1.00 78.86  ? 45  VAL A CG2 1 
ATOM   361  N N   . GLU A 1 46  ? 10.853  5.627   7.786   1.00 71.88  ? 46  GLU A N   1 
ATOM   362  C CA  . GLU A 1 46  ? 10.371  6.951   7.452   1.00 72.19  ? 46  GLU A CA  1 
ATOM   363  C C   . GLU A 1 46  ? 9.444   6.700   6.276   1.00 69.84  ? 46  GLU A C   1 
ATOM   364  O O   . GLU A 1 46  ? 9.899   6.313   5.203   1.00 73.67  ? 46  GLU A O   1 
ATOM   365  C CB  . GLU A 1 46  ? 11.539  7.851   7.036   1.00 79.36  ? 46  GLU A CB  1 
ATOM   366  C CG  . GLU A 1 46  ? 12.636  8.005   8.098   1.00 86.94  ? 46  GLU A CG  1 
ATOM   367  C CD  . GLU A 1 46  ? 13.451  6.734   8.317   1.00 88.92  ? 46  GLU A CD  1 
ATOM   368  O OE1 . GLU A 1 46  ? 14.251  6.692   9.280   1.00 86.77  ? 46  GLU A OE1 1 
ATOM   369  O OE2 . GLU A 1 46  ? 13.298  5.780   7.525   1.00 89.87  ? 46  GLU A OE2 1 
ATOM   370  N N   . LEU A 1 47  ? 8.145   6.885   6.473   1.00 63.24  ? 47  LEU A N   1 
ATOM   371  C CA  . LEU A 1 47  ? 7.204   6.641   5.388   1.00 60.91  ? 47  LEU A CA  1 
ATOM   372  C C   . LEU A 1 47  ? 6.707   7.911   4.707   1.00 56.52  ? 47  LEU A C   1 
ATOM   373  O O   . LEU A 1 47  ? 6.418   8.908   5.358   1.00 55.53  ? 47  LEU A O   1 
ATOM   374  C CB  . LEU A 1 47  ? 6.026   5.789   5.888   1.00 54.67  ? 47  LEU A CB  1 
ATOM   375  C CG  . LEU A 1 47  ? 5.388   6.144   7.229   1.00 52.46  ? 47  LEU A CG  1 
ATOM   376  C CD1 . LEU A 1 47  ? 4.593   7.420   7.082   1.00 53.01  ? 47  LEU A CD1 1 
ATOM   377  C CD2 . LEU A 1 47  ? 4.490   5.013   7.699   1.00 45.96  ? 47  LEU A CD2 1 
ATOM   378  N N   . GLU A 1 48  ? 6.628   7.854   3.379   1.00 55.73  ? 48  GLU A N   1 
ATOM   379  C CA  . GLU A 1 48  ? 6.184   8.975   2.560   1.00 53.46  ? 48  GLU A CA  1 
ATOM   380  C C   . GLU A 1 48  ? 4.762   8.747   2.049   1.00 49.37  ? 48  GLU A C   1 
ATOM   381  O O   . GLU A 1 48  ? 4.358   7.614   1.789   1.00 54.96  ? 48  GLU A O   1 
ATOM   382  C CB  . GLU A 1 48  ? 7.124   9.143   1.368   1.00 58.70  ? 48  GLU A CB  1 
ATOM   383  C CG  . GLU A 1 48  ? 6.767   10.299  0.453   1.00 69.55  ? 48  GLU A CG  1 
ATOM   384  C CD  . GLU A 1 48  ? 7.247   10.077  -0.967  1.00 70.89  ? 48  GLU A CD  1 
ATOM   385  O OE1 . GLU A 1 48  ? 8.411   9.652   -1.141  1.00 60.49  ? 48  GLU A OE1 1 
ATOM   386  O OE2 . GLU A 1 48  ? 6.460   10.335  -1.906  1.00 72.82  ? 48  GLU A OE2 1 
ATOM   387  N N   . PHE A 1 49  ? 4.012   9.828   1.888   1.00 40.20  ? 49  PHE A N   1 
ATOM   388  C CA  . PHE A 1 49  ? 2.643   9.724   1.410   1.00 38.24  ? 49  PHE A CA  1 
ATOM   389  C C   . PHE A 1 49  ? 2.468   10.345  0.038   1.00 36.95  ? 49  PHE A C   1 
ATOM   390  O O   . PHE A 1 49  ? 2.996   11.417  -0.252  1.00 43.48  ? 49  PHE A O   1 
ATOM   391  C CB  . PHE A 1 49  ? 1.699   10.364  2.426   1.00 28.50  ? 49  PHE A CB  1 
ATOM   392  C CG  . PHE A 1 49  ? 1.685   9.655   3.743   1.00 37.68  ? 49  PHE A CG  1 
ATOM   393  C CD1 . PHE A 1 49  ? 1.118   8.393   3.856   1.00 42.96  ? 49  PHE A CD1 1 
ATOM   394  C CD2 . PHE A 1 49  ? 2.276   10.222  4.857   1.00 39.61  ? 49  PHE A CD2 1 
ATOM   395  C CE1 . PHE A 1 49  ? 1.141   7.709   5.056   1.00 45.73  ? 49  PHE A CE1 1 
ATOM   396  C CE2 . PHE A 1 49  ? 2.302   9.542   6.060   1.00 43.86  ? 49  PHE A CE2 1 
ATOM   397  C CZ  . PHE A 1 49  ? 1.732   8.281   6.157   1.00 48.67  ? 49  PHE A CZ  1 
ATOM   398  N N   . PHE A 1 50  ? 1.728   9.648   -0.813  1.00 37.69  ? 50  PHE A N   1 
ATOM   399  C CA  . PHE A 1 50  ? 1.483   10.107  -2.173  1.00 40.06  ? 50  PHE A CA  1 
ATOM   400  C C   . PHE A 1 50  ? 0.112   9.633   -2.621  1.00 33.51  ? 50  PHE A C   1 
ATOM   401  O O   . PHE A 1 50  ? -0.188  8.448   -2.537  1.00 37.42  ? 50  PHE A O   1 
ATOM   402  C CB  . PHE A 1 50  ? 2.542   9.536   -3.109  1.00 37.95  ? 50  PHE A CB  1 
ATOM   403  C CG  . PHE A 1 50  ? 2.331   9.893   -4.539  1.00 39.31  ? 50  PHE A CG  1 
ATOM   404  C CD1 . PHE A 1 50  ? 2.776   11.111  -5.034  1.00 34.94  ? 50  PHE A CD1 1 
ATOM   405  C CD2 . PHE A 1 50  ? 1.677   9.013   -5.395  1.00 36.53  ? 50  PHE A CD2 1 
ATOM   406  C CE1 . PHE A 1 50  ? 2.575   11.453  -6.370  1.00 36.27  ? 50  PHE A CE1 1 
ATOM   407  C CE2 . PHE A 1 50  ? 1.470   9.341   -6.728  1.00 36.48  ? 50  PHE A CE2 1 
ATOM   408  C CZ  . PHE A 1 50  ? 1.921   10.564  -7.220  1.00 36.76  ? 50  PHE A CZ  1 
ATOM   409  N N   . GLN A 1 51  ? -0.709  10.555  -3.105  1.00 39.33  ? 51  GLN A N   1 
ATOM   410  C CA  . GLN A 1 51  ? -2.057  10.215  -3.556  1.00 43.03  ? 51  GLN A CA  1 
ATOM   411  C C   . GLN A 1 51  ? -2.423  10.888  -4.871  1.00 39.34  ? 51  GLN A C   1 
ATOM   412  O O   . GLN A 1 51  ? -2.195  12.083  -5.045  1.00 43.96  ? 51  GLN A O   1 
ATOM   413  C CB  . GLN A 1 51  ? -3.074  10.612  -2.484  1.00 40.23  ? 51  GLN A CB  1 
ATOM   414  C CG  . GLN A 1 51  ? -4.510  10.245  -2.810  1.00 45.78  ? 51  GLN A CG  1 
ATOM   415  C CD  . GLN A 1 51  ? -5.194  11.224  -3.750  1.00 48.87  ? 51  GLN A CD  1 
ATOM   416  O OE1 . GLN A 1 51  ? -6.332  11.008  -4.161  1.00 62.63  ? 51  GLN A OE1 1 
ATOM   417  N NE2 . GLN A 1 51  ? -4.513  12.306  -4.084  1.00 47.24  ? 51  GLN A NE2 1 
ATOM   418  N N   . THR A 1 52  ? -2.984  10.125  -5.803  1.00 45.31  ? 52  THR A N   1 
ATOM   419  C CA  . THR A 1 52  ? -3.399  10.699  -7.076  1.00 41.99  ? 52  THR A CA  1 
ATOM   420  C C   . THR A 1 52  ? -4.636  10.046  -7.623  1.00 41.96  ? 52  THR A C   1 
ATOM   421  O O   . THR A 1 52  ? -4.993  8.934   -7.247  1.00 38.70  ? 52  THR A O   1 
ATOM   422  C CB  . THR A 1 52  ? -2.337  10.592  -8.153  1.00 35.63  ? 52  THR A CB  1 
ATOM   423  O OG1 . THR A 1 52  ? -2.091  9.215   -8.449  1.00 47.91  ? 52  THR A OG1 1 
ATOM   424  C CG2 . THR A 1 52  ? -1.070  11.237  -7.683  1.00 60.56  ? 52  THR A CG2 1 
ATOM   425  N N   . ASN A 1 53  ? -5.280  10.776  -8.520  1.00 41.20  ? 53  ASN A N   1 
ATOM   426  C CA  . ASN A 1 53  ? -6.483  10.335  -9.175  1.00 33.94  ? 53  ASN A CA  1 
ATOM   427  C C   . ASN A 1 53  ? -6.071  9.906   -10.576 1.00 36.09  ? 53  ASN A C   1 
ATOM   428  O O   . ASN A 1 53  ? -6.918  9.614   -11.424 1.00 36.50  ? 53  ASN A O   1 
ATOM   429  C CB  . ASN A 1 53  ? -7.487  11.487  -9.259  1.00 27.68  ? 53  ASN A CB  1 
ATOM   430  C CG  . ASN A 1 53  ? -7.968  11.944  -7.904  1.00 21.72  ? 53  ASN A CG  1 
ATOM   431  O OD1 . ASN A 1 53  ? -8.296  11.132  -7.045  1.00 40.47  ? 53  ASN A OD1 1 
ATOM   432  N ND2 . ASN A 1 53  ? -8.038  13.253  -7.710  1.00 34.31  ? 53  ASN A ND2 1 
ATOM   433  N N   . PHE A 1 54  ? -4.762  9.880   -10.807 1.00 30.82  ? 54  PHE A N   1 
ATOM   434  C CA  . PHE A 1 54  ? -4.206  9.498   -12.102 1.00 34.54  ? 54  PHE A CA  1 
ATOM   435  C C   . PHE A 1 54  ? -3.603  8.104   -12.052 1.00 35.28  ? 54  PHE A C   1 
ATOM   436  O O   . PHE A 1 54  ? -2.912  7.748   -11.099 1.00 44.79  ? 54  PHE A O   1 
ATOM   437  C CB  . PHE A 1 54  ? -3.088  10.469  -12.548 1.00 35.73  ? 54  PHE A CB  1 
ATOM   438  C CG  . PHE A 1 54  ? -3.567  11.859  -12.893 1.00 35.83  ? 54  PHE A CG  1 
ATOM   439  C CD1 . PHE A 1 54  ? -4.121  12.688  -11.918 1.00 30.08  ? 54  PHE A CD1 1 
ATOM   440  C CD2 . PHE A 1 54  ? -3.465  12.335  -14.196 1.00 34.04  ? 54  PHE A CD2 1 
ATOM   441  C CE1 . PHE A 1 54  ? -4.566  13.961  -12.239 1.00 22.07  ? 54  PHE A CE1 1 
ATOM   442  C CE2 . PHE A 1 54  ? -3.908  13.607  -14.527 1.00 32.20  ? 54  PHE A CE2 1 
ATOM   443  C CZ  . PHE A 1 54  ? -4.462  14.425  -13.546 1.00 32.16  ? 54  PHE A CZ  1 
ATOM   444  N N   . GLU A 1 55  ? -3.867  7.313   -13.081 1.00 35.69  ? 55  GLU A N   1 
ATOM   445  C CA  . GLU A 1 55  ? -3.283  5.991   -13.156 1.00 33.64  ? 55  GLU A CA  1 
ATOM   446  C C   . GLU A 1 55  ? -1.803  6.244   -13.462 1.00 35.61  ? 55  GLU A C   1 
ATOM   447  O O   . GLU A 1 55  ? -0.920  5.538   -12.971 1.00 39.53  ? 55  GLU A O   1 
ATOM   448  C CB  . GLU A 1 55  ? -3.946  5.185   -14.279 1.00 23.31  ? 55  GLU A CB  1 
ATOM   449  C CG  . GLU A 1 55  ? -3.247  3.868   -14.595 1.00 31.19  ? 55  GLU A CG  1 
ATOM   450  C CD  . GLU A 1 55  ? -3.972  3.049   -15.652 1.00 33.62  ? 55  GLU A CD  1 
ATOM   451  O OE1 . GLU A 1 55  ? -4.433  3.633   -16.650 1.00 34.24  ? 55  GLU A OE1 1 
ATOM   452  O OE2 . GLU A 1 55  ? -4.068  1.817   -15.496 1.00 36.97  ? 55  GLU A OE2 1 
ATOM   453  N N   . GLY A 1 56  ? -1.543  7.283   -14.252 1.00 39.99  ? 56  GLY A N   1 
ATOM   454  C CA  . GLY A 1 56  ? -0.177  7.624   -14.626 1.00 41.17  ? 56  GLY A CA  1 
ATOM   455  C C   . GLY A 1 56  ? 0.742   8.075   -13.500 1.00 37.68  ? 56  GLY A C   1 
ATOM   456  O O   . GLY A 1 56  ? 1.903   7.666   -13.423 1.00 37.44  ? 56  GLY A O   1 
ATOM   457  N N   . GLU A 1 57  ? 0.244   8.927   -12.617 1.00 34.73  ? 57  GLU A N   1 
ATOM   458  C CA  . GLU A 1 57  ? 1.084   9.385   -11.530 1.00 40.20  ? 57  GLU A CA  1 
ATOM   459  C C   . GLU A 1 57  ? 1.477   8.212   -10.645 1.00 46.86  ? 57  GLU A C   1 
ATOM   460  O O   . GLU A 1 57  ? 2.604   8.155   -10.142 1.00 54.66  ? 57  GLU A O   1 
ATOM   461  C CB  . GLU A 1 57  ? 0.376   10.493  -10.738 1.00 40.24  ? 57  GLU A CB  1 
ATOM   462  C CG  . GLU A 1 57  ? 0.748   11.895  -11.244 1.00 37.06  ? 57  GLU A CG  1 
ATOM   463  C CD  . GLU A 1 57  ? -0.191  12.990  -10.773 1.00 44.23  ? 57  GLU A CD  1 
ATOM   464  O OE1 . GLU A 1 57  ? -0.750  12.852  -9.665  1.00 37.18  ? 57  GLU A OE1 1 
ATOM   465  O OE2 . GLU A 1 57  ? -0.361  14.002  -11.505 1.00 42.00  ? 57  GLU A OE2 1 
ATOM   466  N N   . ILE A 1 58  ? 0.562   7.258   -10.483 1.00 43.34  ? 58  ILE A N   1 
ATOM   467  C CA  . ILE A 1 58  ? 0.834   6.087   -9.669  1.00 32.82  ? 58  ILE A CA  1 
ATOM   468  C C   . ILE A 1 58  ? 1.967   5.265   -10.294 1.00 38.72  ? 58  ILE A C   1 
ATOM   469  O O   . ILE A 1 58  ? 2.934   4.899   -9.614  1.00 31.92  ? 58  ILE A O   1 
ATOM   470  C CB  . ILE A 1 58  ? -0.441  5.202   -9.497  1.00 31.03  ? 58  ILE A CB  1 
ATOM   471  C CG1 . ILE A 1 58  ? -1.448  5.923   -8.598  1.00 39.42  ? 58  ILE A CG1 1 
ATOM   472  C CG2 . ILE A 1 58  ? -0.087  3.866   -8.861  1.00 27.79  ? 58  ILE A CG2 1 
ATOM   473  C CD1 . ILE A 1 58  ? -2.507  5.016   -7.998  1.00 36.22  ? 58  ILE A CD1 1 
ATOM   474  N N   . ILE A 1 59  ? 1.861   4.986   -11.592 1.00 38.86  ? 59  ILE A N   1 
ATOM   475  C CA  . ILE A 1 59  ? 2.886   4.199   -12.266 1.00 30.32  ? 59  ILE A CA  1 
ATOM   476  C C   . ILE A 1 59  ? 4.232   4.885   -12.153 1.00 37.06  ? 59  ILE A C   1 
ATOM   477  O O   . ILE A 1 59  ? 5.233   4.249   -11.805 1.00 37.40  ? 59  ILE A O   1 
ATOM   478  C CB  . ILE A 1 59  ? 2.511   3.954   -13.739 1.00 29.13  ? 59  ILE A CB  1 
ATOM   479  C CG1 . ILE A 1 59  ? 1.363   2.941   -13.793 1.00 22.62  ? 59  ILE A CG1 1 
ATOM   480  C CG2 . ILE A 1 59  ? 3.709   3.435   -14.525 1.00 24.27  ? 59  ILE A CG2 1 
ATOM   481  C CD1 . ILE A 1 59  ? 0.769   2.736   -15.168 1.00 19.58  ? 59  ILE A CD1 1 
ATOM   482  N N   . ASP A 1 60  ? 4.266   6.184   -12.431 1.00 37.73  ? 60  ASP A N   1 
ATOM   483  C CA  . ASP A 1 60  ? 5.517   6.911   -12.315 1.00 39.13  ? 60  ASP A CA  1 
ATOM   484  C C   . ASP A 1 60  ? 6.053   6.692   -10.921 1.00 38.03  ? 60  ASP A C   1 
ATOM   485  O O   . ASP A 1 60  ? 7.143   6.151   -10.745 1.00 41.36  ? 60  ASP A O   1 
ATOM   486  C CB  . ASP A 1 60  ? 5.323   8.409   -12.556 1.00 34.40  ? 60  ASP A CB  1 
ATOM   487  C CG  . ASP A 1 60  ? 5.189   8.748   -14.030 1.00 47.84  ? 60  ASP A CG  1 
ATOM   488  O OD1 . ASP A 1 60  ? 5.645   7.937   -14.870 1.00 41.45  ? 60  ASP A OD1 1 
ATOM   489  O OD2 . ASP A 1 60  ? 4.647   9.829   -14.350 1.00 49.98  ? 60  ASP A OD2 1 
ATOM   490  N N   . LYS A 1 61  ? 5.276   7.095   -9.924  1.00 34.68  ? 61  LYS A N   1 
ATOM   491  C CA  . LYS A 1 61  ? 5.707   6.940   -8.547  1.00 36.26  ? 61  LYS A CA  1 
ATOM   492  C C   . LYS A 1 61  ? 6.283   5.557   -8.306  1.00 35.28  ? 61  LYS A C   1 
ATOM   493  O O   . LYS A 1 61  ? 7.375   5.432   -7.769  1.00 43.88  ? 61  LYS A O   1 
ATOM   494  C CB  . LYS A 1 61  ? 4.551   7.196   -7.581  1.00 33.72  ? 61  LYS A CB  1 
ATOM   495  C CG  . LYS A 1 61  ? 5.025   7.702   -6.221  1.00 49.95  ? 61  LYS A CG  1 
ATOM   496  C CD  . LYS A 1 61  ? 5.759   9.044   -6.357  1.00 46.25  ? 61  LYS A CD  1 
ATOM   497  C CE  . LYS A 1 61  ? 6.355   9.500   -5.028  1.00 60.90  ? 61  LYS A CE  1 
ATOM   498  N NZ  . LYS A 1 61  ? 6.840   10.915  -5.046  1.00 61.42  ? 61  LYS A NZ  1 
ATOM   499  N N   . ILE A 1 62  ? 5.561   4.514   -8.706  1.00 37.99  ? 62  ILE A N   1 
ATOM   500  C CA  . ILE A 1 62  ? 6.061   3.155   -8.514  1.00 33.05  ? 62  ILE A CA  1 
ATOM   501  C C   . ILE A 1 62  ? 7.458   3.054   -9.111  1.00 33.13  ? 62  ILE A C   1 
ATOM   502  O O   . ILE A 1 62  ? 8.378   2.545   -8.485  1.00 33.64  ? 62  ILE A O   1 
ATOM   503  C CB  . ILE A 1 62  ? 5.209   2.092   -9.242  1.00 34.22  ? 62  ILE A CB  1 
ATOM   504  C CG1 . ILE A 1 62  ? 3.731   2.213   -8.864  1.00 41.92  ? 62  ILE A CG1 1 
ATOM   505  C CG2 . ILE A 1 62  ? 5.744   0.707   -8.913  1.00 35.36  ? 62  ILE A CG2 1 
ATOM   506  C CD1 . ILE A 1 62  ? 3.435   1.940   -7.420  1.00 48.08  ? 62  ILE A CD1 1 
ATOM   507  N N   . GLN A 1 63  ? 7.605   3.555   -10.332 1.00 40.51  ? 63  GLN A N   1 
ATOM   508  C CA  . GLN A 1 63  ? 8.874   3.488   -11.039 1.00 42.78  ? 63  GLN A CA  1 
ATOM   509  C C   . GLN A 1 63  ? 10.044  4.192   -10.368 1.00 48.66  ? 63  GLN A C   1 
ATOM   510  O O   . GLN A 1 63  ? 11.175  3.716   -10.450 1.00 57.29  ? 63  GLN A O   1 
ATOM   511  C CB  . GLN A 1 63  ? 8.686   3.994   -12.468 1.00 33.28  ? 63  GLN A CB  1 
ATOM   512  C CG  . GLN A 1 63  ? 7.692   3.150   -13.238 1.00 41.39  ? 63  GLN A CG  1 
ATOM   513  C CD  . GLN A 1 63  ? 7.593   3.515   -14.703 1.00 45.38  ? 63  GLN A CD  1 
ATOM   514  O OE1 . GLN A 1 63  ? 7.169   4.612   -15.061 1.00 46.87  ? 63  GLN A OE1 1 
ATOM   515  N NE2 . GLN A 1 63  ? 7.981   2.587   -15.562 1.00 38.02  ? 63  GLN A NE2 1 
ATOM   516  N N   . GLU A 1 64  ? 9.780   5.314   -9.706  1.00 50.02  ? 64  GLU A N   1 
ATOM   517  C CA  . GLU A 1 64  ? 10.827  6.060   -9.014  1.00 52.36  ? 64  GLU A CA  1 
ATOM   518  C C   . GLU A 1 64  ? 11.328  5.271   -7.794  1.00 58.86  ? 64  GLU A C   1 
ATOM   519  O O   . GLU A 1 64  ? 12.375  5.574   -7.222  1.00 62.55  ? 64  GLU A O   1 
ATOM   520  C CB  . GLU A 1 64  ? 10.278  7.407   -8.554  1.00 45.32  ? 64  GLU A CB  1 
ATOM   521  C CG  . GLU A 1 64  ? 9.255   8.002   -9.504  1.00 55.76  ? 64  GLU A CG  1 
ATOM   522  C CD  . GLU A 1 64  ? 8.809   9.397   -9.089  1.00 70.19  ? 64  GLU A CD  1 
ATOM   523  O OE1 . GLU A 1 64  ? 8.714   9.654   -7.864  1.00 75.21  ? 64  GLU A OE1 1 
ATOM   524  O OE2 . GLU A 1 64  ? 8.542   10.231  -9.990  1.00 62.25  ? 64  GLU A OE2 1 
ATOM   525  N N   . SER A 1 65  ? 10.570  4.254   -7.403  1.00 63.62  ? 65  SER A N   1 
ATOM   526  C CA  . SER A 1 65  ? 10.918  3.436   -6.252  1.00 67.29  ? 65  SER A CA  1 
ATOM   527  C C   . SER A 1 65  ? 12.078  2.492   -6.505  1.00 66.77  ? 65  SER A C   1 
ATOM   528  O O   . SER A 1 65  ? 12.587  1.872   -5.574  1.00 70.16  ? 65  SER A O   1 
ATOM   529  C CB  . SER A 1 65  ? 9.703   2.632   -5.792  1.00 73.37  ? 65  SER A CB  1 
ATOM   530  O OG  . SER A 1 65  ? 8.685   3.495   -5.316  1.00 87.71  ? 65  SER A OG  1 
ATOM   531  N N   . VAL A 1 66  ? 12.493  2.363   -7.758  1.00 67.16  ? 66  VAL A N   1 
ATOM   532  C CA  . VAL A 1 66  ? 13.615  1.482   -8.059  1.00 73.01  ? 66  VAL A CA  1 
ATOM   533  C C   . VAL A 1 66  ? 14.913  2.150   -7.615  1.00 76.83  ? 66  VAL A C   1 
ATOM   534  O O   . VAL A 1 66  ? 15.999  1.604   -7.808  1.00 77.80  ? 66  VAL A O   1 
ATOM   535  C CB  . VAL A 1 66  ? 13.705  1.149   -9.568  1.00 67.19  ? 66  VAL A CB  1 
ATOM   536  C CG1 . VAL A 1 66  ? 12.463  0.409   -9.996  1.00 58.94  ? 66  VAL A CG1 1 
ATOM   537  C CG2 . VAL A 1 66  ? 13.896  2.423   -10.386 1.00 68.21  ? 66  VAL A CG2 1 
ATOM   538  N N   . GLY A 1 67  ? 14.787  3.336   -7.021  1.00 80.49  ? 67  GLY A N   1 
ATOM   539  C CA  . GLY A 1 67  ? 15.951  4.058   -6.544  1.00 81.25  ? 67  GLY A CA  1 
ATOM   540  C C   . GLY A 1 67  ? 16.663  3.239   -5.489  1.00 82.94  ? 67  GLY A C   1 
ATOM   541  O O   . GLY A 1 67  ? 17.328  2.255   -5.805  1.00 82.77  ? 67  GLY A O   1 
ATOM   542  N N   . SER A 1 68  ? 16.520  3.641   -4.232  1.00 86.58  ? 68  SER A N   1 
ATOM   543  C CA  . SER A 1 68  ? 17.143  2.936   -3.113  1.00 92.89  ? 68  SER A CA  1 
ATOM   544  C C   . SER A 1 68  ? 16.534  3.466   -1.830  1.00 93.85  ? 68  SER A C   1 
ATOM   545  O O   . SER A 1 68  ? 16.321  2.727   -0.868  1.00 98.63  ? 68  SER A O   1 
ATOM   546  C CB  . SER A 1 68  ? 18.661  3.171   -3.084  1.00 93.30  ? 68  SER A CB  1 
ATOM   547  O OG  . SER A 1 68  ? 19.339  2.376   -4.042  1.00 94.88  ? 68  SER A OG  1 
ATOM   548  N N   . ASP A 1 69  ? 16.264  4.765   -1.835  1.00 91.01  ? 69  ASP A N   1 
ATOM   549  C CA  . ASP A 1 69  ? 15.671  5.455   -0.703  1.00 86.56  ? 69  ASP A CA  1 
ATOM   550  C C   . ASP A 1 69  ? 14.449  4.675   -0.226  1.00 83.79  ? 69  ASP A C   1 
ATOM   551  O O   . ASP A 1 69  ? 14.151  4.627   0.966   1.00 80.86  ? 69  ASP A O   1 
ATOM   552  C CB  . ASP A 1 69  ? 15.270  6.857   -1.149  1.00 90.25  ? 69  ASP A CB  1 
ATOM   553  C CG  . ASP A 1 69  ? 15.749  7.169   -2.564  1.00 98.16  ? 69  ASP A CG  1 
ATOM   554  O OD1 . ASP A 1 69  ? 16.978  7.114   -2.810  1.00 94.35  ? 69  ASP A OD1 1 
ATOM   555  O OD2 . ASP A 1 69  ? 14.899  7.462   -3.433  1.00 102.90 ? 69  ASP A OD2 1 
ATOM   556  N N   . TYR A 1 70  ? 13.757  4.050   -1.172  1.00 81.51  ? 70  TYR A N   1 
ATOM   557  C CA  . TYR A 1 70  ? 12.563  3.271   -0.870  1.00 73.72  ? 70  TYR A CA  1 
ATOM   558  C C   . TYR A 1 70  ? 12.877  1.786   -0.747  1.00 71.84  ? 70  TYR A C   1 
ATOM   559  O O   . TYR A 1 70  ? 13.602  1.223   -1.572  1.00 68.94  ? 70  TYR A O   1 
ATOM   560  C CB  . TYR A 1 70  ? 11.520  3.469   -1.964  1.00 69.85  ? 70  TYR A CB  1 
ATOM   561  C CG  . TYR A 1 70  ? 11.091  4.902   -2.175  1.00 64.01  ? 70  TYR A CG  1 
ATOM   562  C CD1 . TYR A 1 70  ? 11.428  5.584   -3.347  1.00 66.79  ? 70  TYR A CD1 1 
ATOM   563  C CD2 . TYR A 1 70  ? 10.301  5.560   -1.231  1.00 58.14  ? 70  TYR A CD2 1 
ATOM   564  C CE1 . TYR A 1 70  ? 10.980  6.882   -3.578  1.00 62.71  ? 70  TYR A CE1 1 
ATOM   565  C CE2 . TYR A 1 70  ? 9.850   6.857   -1.451  1.00 59.36  ? 70  TYR A CE2 1 
ATOM   566  C CZ  . TYR A 1 70  ? 10.189  7.512   -2.627  1.00 62.64  ? 70  TYR A CZ  1 
ATOM   567  O OH  . TYR A 1 70  ? 9.724   8.789   -2.862  1.00 66.32  ? 70  TYR A OH  1 
ATOM   568  N N   . GLU A 1 71  ? 12.316  1.153   0.281   1.00 71.68  ? 71  GLU A N   1 
ATOM   569  C CA  . GLU A 1 71  ? 12.532  -0.271  0.516   1.00 69.33  ? 71  GLU A CA  1 
ATOM   570  C C   . GLU A 1 71  ? 11.241  -1.077  0.540   1.00 66.86  ? 71  GLU A C   1 
ATOM   571  O O   . GLU A 1 71  ? 11.260  -2.285  0.770   1.00 70.09  ? 71  GLU A O   1 
ATOM   572  C CB  . GLU A 1 71  ? 13.290  -0.475  1.824   1.00 65.25  ? 71  GLU A CB  1 
ATOM   573  C CG  . GLU A 1 71  ? 14.796  -0.455  1.659   1.00 73.81  ? 71  GLU A CG  1 
ATOM   574  C CD  . GLU A 1 71  ? 15.516  -0.216  2.964   1.00 80.88  ? 71  GLU A CD  1 
ATOM   575  O OE1 . GLU A 1 71  ? 15.167  -0.880  3.964   1.00 82.47  ? 71  GLU A OE1 1 
ATOM   576  O OE2 . GLU A 1 71  ? 16.434  0.635   2.987   1.00 84.30  ? 71  GLU A OE2 1 
ATOM   577  N N   . GLY A 1 72  ? 10.120  -0.408  0.291   1.00 61.92  ? 72  GLY A N   1 
ATOM   578  C CA  . GLY A 1 72  ? 8.841   -1.090  0.294   1.00 51.08  ? 72  GLY A CA  1 
ATOM   579  C C   . GLY A 1 72  ? 7.700   -0.156  -0.041  1.00 49.16  ? 72  GLY A C   1 
ATOM   580  O O   . GLY A 1 72  ? 7.823   1.061   0.092   1.00 44.05  ? 72  GLY A O   1 
ATOM   581  N N   . ILE A 1 73  ? 6.582   -0.728  -0.474  1.00 46.69  ? 73  ILE A N   1 
ATOM   582  C CA  . ILE A 1 73  ? 5.418   0.072   -0.834  1.00 37.31  ? 73  ILE A CA  1 
ATOM   583  C C   . ILE A 1 73  ? 4.104   -0.498  -0.302  1.00 35.42  ? 73  ILE A C   1 
ATOM   584  O O   . ILE A 1 73  ? 3.794   -1.683  -0.490  1.00 33.97  ? 73  ILE A O   1 
ATOM   585  C CB  . ILE A 1 73  ? 5.263   0.190   -2.370  1.00 34.56  ? 73  ILE A CB  1 
ATOM   586  C CG1 . ILE A 1 73  ? 6.575   0.646   -3.012  1.00 33.09  ? 73  ILE A CG1 1 
ATOM   587  C CG2 . ILE A 1 73  ? 4.149   1.170   -2.697  1.00 38.62  ? 73  ILE A CG2 1 
ATOM   588  C CD1 . ILE A 1 73  ? 6.496   0.835   -4.528  1.00 19.30  ? 73  ILE A CD1 1 
ATOM   589  N N   . ILE A 1 74  ? 3.338   0.349   0.373   1.00 29.66  ? 74  ILE A N   1 
ATOM   590  C CA  . ILE A 1 74  ? 2.032   -0.045  0.864   1.00 30.60  ? 74  ILE A CA  1 
ATOM   591  C C   . ILE A 1 74  ? 1.114   0.713   -0.069  1.00 30.64  ? 74  ILE A C   1 
ATOM   592  O O   . ILE A 1 74  ? 1.150   1.932   -0.105  1.00 42.29  ? 74  ILE A O   1 
ATOM   593  C CB  . ILE A 1 74  ? 1.769   0.439   2.278   1.00 30.61  ? 74  ILE A CB  1 
ATOM   594  C CG1 . ILE A 1 74  ? 2.797   -0.151  3.238   1.00 28.32  ? 74  ILE A CG1 1 
ATOM   595  C CG2 . ILE A 1 74  ? 0.361   0.044   2.688   1.00 36.23  ? 74  ILE A CG2 1 
ATOM   596  C CD1 . ILE A 1 74  ? 2.577   0.274   4.675   1.00 29.09  ? 74  ILE A CD1 1 
ATOM   597  N N   . ILE A 1 75  ? 0.298   0.007   -0.836  1.00 31.94  ? 75  ILE A N   1 
ATOM   598  C CA  . ILE A 1 75  ? -0.568  0.696   -1.776  1.00 33.08  ? 75  ILE A CA  1 
ATOM   599  C C   . ILE A 1 75  ? -2.024  0.275   -1.804  1.00 35.09  ? 75  ILE A C   1 
ATOM   600  O O   . ILE A 1 75  ? -2.378  -0.880  -1.554  1.00 38.02  ? 75  ILE A O   1 
ATOM   601  C CB  . ILE A 1 75  ? 0.014   0.591   -3.223  1.00 36.51  ? 75  ILE A CB  1 
ATOM   602  C CG1 . ILE A 1 75  ? -0.897  1.293   -4.230  1.00 26.00  ? 75  ILE A CG1 1 
ATOM   603  C CG2 . ILE A 1 75  ? 0.189   -0.856  -3.610  1.00 16.35  ? 75  ILE A CG2 1 
ATOM   604  C CD1 . ILE A 1 75  ? -0.343  1.267   -5.640  1.00 37.91  ? 75  ILE A CD1 1 
ATOM   605  N N   . ASN A 1 76  ? -2.865  1.254   -2.102  1.00 33.15  ? 76  ASN A N   1 
ATOM   606  C CA  . ASN A 1 76  ? -4.289  1.045   -2.232  1.00 30.28  ? 76  ASN A CA  1 
ATOM   607  C C   . ASN A 1 76  ? -4.574  1.656   -3.578  1.00 28.88  ? 76  ASN A C   1 
ATOM   608  O O   . ASN A 1 76  ? -4.898  2.832   -3.665  1.00 28.94  ? 76  ASN A O   1 
ATOM   609  C CB  . ASN A 1 76  ? -5.069  1.812   -1.173  1.00 29.80  ? 76  ASN A CB  1 
ATOM   610  C CG  . ASN A 1 76  ? -6.565  1.638   -1.332  1.00 28.85  ? 76  ASN A CG  1 
ATOM   611  O OD1 . ASN A 1 76  ? -7.054  1.385   -2.440  1.00 26.82  ? 76  ASN A OD1 1 
ATOM   612  N ND2 . ASN A 1 76  ? -7.299  1.773   -0.238  1.00 21.75  ? 76  ASN A ND2 1 
ATOM   613  N N   . PRO A 1 77  ? -4.440  0.873   -4.655  1.00 30.99  ? 77  PRO A N   1 
ATOM   614  C CA  . PRO A 1 77  ? -4.712  1.472   -5.963  1.00 28.01  ? 77  PRO A CA  1 
ATOM   615  C C   . PRO A 1 77  ? -6.184  1.844   -6.164  1.00 30.55  ? 77  PRO A C   1 
ATOM   616  O O   . PRO A 1 77  ? -6.567  2.455   -7.170  1.00 23.15  ? 77  PRO A O   1 
ATOM   617  C CB  . PRO A 1 77  ? -4.169  0.425   -6.953  1.00 21.42  ? 77  PRO A CB  1 
ATOM   618  C CG  . PRO A 1 77  ? -4.203  -0.848  -6.192  1.00 23.05  ? 77  PRO A CG  1 
ATOM   619  C CD  . PRO A 1 77  ? -3.880  -0.485  -4.777  1.00 29.43  ? 77  PRO A CD  1 
ATOM   620  N N   . GLY A 1 78  ? -7.004  1.509   -5.175  1.00 31.26  ? 78  GLY A N   1 
ATOM   621  C CA  . GLY A 1 78  ? -8.409  1.836   -5.269  1.00 23.94  ? 78  GLY A CA  1 
ATOM   622  C C   . GLY A 1 78  ? -9.057  1.241   -6.499  1.00 27.21  ? 78  GLY A C   1 
ATOM   623  O O   . GLY A 1 78  ? -8.711  0.142   -6.923  1.00 21.45  ? 78  GLY A O   1 
ATOM   624  N N   . ALA A 1 79  ? -9.988  1.986   -7.086  1.00 20.61  ? 79  ALA A N   1 
ATOM   625  C CA  . ALA A 1 79  ? -10.727 1.522   -8.245  1.00 20.21  ? 79  ALA A CA  1 
ATOM   626  C C   . ALA A 1 79  ? -9.869  1.073   -9.436  1.00 18.05  ? 79  ALA A C   1 
ATOM   627  O O   . ALA A 1 79  ? -10.327 0.306   -10.274 1.00 28.02  ? 79  ALA A O   1 
ATOM   628  C CB  . ALA A 1 79  ? -11.734 2.591   -8.668  1.00 13.54  ? 79  ALA A CB  1 
ATOM   629  N N   . PHE A 1 80  ? -8.628  1.532   -9.506  1.00 26.55  ? 80  PHE A N   1 
ATOM   630  C CA  . PHE A 1 80  ? -7.734  1.149   -10.596 1.00 27.37  ? 80  PHE A CA  1 
ATOM   631  C C   . PHE A 1 80  ? -7.216  -0.274  -10.442 1.00 23.57  ? 80  PHE A C   1 
ATOM   632  O O   . PHE A 1 80  ? -6.652  -0.843  -11.381 1.00 29.58  ? 80  PHE A O   1 
ATOM   633  C CB  . PHE A 1 80  ? -6.517  2.078   -10.666 1.00 33.62  ? 80  PHE A CB  1 
ATOM   634  C CG  . PHE A 1 80  ? -6.841  3.498   -11.010 1.00 28.69  ? 80  PHE A CG  1 
ATOM   635  C CD1 . PHE A 1 80  ? -7.939  3.809   -11.804 1.00 32.07  ? 80  PHE A CD1 1 
ATOM   636  C CD2 . PHE A 1 80  ? -5.995  4.526   -10.599 1.00 40.36  ? 80  PHE A CD2 1 
ATOM   637  C CE1 . PHE A 1 80  ? -8.191  5.129   -12.189 1.00 30.72  ? 80  PHE A CE1 1 
ATOM   638  C CE2 . PHE A 1 80  ? -6.234  5.848   -10.977 1.00 38.41  ? 80  PHE A CE2 1 
ATOM   639  C CZ  . PHE A 1 80  ? -7.337  6.147   -11.776 1.00 37.32  ? 80  PHE A CZ  1 
ATOM   640  N N   . SER A 1 81  ? -7.379  -0.853  -9.260  1.00 20.05  ? 81  SER A N   1 
ATOM   641  C CA  . SER A 1 81  ? -6.888  -2.205  -9.045  1.00 20.99  ? 81  SER A CA  1 
ATOM   642  C C   . SER A 1 81  ? -7.665  -3.274  -9.812  1.00 27.80  ? 81  SER A C   1 
ATOM   643  O O   . SER A 1 81  ? -7.177  -4.394  -10.000 1.00 28.63  ? 81  SER A O   1 
ATOM   644  C CB  . SER A 1 81  ? -6.865  -2.523  -7.549  1.00 19.67  ? 81  SER A CB  1 
ATOM   645  O OG  . SER A 1 81  ? -7.949  -1.932  -6.874  1.00 32.79  ? 81  SER A OG  1 
ATOM   646  N N   . HIS A 1 82  ? -8.860  -2.930  -10.281 1.00 23.84  ? 82  HIS A N   1 
ATOM   647  C CA  . HIS A 1 82  ? -9.665  -3.892  -11.020 1.00 22.41  ? 82  HIS A CA  1 
ATOM   648  C C   . HIS A 1 82  ? -9.527  -3.725  -12.527 1.00 25.74  ? 82  HIS A C   1 
ATOM   649  O O   . HIS A 1 82  ? -9.929  -4.603  -13.293 1.00 33.56  ? 82  HIS A O   1 
ATOM   650  C CB  . HIS A 1 82  ? -11.129 -3.741  -10.628 1.00 19.67  ? 82  HIS A CB  1 
ATOM   651  C CG  . HIS A 1 82  ? -11.324 -3.423  -9.181  1.00 26.48  ? 82  HIS A CG  1 
ATOM   652  N ND1 . HIS A 1 82  ? -11.001 -4.306  -8.174  1.00 25.21  ? 82  HIS A ND1 1 
ATOM   653  C CD2 . HIS A 1 82  ? -11.771 -2.302  -8.569  1.00 28.39  ? 82  HIS A CD2 1 
ATOM   654  C CE1 . HIS A 1 82  ? -11.237 -3.742  -7.003  1.00 30.42  ? 82  HIS A CE1 1 
ATOM   655  N NE2 . HIS A 1 82  ? -11.705 -2.525  -7.215  1.00 38.46  ? 82  HIS A NE2 1 
ATOM   656  N N   . THR A 1 83  ? -8.943  -2.612  -12.957 1.00 22.81  ? 83  THR A N   1 
ATOM   657  C CA  . THR A 1 83  ? -8.801  -2.347  -14.386 1.00 18.77  ? 83  THR A CA  1 
ATOM   658  C C   . THR A 1 83  ? -7.389  -2.152  -14.905 1.00 30.39  ? 83  THR A C   1 
ATOM   659  O O   . THR A 1 83  ? -7.081  -2.488  -16.052 1.00 29.19  ? 83  THR A O   1 
ATOM   660  C CB  . THR A 1 83  ? -9.597  -1.094  -14.772 1.00 15.11  ? 83  THR A CB  1 
ATOM   661  O OG1 . THR A 1 83  ? -9.169  0.016   -13.969 1.00 23.71  ? 83  THR A OG1 1 
ATOM   662  C CG2 . THR A 1 83  ? -11.086 -1.322  -14.548 1.00 19.59  ? 83  THR A CG2 1 
ATOM   663  N N   . SER A 1 84  ? -6.529  -1.619  -14.051 1.00 28.86  ? 84  SER A N   1 
ATOM   664  C CA  . SER A 1 84  ? -5.167  -1.303  -14.441 1.00 22.27  ? 84  SER A CA  1 
ATOM   665  C C   . SER A 1 84  ? -4.167  -2.435  -14.544 1.00 26.78  ? 84  SER A C   1 
ATOM   666  O O   . SER A 1 84  ? -3.553  -2.830  -13.554 1.00 34.02  ? 84  SER A O   1 
ATOM   667  C CB  . SER A 1 84  ? -4.615  -0.230  -13.500 1.00 14.50  ? 84  SER A CB  1 
ATOM   668  O OG  . SER A 1 84  ? -3.347  0.202   -13.925 1.00 19.10  ? 84  SER A OG  1 
ATOM   669  N N   . ILE A 1 85  ? -3.983  -2.959  -15.748 1.00 33.16  ? 85  ILE A N   1 
ATOM   670  C CA  . ILE A 1 85  ? -2.995  -4.002  -15.914 1.00 27.69  ? 85  ILE A CA  1 
ATOM   671  C C   . ILE A 1 85  ? -1.632  -3.291  -15.978 1.00 32.02  ? 85  ILE A C   1 
ATOM   672  O O   . ILE A 1 85  ? -0.596  -3.901  -15.713 1.00 38.53  ? 85  ILE A O   1 
ATOM   673  C CB  . ILE A 1 85  ? -3.279  -4.888  -17.180 1.00 27.80  ? 85  ILE A CB  1 
ATOM   674  C CG1 . ILE A 1 85  ? -2.038  -4.985  -18.055 1.00 31.30  ? 85  ILE A CG1 1 
ATOM   675  C CG2 . ILE A 1 85  ? -4.499  -4.398  -17.924 1.00 26.10  ? 85  ILE A CG2 1 
ATOM   676  C CD1 . ILE A 1 85  ? -1.065  -6.046  -17.581 1.00 57.93  ? 85  ILE A CD1 1 
ATOM   677  N N   . ALA A 1 86  ? -1.651  -1.991  -16.284 1.00 26.67  ? 86  ALA A N   1 
ATOM   678  C CA  . ALA A 1 86  ? -0.427  -1.181  -16.364 1.00 23.99  ? 86  ALA A CA  1 
ATOM   679  C C   . ALA A 1 86  ? 0.180   -0.965  -14.988 1.00 33.05  ? 86  ALA A C   1 
ATOM   680  O O   . ALA A 1 86  ? 1.407   -0.984  -14.841 1.00 29.36  ? 86  ALA A O   1 
ATOM   681  C CB  . ALA A 1 86  ? -0.708  0.173   -17.005 1.00 28.66  ? 86  ALA A CB  1 
ATOM   682  N N   . ILE A 1 87  ? -0.668  -0.736  -13.983 1.00 31.52  ? 87  ILE A N   1 
ATOM   683  C CA  . ILE A 1 87  ? -0.166  -0.551  -12.627 1.00 31.76  ? 87  ILE A CA  1 
ATOM   684  C C   . ILE A 1 87  ? 0.279   -1.913  -12.129 1.00 31.68  ? 87  ILE A C   1 
ATOM   685  O O   . ILE A 1 87  ? 1.238   -2.023  -11.379 1.00 27.01  ? 87  ILE A O   1 
ATOM   686  C CB  . ILE A 1 87  ? -1.231  -0.031  -11.665 1.00 36.17  ? 87  ILE A CB  1 
ATOM   687  C CG1 . ILE A 1 87  ? -1.618  1.404   -12.024 1.00 32.11  ? 87  ILE A CG1 1 
ATOM   688  C CG2 . ILE A 1 87  ? -0.701  -0.101  -10.237 1.00 29.54  ? 87  ILE A CG2 1 
ATOM   689  C CD1 . ILE A 1 87  ? -2.730  1.961   -11.154 1.00 15.09  ? 87  ILE A CD1 1 
ATOM   690  N N   . ALA A 1 88  ? -0.426  -2.953  -12.559 1.00 30.96  ? 88  ALA A N   1 
ATOM   691  C CA  . ALA A 1 88  ? -0.086  -4.307  -12.159 1.00 27.21  ? 88  ALA A CA  1 
ATOM   692  C C   . ALA A 1 88  ? 1.289   -4.652  -12.718 1.00 26.89  ? 88  ALA A C   1 
ATOM   693  O O   . ALA A 1 88  ? 2.091   -5.301  -12.052 1.00 28.88  ? 88  ALA A O   1 
ATOM   694  C CB  . ALA A 1 88  ? -1.135  -5.292  -12.680 1.00 18.42  ? 88  ALA A CB  1 
ATOM   695  N N   . ASP A 1 89  ? 1.556   -4.216  -13.946 1.00 30.38  ? 89  ASP A N   1 
ATOM   696  C CA  . ASP A 1 89  ? 2.843   -4.489  -14.580 1.00 29.72  ? 89  ASP A CA  1 
ATOM   697  C C   . ASP A 1 89  ? 3.945   -3.763  -13.824 1.00 29.90  ? 89  ASP A C   1 
ATOM   698  O O   . ASP A 1 89  ? 4.996   -4.337  -13.561 1.00 32.20  ? 89  ASP A O   1 
ATOM   699  C CB  . ASP A 1 89  ? 2.843   -4.058  -16.055 1.00 17.96  ? 89  ASP A CB  1 
ATOM   700  C CG  . ASP A 1 89  ? 2.132   -5.049  -16.954 1.00 20.88  ? 89  ASP A CG  1 
ATOM   701  O OD1 . ASP A 1 89  ? 1.953   -6.209  -16.538 1.00 21.44  ? 89  ASP A OD1 1 
ATOM   702  O OD2 . ASP A 1 89  ? 1.767   -4.677  -18.092 1.00 38.09  ? 89  ASP A OD2 1 
ATOM   703  N N   . ALA A 1 90  ? 3.691   -2.506  -13.471 1.00 25.77  ? 90  ALA A N   1 
ATOM   704  C CA  . ALA A 1 90  ? 4.649   -1.701  -12.719 1.00 25.84  ? 90  ALA A CA  1 
ATOM   705  C C   . ALA A 1 90  ? 4.969   -2.370  -11.388 1.00 30.55  ? 90  ALA A C   1 
ATOM   706  O O   . ALA A 1 90  ? 6.121   -2.370  -10.952 1.00 33.58  ? 90  ALA A O   1 
ATOM   707  C CB  . ALA A 1 90  ? 4.084   -0.285  -12.464 1.00 14.06  ? 90  ALA A CB  1 
ATOM   708  N N   . ILE A 1 91  ? 3.950   -2.936  -10.743 1.00 29.94  ? 91  ILE A N   1 
ATOM   709  C CA  . ILE A 1 91  ? 4.136   -3.607  -9.457  1.00 35.63  ? 91  ILE A CA  1 
ATOM   710  C C   . ILE A 1 91  ? 5.015   -4.858  -9.577  1.00 37.98  ? 91  ILE A C   1 
ATOM   711  O O   . ILE A 1 91  ? 5.565   -5.344  -8.587  1.00 47.39  ? 91  ILE A O   1 
ATOM   712  C CB  . ILE A 1 91  ? 2.780   -3.992  -8.826  1.00 27.52  ? 91  ILE A CB  1 
ATOM   713  C CG1 . ILE A 1 91  ? 2.014   -2.729  -8.448  1.00 19.40  ? 91  ILE A CG1 1 
ATOM   714  C CG2 . ILE A 1 91  ? 2.996   -4.840  -7.601  1.00 14.83  ? 91  ILE A CG2 1 
ATOM   715  C CD1 . ILE A 1 91  ? 0.619   -2.987  -7.954  1.00 22.86  ? 91  ILE A CD1 1 
ATOM   716  N N   . MET A 1 92  ? 5.149   -5.369  -10.793 1.00 35.66  ? 92  MET A N   1 
ATOM   717  C CA  . MET A 1 92  ? 5.980   -6.545  -11.028 1.00 43.51  ? 92  MET A CA  1 
ATOM   718  C C   . MET A 1 92  ? 7.428   -6.157  -11.341 1.00 42.84  ? 92  MET A C   1 
ATOM   719  O O   . MET A 1 92  ? 8.354   -6.860  -10.948 1.00 45.73  ? 92  MET A O   1 
ATOM   720  C CB  . MET A 1 92  ? 5.411   -7.372  -12.183 1.00 39.18  ? 92  MET A CB  1 
ATOM   721  C CG  . MET A 1 92  ? 4.003   -7.891  -11.937 1.00 34.78  ? 92  MET A CG  1 
ATOM   722  S SD  . MET A 1 92  ? 3.437   -8.940  -13.304 1.00 48.38  ? 92  MET A SD  1 
ATOM   723  C CE  . MET A 1 92  ? 4.333   -10.442 -12.950 1.00 41.04  ? 92  MET A CE  1 
ATOM   724  N N   . LEU A 1 93  ? 7.620   -5.032  -12.030 1.00 48.20  ? 93  LEU A N   1 
ATOM   725  C CA  . LEU A 1 93  ? 8.962   -4.568  -12.397 1.00 52.40  ? 93  LEU A CA  1 
ATOM   726  C C   . LEU A 1 93  ? 9.753   -4.022  -11.207 1.00 54.54  ? 93  LEU A C   1 
ATOM   727  O O   . LEU A 1 93  ? 10.987  -4.078  -11.187 1.00 54.95  ? 93  LEU A O   1 
ATOM   728  C CB  . LEU A 1 93  ? 8.870   -3.501  -13.489 1.00 53.94  ? 93  LEU A CB  1 
ATOM   729  C CG  . LEU A 1 93  ? 7.921   -3.853  -14.636 1.00 59.32  ? 93  LEU A CG  1 
ATOM   730  C CD1 . LEU A 1 93  ? 8.131   -2.876  -15.776 1.00 59.57  ? 93  LEU A CD1 1 
ATOM   731  C CD2 . LEU A 1 93  ? 8.156   -5.287  -15.096 1.00 59.70  ? 93  LEU A CD2 1 
ATOM   732  N N   . ALA A 1 94  ? 9.043   -3.485  -10.223 1.00 55.39  ? 94  ALA A N   1 
ATOM   733  C CA  . ALA A 1 94  ? 9.684   -2.968  -9.027  1.00 56.95  ? 94  ALA A CA  1 
ATOM   734  C C   . ALA A 1 94  ? 10.300  -4.178  -8.345  1.00 61.79  ? 94  ALA A C   1 
ATOM   735  O O   . ALA A 1 94  ? 9.685   -5.246  -8.289  1.00 71.08  ? 94  ALA A O   1 
ATOM   736  C CB  . ALA A 1 94  ? 8.648   -2.319  -8.107  1.00 61.29  ? 94  ALA A CB  1 
ATOM   737  N N   . GLY A 1 95  ? 11.516  -4.029  -7.845  1.00 57.52  ? 95  GLY A N   1 
ATOM   738  C CA  . GLY A 1 95  ? 12.150  -5.145  -7.175  1.00 59.11  ? 95  GLY A CA  1 
ATOM   739  C C   . GLY A 1 95  ? 12.035  -4.950  -5.680  1.00 62.06  ? 95  GLY A C   1 
ATOM   740  O O   . GLY A 1 95  ? 13.026  -5.046  -4.953  1.00 71.15  ? 95  GLY A O   1 
ATOM   741  N N   . LYS A 1 96  ? 10.822  -4.672  -5.218  1.00 53.03  ? 96  LYS A N   1 
ATOM   742  C CA  . LYS A 1 96  ? 10.594  -4.438  -3.803  1.00 54.17  ? 96  LYS A CA  1 
ATOM   743  C C   . LYS A 1 96  ? 9.235   -4.954  -3.359  1.00 51.74  ? 96  LYS A C   1 
ATOM   744  O O   . LYS A 1 96  ? 8.340   -5.163  -4.172  1.00 52.44  ? 96  LYS A O   1 
ATOM   745  C CB  . LYS A 1 96  ? 10.699  -2.938  -3.504  1.00 57.82  ? 96  LYS A CB  1 
ATOM   746  C CG  . LYS A 1 96  ? 11.702  -2.602  -2.416  1.00 74.27  ? 96  LYS A CG  1 
ATOM   747  C CD  . LYS A 1 96  ? 13.126  -2.988  -2.826  1.00 79.61  ? 96  LYS A CD  1 
ATOM   748  C CE  . LYS A 1 96  ? 14.085  -2.994  -1.631  1.00 81.73  ? 96  LYS A CE  1 
ATOM   749  N NZ  . LYS A 1 96  ? 13.770  -4.056  -0.617  1.00 68.79  ? 96  LYS A NZ  1 
ATOM   750  N N   . PRO A 1 97  ? 9.068   -5.186  -2.051  1.00 50.17  ? 97  PRO A N   1 
ATOM   751  C CA  . PRO A 1 97  ? 7.784   -5.679  -1.553  1.00 50.13  ? 97  PRO A CA  1 
ATOM   752  C C   . PRO A 1 97  ? 6.661   -4.647  -1.664  1.00 47.64  ? 97  PRO A C   1 
ATOM   753  O O   . PRO A 1 97  ? 6.810   -3.496  -1.249  1.00 49.94  ? 97  PRO A O   1 
ATOM   754  C CB  . PRO A 1 97  ? 8.096   -6.035  -0.103  1.00 51.44  ? 97  PRO A CB  1 
ATOM   755  C CG  . PRO A 1 97  ? 9.528   -6.458  -0.176  1.00 45.59  ? 97  PRO A CG  1 
ATOM   756  C CD  . PRO A 1 97  ? 10.119  -5.375  -1.038  1.00 45.68  ? 97  PRO A CD  1 
ATOM   757  N N   . VAL A 1 98  ? 5.541   -5.073  -2.232  1.00 44.13  ? 98  VAL A N   1 
ATOM   758  C CA  . VAL A 1 98  ? 4.378   -4.213  -2.379  1.00 33.50  ? 98  VAL A CA  1 
ATOM   759  C C   . VAL A 1 98  ? 3.205   -4.900  -1.697  1.00 36.02  ? 98  VAL A C   1 
ATOM   760  O O   . VAL A 1 98  ? 2.918   -6.060  -1.972  1.00 46.33  ? 98  VAL A O   1 
ATOM   761  C CB  . VAL A 1 98  ? 4.021   -3.986  -3.867  1.00 32.27  ? 98  VAL A CB  1 
ATOM   762  C CG1 . VAL A 1 98  ? 2.797   -3.059  -3.968  1.00 12.71  ? 98  VAL A CG1 1 
ATOM   763  C CG2 . VAL A 1 98  ? 5.226   -3.400  -4.616  1.00 11.54  ? 98  VAL A CG2 1 
ATOM   764  N N   . ILE A 1 99  ? 2.538   -4.198  -0.795  1.00 35.24  ? 99  ILE A N   1 
ATOM   765  C CA  . ILE A 1 99  ? 1.393   -4.783  -0.115  1.00 37.64  ? 99  ILE A CA  1 
ATOM   766  C C   . ILE A 1 99  ? 0.153   -3.983  -0.481  1.00 40.38  ? 99  ILE A C   1 
ATOM   767  O O   . ILE A 1 99  ? 0.127   -2.761  -0.325  1.00 34.70  ? 99  ILE A O   1 
ATOM   768  C CB  . ILE A 1 99  ? 1.579   -4.764  1.413   1.00 38.60  ? 99  ILE A CB  1 
ATOM   769  C CG1 . ILE A 1 99  ? 2.825   -5.564  1.789   1.00 41.47  ? 99  ILE A CG1 1 
ATOM   770  C CG2 . ILE A 1 99  ? 0.355   -5.355  2.098   1.00 34.52  ? 99  ILE A CG2 1 
ATOM   771  C CD1 . ILE A 1 99  ? 3.178   -5.482  3.242   1.00 33.12  ? 99  ILE A CD1 1 
ATOM   772  N N   . GLU A 1 100 ? -0.872  -4.671  -0.976  1.00 34.06  ? 100 GLU A N   1 
ATOM   773  C CA  . GLU A 1 100 ? -2.095  -3.991  -1.371  1.00 26.32  ? 100 GLU A CA  1 
ATOM   774  C C   . GLU A 1 100 ? -3.101  -3.872  -0.246  1.00 26.99  ? 100 GLU A C   1 
ATOM   775  O O   . GLU A 1 100 ? -3.442  -4.850  0.424   1.00 28.05  ? 100 GLU A O   1 
ATOM   776  C CB  . GLU A 1 100 ? -2.745  -4.695  -2.561  1.00 27.02  ? 100 GLU A CB  1 
ATOM   777  C CG  . GLU A 1 100 ? -4.076  -4.062  -2.970  1.00 17.98  ? 100 GLU A CG  1 
ATOM   778  C CD  . GLU A 1 100 ? -4.392  -4.293  -4.431  1.00 35.99  ? 100 GLU A CD  1 
ATOM   779  O OE1 . GLU A 1 100 ? -3.654  -3.751  -5.290  1.00 28.89  ? 100 GLU A OE1 1 
ATOM   780  O OE2 . GLU A 1 100 ? -5.376  -5.013  -4.716  1.00 22.72  ? 100 GLU A OE2 1 
ATOM   781  N N   . VAL A 1 101 ? -3.593  -2.660  -0.057  1.00 18.79  ? 101 VAL A N   1 
ATOM   782  C CA  . VAL A 1 101 ? -4.543  -2.419  0.996   1.00 14.72  ? 101 VAL A CA  1 
ATOM   783  C C   . VAL A 1 101 ? -5.866  -1.854  0.488   1.00 21.34  ? 101 VAL A C   1 
ATOM   784  O O   . VAL A 1 101 ? -5.889  -0.942  -0.329  1.00 27.53  ? 101 VAL A O   1 
ATOM   785  C CB  . VAL A 1 101 ? -3.924  -1.454  2.051   1.00 15.04  ? 101 VAL A CB  1 
ATOM   786  C CG1 . VAL A 1 101 ? -4.981  -0.930  2.980   1.00 3.86   ? 101 VAL A CG1 1 
ATOM   787  C CG2 . VAL A 1 101 ? -2.875  -2.183  2.849   1.00 9.65   ? 101 VAL A CG2 1 
ATOM   788  N N   . HIS A 1 102 ? -6.960  -2.411  0.992   1.00 19.74  ? 102 HIS A N   1 
ATOM   789  C CA  . HIS A 1 102 ? -8.310  -1.976  0.652   1.00 24.38  ? 102 HIS A CA  1 
ATOM   790  C C   . HIS A 1 102 ? -9.097  -1.741  1.948   1.00 30.01  ? 102 HIS A C   1 
ATOM   791  O O   . HIS A 1 102 ? -9.232  -2.644  2.767   1.00 35.11  ? 102 HIS A O   1 
ATOM   792  C CB  . HIS A 1 102 ? -9.026  -3.044  -0.182  1.00 21.01  ? 102 HIS A CB  1 
ATOM   793  C CG  . HIS A 1 102 ? -8.477  -3.202  -1.564  1.00 30.58  ? 102 HIS A CG  1 
ATOM   794  N ND1 . HIS A 1 102 ? -8.699  -2.274  -2.560  1.00 30.99  ? 102 HIS A ND1 1 
ATOM   795  C CD2 . HIS A 1 102 ? -7.693  -4.161  -2.109  1.00 27.14  ? 102 HIS A CD2 1 
ATOM   796  C CE1 . HIS A 1 102 ? -8.072  -2.657  -3.658  1.00 36.49  ? 102 HIS A CE1 1 
ATOM   797  N NE2 . HIS A 1 102 ? -7.455  -3.798  -3.412  1.00 24.44  ? 102 HIS A NE2 1 
ATOM   798  N N   . LEU A 1 103 ? -9.604  -0.524  2.132   1.00 28.79  ? 103 LEU A N   1 
ATOM   799  C CA  . LEU A 1 103 ? -10.396 -0.177  3.304   1.00 25.04  ? 103 LEU A CA  1 
ATOM   800  C C   . LEU A 1 103 ? -11.591 -1.106  3.416   1.00 30.09  ? 103 LEU A C   1 
ATOM   801  O O   . LEU A 1 103 ? -11.844 -1.704  4.459   1.00 40.70  ? 103 LEU A O   1 
ATOM   802  C CB  . LEU A 1 103 ? -10.901 1.262   3.196   1.00 35.51  ? 103 LEU A CB  1 
ATOM   803  C CG  . LEU A 1 103 ? -9.845  2.362   3.196   1.00 37.73  ? 103 LEU A CG  1 
ATOM   804  C CD1 . LEU A 1 103 ? -10.501 3.722   3.019   1.00 32.56  ? 103 LEU A CD1 1 
ATOM   805  C CD2 . LEU A 1 103 ? -9.079  2.297   4.497   1.00 36.18  ? 103 LEU A CD2 1 
ATOM   806  N N   . THR A 1 104 ? -12.333 -1.213  2.324   1.00 36.24  ? 104 THR A N   1 
ATOM   807  C CA  . THR A 1 104 ? -13.508 -2.069  2.273   1.00 28.60  ? 104 THR A CA  1 
ATOM   808  C C   . THR A 1 104 ? -13.123 -3.461  1.822   1.00 22.58  ? 104 THR A C   1 
ATOM   809  O O   . THR A 1 104 ? -11.989 -3.698  1.429   1.00 28.30  ? 104 THR A O   1 
ATOM   810  C CB  . THR A 1 104 ? -14.529 -1.526  1.287   1.00 23.73  ? 104 THR A CB  1 
ATOM   811  O OG1 . THR A 1 104 ? -13.928 -1.422  -0.010  1.00 30.62  ? 104 THR A OG1 1 
ATOM   812  C CG2 . THR A 1 104 ? -14.999 -0.164  1.726   1.00 13.25  ? 104 THR A CG2 1 
ATOM   813  N N   . ASN A 1 105 ? -14.086 -4.371  1.886   1.00 25.99  ? 105 ASN A N   1 
ATOM   814  C CA  . ASN A 1 105 ? -13.900 -5.758  1.463   1.00 28.90  ? 105 ASN A CA  1 
ATOM   815  C C   . ASN A 1 105 ? -14.393 -5.819  0.010   1.00 31.84  ? 105 ASN A C   1 
ATOM   816  O O   . ASN A 1 105 ? -15.599 -5.792  -0.234  1.00 29.15  ? 105 ASN A O   1 
ATOM   817  C CB  . ASN A 1 105 ? -14.732 -6.682  2.370   1.00 22.29  ? 105 ASN A CB  1 
ATOM   818  C CG  . ASN A 1 105 ? -14.583 -8.166  2.020   1.00 34.94  ? 105 ASN A CG  1 
ATOM   819  O OD1 . ASN A 1 105 ? -14.886 -9.035  2.839   1.00 34.87  ? 105 ASN A OD1 1 
ATOM   820  N ND2 . ASN A 1 105 ? -14.129 -8.456  0.804   1.00 36.16  ? 105 ASN A ND2 1 
ATOM   821  N N   . ILE A 1 106 ? -13.470 -5.883  -0.949  1.00 30.34  ? 106 ILE A N   1 
ATOM   822  C CA  . ILE A 1 106 ? -13.868 -5.915  -2.351  1.00 28.45  ? 106 ILE A CA  1 
ATOM   823  C C   . ILE A 1 106 ? -14.590 -7.186  -2.780  1.00 29.85  ? 106 ILE A C   1 
ATOM   824  O O   . ILE A 1 106 ? -15.087 -7.274  -3.906  1.00 31.63  ? 106 ILE A O   1 
ATOM   825  C CB  . ILE A 1 106 ? -12.679 -5.673  -3.305  1.00 20.32  ? 106 ILE A CB  1 
ATOM   826  C CG1 . ILE A 1 106 ? -11.562 -6.670  -3.027  1.00 30.04  ? 106 ILE A CG1 1 
ATOM   827  C CG2 . ILE A 1 106 ? -12.200 -4.263  -3.156  1.00 17.26  ? 106 ILE A CG2 1 
ATOM   828  C CD1 . ILE A 1 106 ? -10.542 -6.737  -4.119  1.00 37.30  ? 106 ILE A CD1 1 
ATOM   829  N N   . GLN A 1 107 ? -14.649 -8.176  -1.896  1.00 30.27  ? 107 GLN A N   1 
ATOM   830  C CA  . GLN A 1 107 ? -15.376 -9.405  -2.223  1.00 35.98  ? 107 GLN A CA  1 
ATOM   831  C C   . GLN A 1 107 ? -16.872 -9.160  -1.984  1.00 31.42  ? 107 GLN A C   1 
ATOM   832  O O   . GLN A 1 107 ? -17.713 -9.815  -2.572  1.00 33.41  ? 107 GLN A O   1 
ATOM   833  C CB  . GLN A 1 107 ? -14.901 -10.575 -1.345  1.00 30.23  ? 107 GLN A CB  1 
ATOM   834  C CG  . GLN A 1 107 ? -13.543 -11.165 -1.728  1.00 36.79  ? 107 GLN A CG  1 
ATOM   835  C CD  . GLN A 1 107 ? -13.586 -11.967 -3.033  1.00 39.74  ? 107 GLN A CD  1 
ATOM   836  O OE1 . GLN A 1 107 ? -14.236 -13.012 -3.114  1.00 28.92  ? 107 GLN A OE1 1 
ATOM   837  N NE2 . GLN A 1 107 ? -12.890 -11.474 -4.056  1.00 44.55  ? 107 GLN A NE2 1 
ATOM   838  N N   . ALA A 1 108 ? -17.191 -8.182  -1.139  1.00 38.65  ? 108 ALA A N   1 
ATOM   839  C CA  . ALA A 1 108 ? -18.578 -7.874  -0.778  1.00 34.37  ? 108 ALA A CA  1 
ATOM   840  C C   . ALA A 1 108 ? -19.204 -6.620  -1.383  1.00 40.53  ? 108 ALA A C   1 
ATOM   841  O O   . ALA A 1 108 ? -19.997 -5.944  -0.729  1.00 43.95  ? 108 ALA A O   1 
ATOM   842  C CB  . ALA A 1 108 ? -18.701 -7.816  0.741   1.00 25.23  ? 108 ALA A CB  1 
ATOM   843  N N   . ARG A 1 109 ? -18.867 -6.305  -2.625  1.00 42.30  ? 109 ARG A N   1 
ATOM   844  C CA  . ARG A 1 109 ? -19.452 -5.138  -3.261  1.00 33.99  ? 109 ARG A CA  1 
ATOM   845  C C   . ARG A 1 109 ? -19.818 -5.475  -4.687  1.00 38.41  ? 109 ARG A C   1 
ATOM   846  O O   . ARG A 1 109 ? -20.036 -6.638  -5.007  1.00 44.93  ? 109 ARG A O   1 
ATOM   847  C CB  . ARG A 1 109 ? -18.474 -3.972  -3.199  1.00 31.82  ? 109 ARG A CB  1 
ATOM   848  C CG  . ARG A 1 109 ? -18.204 -3.562  -1.764  1.00 33.09  ? 109 ARG A CG  1 
ATOM   849  C CD  . ARG A 1 109 ? -17.106 -2.535  -1.640  1.00 30.12  ? 109 ARG A CD  1 
ATOM   850  N NE  . ARG A 1 109 ? -17.457 -1.282  -2.284  1.00 28.04  ? 109 ARG A NE  1 
ATOM   851  C CZ  . ARG A 1 109 ? -16.693 -0.200  -2.244  1.00 32.96  ? 109 ARG A CZ  1 
ATOM   852  N NH1 . ARG A 1 109 ? -15.540 -0.234  -1.588  1.00 16.11  ? 109 ARG A NH1 1 
ATOM   853  N NH2 . ARG A 1 109 ? -17.079 0.910   -2.857  1.00 32.52  ? 109 ARG A NH2 1 
ATOM   854  N N   . GLU A 1 110 ? -19.895 -4.469  -5.546  1.00 38.35  ? 110 GLU A N   1 
ATOM   855  C CA  . GLU A 1 110 ? -20.239 -4.706  -6.939  1.00 36.80  ? 110 GLU A CA  1 
ATOM   856  C C   . GLU A 1 110 ? -19.318 -5.760  -7.593  1.00 38.06  ? 110 GLU A C   1 
ATOM   857  O O   . GLU A 1 110 ? -18.125 -5.850  -7.288  1.00 34.04  ? 110 GLU A O   1 
ATOM   858  C CB  . GLU A 1 110 ? -20.175 -3.391  -7.707  1.00 28.60  ? 110 GLU A CB  1 
ATOM   859  C CG  . GLU A 1 110 ? -20.790 -2.238  -6.953  1.00 39.39  ? 110 GLU A CG  1 
ATOM   860  C CD  . GLU A 1 110 ? -19.746 -1.330  -6.326  1.00 48.01  ? 110 GLU A CD  1 
ATOM   861  O OE1 . GLU A 1 110 ? -18.879 -1.834  -5.576  1.00 47.30  ? 110 GLU A OE1 1 
ATOM   862  O OE2 . GLU A 1 110 ? -19.797 -0.108  -6.584  1.00 53.41  ? 110 GLU A OE2 1 
ATOM   863  N N   . GLU A 1 111 ? -19.884 -6.552  -8.495  1.00 30.98  ? 111 GLU A N   1 
ATOM   864  C CA  . GLU A 1 111 ? -19.126 -7.593  -9.163  1.00 31.37  ? 111 GLU A CA  1 
ATOM   865  C C   . GLU A 1 111 ? -17.832 -7.080  -9.767  1.00 30.97  ? 111 GLU A C   1 
ATOM   866  O O   . GLU A 1 111 ? -16.849 -7.812  -9.820  1.00 29.26  ? 111 GLU A O   1 
ATOM   867  C CB  . GLU A 1 111 ? -19.963 -8.254  -10.260 1.00 38.65  ? 111 GLU A CB  1 
ATOM   868  C CG  . GLU A 1 111 ? -19.453 -9.634  -10.671 1.00 50.93  ? 111 GLU A CG  1 
ATOM   869  C CD  . GLU A 1 111 ? -19.620 -10.674 -9.560  1.00 63.93  ? 111 GLU A CD  1 
ATOM   870  O OE1 . GLU A 1 111 ? -19.013 -11.767 -9.657  1.00 56.82  ? 111 GLU A OE1 1 
ATOM   871  O OE2 . GLU A 1 111 ? -20.368 -10.400 -8.594  1.00 64.79  ? 111 GLU A OE2 1 
ATOM   872  N N   . PHE A 1 112 ? -17.812 -5.831  -10.220 1.00 25.08  ? 112 PHE A N   1 
ATOM   873  C CA  . PHE A 1 112 ? -16.587 -5.311  -10.821 1.00 27.94  ? 112 PHE A CA  1 
ATOM   874  C C   . PHE A 1 112 ? -15.504 -4.863  -9.832  1.00 33.87  ? 112 PHE A C   1 
ATOM   875  O O   . PHE A 1 112 ? -14.570 -4.180  -10.219 1.00 39.14  ? 112 PHE A O   1 
ATOM   876  C CB  . PHE A 1 112 ? -16.898 -4.178  -11.821 1.00 20.31  ? 112 PHE A CB  1 
ATOM   877  C CG  . PHE A 1 112 ? -17.698 -3.047  -11.247 1.00 25.27  ? 112 PHE A CG  1 
ATOM   878  C CD1 . PHE A 1 112 ? -17.114 -2.125  -10.375 1.00 25.66  ? 112 PHE A CD1 1 
ATOM   879  C CD2 . PHE A 1 112 ? -19.043 -2.905  -11.566 1.00 25.76  ? 112 PHE A CD2 1 
ATOM   880  C CE1 . PHE A 1 112 ? -17.869 -1.077  -9.827  1.00 24.62  ? 112 PHE A CE1 1 
ATOM   881  C CE2 . PHE A 1 112 ? -19.805 -1.859  -11.020 1.00 26.48  ? 112 PHE A CE2 1 
ATOM   882  C CZ  . PHE A 1 112 ? -19.217 -0.951  -10.152 1.00 15.77  ? 112 PHE A CZ  1 
ATOM   883  N N   . ARG A 1 113 ? -15.622 -5.246  -8.565  1.00 33.34  ? 113 ARG A N   1 
ATOM   884  C CA  . ARG A 1 113 ? -14.603 -4.888  -7.586  1.00 27.92  ? 113 ARG A CA  1 
ATOM   885  C C   . ARG A 1 113 ? -13.990 -6.147  -7.007  1.00 38.26  ? 113 ARG A C   1 
ATOM   886  O O   . ARG A 1 113 ? -13.044 -6.070  -6.220  1.00 40.51  ? 113 ARG A O   1 
ATOM   887  C CB  . ARG A 1 113 ? -15.174 -4.072  -6.427  1.00 25.47  ? 113 ARG A CB  1 
ATOM   888  C CG  . ARG A 1 113 ? -15.392 -2.593  -6.698  1.00 29.24  ? 113 ARG A CG  1 
ATOM   889  C CD  . ARG A 1 113 ? -15.480 -1.833  -5.358  1.00 20.85  ? 113 ARG A CD  1 
ATOM   890  N NE  . ARG A 1 113 ? -16.368 -0.669  -5.410  1.00 41.08  ? 113 ARG A NE  1 
ATOM   891  C CZ  . ARG A 1 113 ? -16.108 0.450   -6.075  1.00 34.72  ? 113 ARG A CZ  1 
ATOM   892  N NH1 . ARG A 1 113 ? -14.982 0.565   -6.745  1.00 31.95  ? 113 ARG A NH1 1 
ATOM   893  N NH2 . ARG A 1 113 ? -16.981 1.446   -6.090  1.00 24.73  ? 113 ARG A NH2 1 
ATOM   894  N N   . LYS A 1 114 ? -14.525 -7.308  -7.385  1.00 35.82  ? 114 LYS A N   1 
ATOM   895  C CA  . LYS A 1 114 ? -14.016 -8.572  -6.861  1.00 32.57  ? 114 LYS A CA  1 
ATOM   896  C C   . LYS A 1 114 ? -12.584 -8.889  -7.282  1.00 33.44  ? 114 LYS A C   1 
ATOM   897  O O   . LYS A 1 114 ? -11.783 -9.373  -6.483  1.00 34.06  ? 114 LYS A O   1 
ATOM   898  C CB  . LYS A 1 114 ? -14.918 -9.737  -7.275  1.00 40.13  ? 114 LYS A CB  1 
ATOM   899  C CG  . LYS A 1 114 ? -16.293 -9.770  -6.613  1.00 48.14  ? 114 LYS A CG  1 
ATOM   900  C CD  . LYS A 1 114 ? -16.911 -11.161 -6.756  1.00 49.34  ? 114 LYS A CD  1 
ATOM   901  C CE  . LYS A 1 114 ? -18.427 -11.164 -6.545  1.00 47.60  ? 114 LYS A CE  1 
ATOM   902  N NZ  . LYS A 1 114 ? -18.858 -10.743 -5.192  1.00 43.93  ? 114 LYS A NZ  1 
ATOM   903  N N   . ASN A 1 115 ? -12.268 -8.614  -8.541  1.00 34.03  ? 115 ASN A N   1 
ATOM   904  C CA  . ASN A 1 115 ? -10.947 -8.893  -9.072  1.00 24.60  ? 115 ASN A CA  1 
ATOM   905  C C   . ASN A 1 115 ? -9.961  -7.741  -8.916  1.00 33.42  ? 115 ASN A C   1 
ATOM   906  O O   . ASN A 1 115 ? -10.314 -6.567  -9.041  1.00 25.05  ? 115 ASN A O   1 
ATOM   907  C CB  . ASN A 1 115 ? -11.080 -9.296  -10.547 1.00 37.57  ? 115 ASN A CB  1 
ATOM   908  C CG  . ASN A 1 115 ? -10.066 -8.604  -11.458 1.00 48.40  ? 115 ASN A CG  1 
ATOM   909  O OD1 . ASN A 1 115 ? -10.136 -7.391  -11.681 1.00 41.57  ? 115 ASN A OD1 1 
ATOM   910  N ND2 . ASN A 1 115 ? -9.125  -9.383  -11.998 1.00 40.86  ? 115 ASN A ND2 1 
ATOM   911  N N   . SER A 1 116 ? -8.715  -8.088  -8.619  1.00 33.45  ? 116 SER A N   1 
ATOM   912  C CA  . SER A 1 116 ? -7.666  -7.093  -8.473  1.00 30.66  ? 116 SER A CA  1 
ATOM   913  C C   . SER A 1 116 ? -6.461  -7.498  -9.303  1.00 30.90  ? 116 SER A C   1 
ATOM   914  O O   . SER A 1 116 ? -5.760  -8.456  -8.973  1.00 33.81  ? 116 SER A O   1 
ATOM   915  C CB  . SER A 1 116 ? -7.243  -6.948  -7.017  1.00 15.90  ? 116 SER A CB  1 
ATOM   916  O OG  . SER A 1 116 ? -6.251  -5.943  -6.921  1.00 37.06  ? 116 SER A OG  1 
ATOM   917  N N   . TYR A 1 117 ? -6.232  -6.782  -10.394 1.00 24.56  ? 117 TYR A N   1 
ATOM   918  C CA  . TYR A 1 117 ? -5.092  -7.078  -11.258 1.00 30.83  ? 117 TYR A CA  1 
ATOM   919  C C   . TYR A 1 117 ? -3.830  -6.730  -10.473 1.00 32.25  ? 117 TYR A C   1 
ATOM   920  O O   . TYR A 1 117 ? -2.859  -7.490  -10.434 1.00 26.95  ? 117 TYR A O   1 
ATOM   921  C CB  . TYR A 1 117 ? -5.129  -6.210  -12.522 1.00 24.66  ? 117 TYR A CB  1 
ATOM   922  C CG  . TYR A 1 117 ? -6.131  -6.594  -13.580 1.00 10.64  ? 117 TYR A CG  1 
ATOM   923  C CD1 . TYR A 1 117 ? -6.174  -7.891  -14.097 1.00 30.13  ? 117 TYR A CD1 1 
ATOM   924  C CD2 . TYR A 1 117 ? -6.948  -5.631  -14.167 1.00 29.92  ? 117 TYR A CD2 1 
ATOM   925  C CE1 . TYR A 1 117 ? -6.988  -8.222  -15.184 1.00 18.90  ? 117 TYR A CE1 1 
ATOM   926  C CE2 . TYR A 1 117 ? -7.770  -5.942  -15.256 1.00 21.40  ? 117 TYR A CE2 1 
ATOM   927  C CZ  . TYR A 1 117 ? -7.778  -7.238  -15.765 1.00 30.17  ? 117 TYR A CZ  1 
ATOM   928  O OH  . TYR A 1 117 ? -8.519  -7.526  -16.888 1.00 29.17  ? 117 TYR A OH  1 
ATOM   929  N N   . THR A 1 118 ? -3.874  -5.554  -9.853  1.00 28.29  ? 118 THR A N   1 
ATOM   930  C CA  . THR A 1 118 ? -2.779  -5.028  -9.064  1.00 30.53  ? 118 THR A CA  1 
ATOM   931  C C   . THR A 1 118 ? -2.489  -5.906  -7.842  1.00 40.08  ? 118 THR A C   1 
ATOM   932  O O   . THR A 1 118 ? -1.340  -6.276  -7.591  1.00 38.26  ? 118 THR A O   1 
ATOM   933  C CB  . THR A 1 118 ? -3.096  -3.577  -8.620  1.00 34.44  ? 118 THR A CB  1 
ATOM   934  O OG1 . THR A 1 118 ? -4.312  -3.555  -7.857  1.00 20.72  ? 118 THR A OG1 1 
ATOM   935  C CG2 . THR A 1 118 ? -3.267  -2.665  -9.850  1.00 23.20  ? 118 THR A CG2 1 
ATOM   936  N N   . GLY A 1 119 ? -3.534  -6.250  -7.095  1.00 33.59  ? 119 GLY A N   1 
ATOM   937  C CA  . GLY A 1 119 ? -3.357  -7.078  -5.918  1.00 32.93  ? 119 GLY A CA  1 
ATOM   938  C C   . GLY A 1 119 ? -2.742  -8.437  -6.216  1.00 33.94  ? 119 GLY A C   1 
ATOM   939  O O   . GLY A 1 119 ? -2.054  -9.005  -5.367  1.00 37.46  ? 119 GLY A O   1 
ATOM   940  N N   . ALA A 1 120 ? -2.989  -8.966  -7.409  1.00 27.08  ? 120 ALA A N   1 
ATOM   941  C CA  . ALA A 1 120 ? -2.441  -10.260 -7.790  1.00 24.77  ? 120 ALA A CA  1 
ATOM   942  C C   . ALA A 1 120 ? -0.976  -10.150 -8.161  1.00 28.77  ? 120 ALA A C   1 
ATOM   943  O O   . ALA A 1 120 ? -0.314  -11.162 -8.375  1.00 36.06  ? 120 ALA A O   1 
ATOM   944  C CB  . ALA A 1 120 ? -3.214  -10.841 -8.944  1.00 23.31  ? 120 ALA A CB  1 
ATOM   945  N N   . ALA A 1 121 ? -0.473  -8.921  -8.248  1.00 31.14  ? 121 ALA A N   1 
ATOM   946  C CA  . ALA A 1 121 ? 0.941   -8.689  -8.562  1.00 35.27  ? 121 ALA A CA  1 
ATOM   947  C C   . ALA A 1 121 ? 1.721   -8.552  -7.242  1.00 35.11  ? 121 ALA A C   1 
ATOM   948  O O   . ALA A 1 121 ? 2.842   -9.042  -7.110  1.00 43.38  ? 121 ALA A O   1 
ATOM   949  C CB  . ALA A 1 121 ? 1.103   -7.415  -9.418  1.00 30.51  ? 121 ALA A CB  1 
ATOM   950  N N   . CYS A 1 122 ? 1.105   -7.889  -6.269  1.00 34.93  ? 122 CYS A N   1 
ATOM   951  C CA  . CYS A 1 122 ? 1.700   -7.688  -4.954  1.00 37.30  ? 122 CYS A CA  1 
ATOM   952  C C   . CYS A 1 122 ? 1.948   -9.017  -4.260  1.00 41.78  ? 122 CYS A C   1 
ATOM   953  O O   . CYS A 1 122 ? 1.490   -10.070 -4.716  1.00 38.22  ? 122 CYS A O   1 
ATOM   954  C CB  . CYS A 1 122 ? 0.766   -6.848  -4.075  1.00 29.81  ? 122 CYS A CB  1 
ATOM   955  S SG  . CYS A 1 122 ? 0.288   -5.280  -4.796  1.00 44.49  ? 122 CYS A SG  1 
ATOM   956  N N   . GLY A 1 123 ? 2.668   -8.956  -3.145  1.00 43.60  ? 123 GLY A N   1 
ATOM   957  C CA  . GLY A 1 123 ? 2.953   -10.157 -2.384  1.00 45.24  ? 123 GLY A CA  1 
ATOM   958  C C   . GLY A 1 123 ? 1.716   -10.580 -1.613  1.00 47.74  ? 123 GLY A C   1 
ATOM   959  O O   . GLY A 1 123 ? 1.341   -11.757 -1.615  1.00 52.32  ? 123 GLY A O   1 
ATOM   960  N N   . GLY A 1 124 ? 1.073   -9.613  -0.961  1.00 36.19  ? 124 GLY A N   1 
ATOM   961  C CA  . GLY A 1 124 ? -0.117  -9.911  -0.189  1.00 38.59  ? 124 GLY A CA  1 
ATOM   962  C C   . GLY A 1 124 ? -1.178  -8.846  -0.353  1.00 35.66  ? 124 GLY A C   1 
ATOM   963  O O   . GLY A 1 124 ? -0.907  -7.773  -0.889  1.00 39.86  ? 124 GLY A O   1 
ATOM   964  N N   . VAL A 1 125 ? -2.390  -9.146  0.105   1.00 28.80  ? 125 VAL A N   1 
ATOM   965  C CA  . VAL A 1 125 ? -3.501  -8.208  0.009   1.00 26.12  ? 125 VAL A CA  1 
ATOM   966  C C   . VAL A 1 125 ? -4.306  -8.209  1.299   1.00 25.15  ? 125 VAL A C   1 
ATOM   967  O O   . VAL A 1 125 ? -4.548  -9.257  1.908   1.00 23.95  ? 125 VAL A O   1 
ATOM   968  C CB  . VAL A 1 125 ? -4.433  -8.554  -1.177  1.00 29.91  ? 125 VAL A CB  1 
ATOM   969  C CG1 . VAL A 1 125 ? -5.605  -7.602  -1.217  1.00 29.25  ? 125 VAL A CG1 1 
ATOM   970  C CG2 . VAL A 1 125 ? -3.657  -8.472  -2.488  1.00 29.14  ? 125 VAL A CG2 1 
ATOM   971  N N   . ILE A 1 126 ? -4.716  -7.015  1.705   1.00 25.32  ? 126 ILE A N   1 
ATOM   972  C CA  . ILE A 1 126 ? -5.485  -6.818  2.923   1.00 25.60  ? 126 ILE A CA  1 
ATOM   973  C C   . ILE A 1 126 ? -6.722  -6.008  2.551   1.00 23.02  ? 126 ILE A C   1 
ATOM   974  O O   . ILE A 1 126 ? -6.607  -5.032  1.818   1.00 21.89  ? 126 ILE A O   1 
ATOM   975  C CB  . ILE A 1 126 ? -4.649  -6.023  3.950   1.00 26.64  ? 126 ILE A CB  1 
ATOM   976  C CG1 . ILE A 1 126 ? -3.354  -6.775  4.248   1.00 22.86  ? 126 ILE A CG1 1 
ATOM   977  C CG2 . ILE A 1 126 ? -5.461  -5.756  5.195   1.00 16.96  ? 126 ILE A CG2 1 
ATOM   978  C CD1 . ILE A 1 126 ? -2.429  -6.038  5.170   1.00 25.80  ? 126 ILE A CD1 1 
ATOM   979  N N   . MET A 1 127 ? -7.891  -6.403  3.058   1.00 22.02  ? 127 MET A N   1 
ATOM   980  C CA  . MET A 1 127 ? -9.136  -5.704  2.747   1.00 15.73  ? 127 MET A CA  1 
ATOM   981  C C   . MET A 1 127 ? -10.173 -5.859  3.843   1.00 23.13  ? 127 MET A C   1 
ATOM   982  O O   . MET A 1 127 ? -10.214 -6.885  4.521   1.00 30.62  ? 127 MET A O   1 
ATOM   983  C CB  . MET A 1 127 ? -9.737  -6.244  1.441   1.00 26.49  ? 127 MET A CB  1 
ATOM   984  C CG  . MET A 1 127 ? -10.218 -7.700  1.518   1.00 19.16  ? 127 MET A CG  1 
ATOM   985  S SD  . MET A 1 127 ? -10.820 -8.385  -0.062  1.00 29.22  ? 127 MET A SD  1 
ATOM   986  C CE  . MET A 1 127 ? -9.350  -8.782  -0.798  1.00 9.02   ? 127 MET A CE  1 
ATOM   987  N N   . GLY A 1 128 ? -11.010 -4.840  4.021   1.00 17.09  ? 128 GLY A N   1 
ATOM   988  C CA  . GLY A 1 128 ? -12.064 -4.951  5.011   1.00 29.61  ? 128 GLY A CA  1 
ATOM   989  C C   . GLY A 1 128 ? -11.836 -4.251  6.322   1.00 37.77  ? 128 GLY A C   1 
ATOM   990  O O   . GLY A 1 128 ? -12.747 -3.643  6.876   1.00 49.64  ? 128 GLY A O   1 
ATOM   991  N N   . PHE A 1 129 ? -10.629 -4.348  6.846   1.00 38.41  ? 129 PHE A N   1 
ATOM   992  C CA  . PHE A 1 129 ? -10.342 -3.681  8.095   1.00 44.60  ? 129 PHE A CA  1 
ATOM   993  C C   . PHE A 1 129 ? -10.140 -2.232  7.694   1.00 51.64  ? 129 PHE A C   1 
ATOM   994  O O   . PHE A 1 129 ? -9.192  -1.927  6.968   1.00 63.32  ? 129 PHE A O   1 
ATOM   995  C CB  . PHE A 1 129 ? -9.077  -4.266  8.703   1.00 38.10  ? 129 PHE A CB  1 
ATOM   996  C CG  . PHE A 1 129 ? -8.930  -5.739  8.465   1.00 28.09  ? 129 PHE A CG  1 
ATOM   997  C CD1 . PHE A 1 129 ? -8.325  -6.208  7.311   1.00 20.42  ? 129 PHE A CD1 1 
ATOM   998  C CD2 . PHE A 1 129 ? -9.380  -6.656  9.402   1.00 25.76  ? 129 PHE A CD2 1 
ATOM   999  C CE1 . PHE A 1 129 ? -8.162  -7.567  7.098   1.00 14.78  ? 129 PHE A CE1 1 
ATOM   1000 C CE2 . PHE A 1 129 ? -9.224  -8.024  9.198   1.00 24.21  ? 129 PHE A CE2 1 
ATOM   1001 C CZ  . PHE A 1 129 ? -8.610  -8.480  8.045   1.00 25.92  ? 129 PHE A CZ  1 
ATOM   1002 N N   . GLY A 1 130 ? -11.044 -1.359  8.137   1.00 42.22  ? 130 GLY A N   1 
ATOM   1003 C CA  . GLY A 1 130 ? -10.978 0.057   7.796   1.00 46.22  ? 130 GLY A CA  1 
ATOM   1004 C C   . GLY A 1 130 ? -9.596  0.686   7.765   1.00 40.57  ? 130 GLY A C   1 
ATOM   1005 O O   . GLY A 1 130 ? -8.674  0.138   7.172   1.00 42.60  ? 130 GLY A O   1 
ATOM   1006 N N   . PRO A 1 131 ? -9.416  1.862   8.374   1.00 36.62  ? 131 PRO A N   1 
ATOM   1007 C CA  . PRO A 1 131 ? -8.070  2.438   8.327   1.00 34.90  ? 131 PRO A CA  1 
ATOM   1008 C C   . PRO A 1 131 ? -7.013  1.529   8.953   1.00 37.49  ? 131 PRO A C   1 
ATOM   1009 O O   . PRO A 1 131 ? -5.830  1.620   8.619   1.00 44.52  ? 131 PRO A O   1 
ATOM   1010 C CB  . PRO A 1 131 ? -8.230  3.778   9.055   1.00 34.46  ? 131 PRO A CB  1 
ATOM   1011 C CG  . PRO A 1 131 ? -9.521  3.635   9.826   1.00 42.89  ? 131 PRO A CG  1 
ATOM   1012 C CD  . PRO A 1 131 ? -10.387 2.817   8.922   1.00 32.89  ? 131 PRO A CD  1 
ATOM   1013 N N   . LEU A 1 132 ? -7.449  0.634   9.836   1.00 33.03  ? 132 LEU A N   1 
ATOM   1014 C CA  . LEU A 1 132 ? -6.545  -0.302  10.502  1.00 33.57  ? 132 LEU A CA  1 
ATOM   1015 C C   . LEU A 1 132 ? -5.759  -1.178  9.523   1.00 36.32  ? 132 LEU A C   1 
ATOM   1016 O O   . LEU A 1 132 ? -4.751  -1.784  9.891   1.00 44.15  ? 132 LEU A O   1 
ATOM   1017 C CB  . LEU A 1 132 ? -7.345  -1.180  11.470  1.00 31.95  ? 132 LEU A CB  1 
ATOM   1018 C CG  . LEU A 1 132 ? -6.738  -2.403  12.188  1.00 46.75  ? 132 LEU A CG  1 
ATOM   1019 C CD1 . LEU A 1 132 ? -6.930  -3.621  11.325  1.00 52.88  ? 132 LEU A CD1 1 
ATOM   1020 C CD2 . LEU A 1 132 ? -5.264  -2.193  12.531  1.00 33.28  ? 132 LEU A CD2 1 
ATOM   1021 N N   . GLY A 1 133 ? -6.220  -1.228  8.277   1.00 35.87  ? 133 GLY A N   1 
ATOM   1022 C CA  . GLY A 1 133 ? -5.567  -2.036  7.269   1.00 26.00  ? 133 GLY A CA  1 
ATOM   1023 C C   . GLY A 1 133 ? -4.131  -1.667  6.967   1.00 35.91  ? 133 GLY A C   1 
ATOM   1024 O O   . GLY A 1 133 ? -3.304  -2.554  6.746   1.00 34.41  ? 133 GLY A O   1 
ATOM   1025 N N   . TYR A 1 134 ? -3.822  -0.371  6.947   1.00 43.49  ? 134 TYR A N   1 
ATOM   1026 C CA  . TYR A 1 134 ? -2.452  0.069   6.664   1.00 41.73  ? 134 TYR A CA  1 
ATOM   1027 C C   . TYR A 1 134 ? -1.476  -0.240  7.799   1.00 39.85  ? 134 TYR A C   1 
ATOM   1028 O O   . TYR A 1 134 ? -0.289  -0.490  7.559   1.00 38.96  ? 134 TYR A O   1 
ATOM   1029 C CB  . TYR A 1 134 ? -2.414  1.561   6.384   1.00 32.19  ? 134 TYR A CB  1 
ATOM   1030 C CG  . TYR A 1 134 ? -3.245  1.981   5.211   1.00 40.22  ? 134 TYR A CG  1 
ATOM   1031 C CD1 . TYR A 1 134 ? -4.639  2.010   5.292   1.00 32.41  ? 134 TYR A CD1 1 
ATOM   1032 C CD2 . TYR A 1 134 ? -2.636  2.384   4.019   1.00 38.44  ? 134 TYR A CD2 1 
ATOM   1033 C CE1 . TYR A 1 134 ? -5.404  2.438   4.207   1.00 32.50  ? 134 TYR A CE1 1 
ATOM   1034 C CE2 . TYR A 1 134 ? -3.390  2.807   2.935   1.00 38.32  ? 134 TYR A CE2 1 
ATOM   1035 C CZ  . TYR A 1 134 ? -4.769  2.832   3.033   1.00 34.44  ? 134 TYR A CZ  1 
ATOM   1036 O OH  . TYR A 1 134 ? -5.507  3.230   1.949   1.00 29.54  ? 134 TYR A OH  1 
ATOM   1037 N N   . ASN A 1 135 ? -1.960  -0.204  9.036   1.00 40.47  ? 135 ASN A N   1 
ATOM   1038 C CA  . ASN A 1 135 ? -1.078  -0.513  10.150  1.00 45.06  ? 135 ASN A CA  1 
ATOM   1039 C C   . ASN A 1 135 ? -0.694  -1.991  10.034  1.00 45.94  ? 135 ASN A C   1 
ATOM   1040 O O   . ASN A 1 135 ? 0.463   -2.368  10.291  1.00 38.74  ? 135 ASN A O   1 
ATOM   1041 C CB  . ASN A 1 135 ? -1.761  -0.207  11.489  1.00 45.05  ? 135 ASN A CB  1 
ATOM   1042 C CG  . ASN A 1 135 ? -1.881  1.291   11.758  1.00 44.62  ? 135 ASN A CG  1 
ATOM   1043 O OD1 . ASN A 1 135 ? -1.245  2.107   11.093  1.00 44.04  ? 135 ASN A OD1 1 
ATOM   1044 N ND2 . ASN A 1 135 ? -2.689  1.653   12.743  1.00 45.71  ? 135 ASN A ND2 1 
ATOM   1045 N N   . MET A 1 136 ? -1.665  -2.815  9.626   1.00 36.31  ? 136 MET A N   1 
ATOM   1046 C CA  . MET A 1 136 ? -1.429  -4.244  9.425   1.00 30.75  ? 136 MET A CA  1 
ATOM   1047 C C   . MET A 1 136 ? -0.386  -4.408  8.318   1.00 28.55  ? 136 MET A C   1 
ATOM   1048 O O   . MET A 1 136 ? 0.475   -5.281  8.382   1.00 32.26  ? 136 MET A O   1 
ATOM   1049 C CB  . MET A 1 136 ? -2.716  -4.949  8.999   1.00 31.79  ? 136 MET A CB  1 
ATOM   1050 C CG  . MET A 1 136 ? -3.796  -5.004  10.044  1.00 29.88  ? 136 MET A CG  1 
ATOM   1051 S SD  . MET A 1 136 ? -5.357  -5.596  9.362   1.00 36.56  ? 136 MET A SD  1 
ATOM   1052 C CE  . MET A 1 136 ? -4.927  -7.306  9.025   1.00 32.18  ? 136 MET A CE  1 
ATOM   1053 N N   . ALA A 1 137 ? -0.484  -3.569  7.290   1.00 35.87  ? 137 ALA A N   1 
ATOM   1054 C CA  . ALA A 1 137 ? 0.461   -3.612  6.176   1.00 38.77  ? 137 ALA A CA  1 
ATOM   1055 C C   . ALA A 1 137 ? 1.836   -3.218  6.716   1.00 39.97  ? 137 ALA A C   1 
ATOM   1056 O O   . ALA A 1 137 ? 2.846   -3.817  6.348   1.00 38.40  ? 137 ALA A O   1 
ATOM   1057 C CB  . ALA A 1 137 ? 0.020   -2.655  5.062   1.00 30.14  ? 137 ALA A CB  1 
ATOM   1058 N N   . LEU A 1 138 ? 1.865   -2.215  7.596   1.00 41.68  ? 138 LEU A N   1 
ATOM   1059 C CA  . LEU A 1 138 ? 3.117   -1.766  8.215   1.00 38.25  ? 138 LEU A CA  1 
ATOM   1060 C C   . LEU A 1 138 ? 3.766   -2.907  8.996   1.00 33.17  ? 138 LEU A C   1 
ATOM   1061 O O   . LEU A 1 138 ? 4.952   -3.185  8.823   1.00 39.54  ? 138 LEU A O   1 
ATOM   1062 C CB  . LEU A 1 138 ? 2.858   -0.582  9.136   1.00 36.87  ? 138 LEU A CB  1 
ATOM   1063 C CG  . LEU A 1 138 ? 2.751   0.748   8.387   1.00 47.20  ? 138 LEU A CG  1 
ATOM   1064 C CD1 . LEU A 1 138 ? 2.121   1.810   9.284   1.00 44.53  ? 138 LEU A CD1 1 
ATOM   1065 C CD2 . LEU A 1 138 ? 4.146   1.170   7.912   1.00 23.72  ? 138 LEU A CD2 1 
ATOM   1066 N N   . MET A 1 139 ? 2.994   -3.575  9.846   1.00 34.52  ? 139 MET A N   1 
ATOM   1067 C CA  . MET A 1 139 ? 3.535   -4.709  10.592  1.00 41.97  ? 139 MET A CA  1 
ATOM   1068 C C   . MET A 1 139 ? 4.127   -5.659  9.563   1.00 39.21  ? 139 MET A C   1 
ATOM   1069 O O   . MET A 1 139 ? 5.334   -5.874  9.512   1.00 43.16  ? 139 MET A O   1 
ATOM   1070 C CB  . MET A 1 139 ? 2.436   -5.450  11.366  1.00 41.75  ? 139 MET A CB  1 
ATOM   1071 C CG  . MET A 1 139 ? 2.967   -6.556  12.276  1.00 52.67  ? 139 MET A CG  1 
ATOM   1072 S SD  . MET A 1 139 ? 1.843   -7.956  12.537  1.00 58.80  ? 139 MET A SD  1 
ATOM   1073 C CE  . MET A 1 139 ? 0.353   -7.113  12.960  1.00 61.54  ? 139 MET A CE  1 
ATOM   1074 N N   . ALA A 1 140 ? 3.259   -6.212  8.726   1.00 43.28  ? 140 ALA A N   1 
ATOM   1075 C CA  . ALA A 1 140 ? 3.682   -7.150  7.701   1.00 43.74  ? 140 ALA A CA  1 
ATOM   1076 C C   . ALA A 1 140 ? 4.949   -6.701  6.970   1.00 46.00  ? 140 ALA A C   1 
ATOM   1077 O O   . ALA A 1 140 ? 5.901   -7.466  6.841   1.00 40.57  ? 140 ALA A O   1 
ATOM   1078 C CB  . ALA A 1 140 ? 2.548   -7.362  6.705   1.00 46.68  ? 140 ALA A CB  1 
ATOM   1079 N N   . MET A 1 141 ? 4.964   -5.459  6.497   1.00 47.02  ? 141 MET A N   1 
ATOM   1080 C CA  . MET A 1 141 ? 6.114   -4.939  5.763   1.00 48.50  ? 141 MET A CA  1 
ATOM   1081 C C   . MET A 1 141 ? 7.432   -4.996  6.545   1.00 54.58  ? 141 MET A C   1 
ATOM   1082 O O   . MET A 1 141 ? 8.428   -5.524  6.041   1.00 50.36  ? 141 MET A O   1 
ATOM   1083 C CB  . MET A 1 141 ? 5.845   -3.498  5.317   1.00 47.83  ? 141 MET A CB  1 
ATOM   1084 C CG  . MET A 1 141 ? 6.971   -2.864  4.506   1.00 45.15  ? 141 MET A CG  1 
ATOM   1085 S SD  . MET A 1 141 ? 7.247   -3.607  2.884   1.00 53.45  ? 141 MET A SD  1 
ATOM   1086 C CE  . MET A 1 141 ? 6.202   -2.578  1.867   1.00 44.27  ? 141 MET A CE  1 
ATOM   1087 N N   . VAL A 1 142 ? 7.445   -4.463  7.767   1.00 53.92  ? 142 VAL A N   1 
ATOM   1088 C CA  . VAL A 1 142 ? 8.671   -4.464  8.569   1.00 57.61  ? 142 VAL A CA  1 
ATOM   1089 C C   . VAL A 1 142 ? 9.133   -5.886  8.848   1.00 54.09  ? 142 VAL A C   1 
ATOM   1090 O O   . VAL A 1 142 ? 10.329  -6.160  8.937   1.00 60.56  ? 142 VAL A O   1 
ATOM   1091 C CB  . VAL A 1 142 ? 8.501   -3.718  9.940   1.00 57.84  ? 142 VAL A CB  1 
ATOM   1092 C CG1 . VAL A 1 142 ? 7.972   -2.304  9.720   1.00 51.73  ? 142 VAL A CG1 1 
ATOM   1093 C CG2 . VAL A 1 142 ? 7.587   -4.498  10.862  1.00 58.38  ? 142 VAL A CG2 1 
ATOM   1094 N N   . ASN A 1 143 ? 8.171   -6.786  8.973   1.00 50.05  ? 143 ASN A N   1 
ATOM   1095 C CA  . ASN A 1 143 ? 8.450   -8.183  9.250   1.00 49.23  ? 143 ASN A CA  1 
ATOM   1096 C C   . ASN A 1 143 ? 8.992   -8.908  8.012   1.00 55.08  ? 143 ASN A C   1 
ATOM   1097 O O   . ASN A 1 143 ? 9.646   -9.947  8.125   1.00 57.53  ? 143 ASN A O   1 
ATOM   1098 C CB  . ASN A 1 143 ? 7.169   -8.859  9.734   1.00 48.82  ? 143 ASN A CB  1 
ATOM   1099 C CG  . ASN A 1 143 ? 7.431   -10.192 10.389  1.00 60.31  ? 143 ASN A CG  1 
ATOM   1100 O OD1 . ASN A 1 143 ? 8.031   -11.087 9.788   1.00 57.91  ? 143 ASN A OD1 1 
ATOM   1101 N ND2 . ASN A 1 143 ? 6.986   -10.334 11.636  1.00 65.37  ? 143 ASN A ND2 1 
ATOM   1102 N N   . ILE A 1 144 ? 8.719   -8.355  6.835   1.00 53.26  ? 144 ILE A N   1 
ATOM   1103 C CA  . ILE A 1 144 ? 9.170   -8.947  5.584   1.00 50.00  ? 144 ILE A CA  1 
ATOM   1104 C C   . ILE A 1 144 ? 10.569  -8.463  5.227   1.00 50.58  ? 144 ILE A C   1 
ATOM   1105 O O   . ILE A 1 144 ? 11.436  -9.261  4.881   1.00 58.93  ? 144 ILE A O   1 
ATOM   1106 C CB  . ILE A 1 144 ? 8.186   -8.611  4.430   1.00 52.83  ? 144 ILE A CB  1 
ATOM   1107 C CG1 . ILE A 1 144 ? 6.852   -9.320  4.671   1.00 48.38  ? 144 ILE A CG1 1 
ATOM   1108 C CG2 . ILE A 1 144 ? 8.773   -9.025  3.085   1.00 37.79  ? 144 ILE A CG2 1 
ATOM   1109 C CD1 . ILE A 1 144 ? 5.787   -9.012  3.641   1.00 45.61  ? 144 ILE A CD1 1 
ATOM   1110 N N   . LEU A 1 145 ? 10.779  -7.154  5.305   1.00 54.62  ? 145 LEU A N   1 
ATOM   1111 C CA  . LEU A 1 145 ? 12.084  -6.565  5.008   1.00 53.55  ? 145 LEU A CA  1 
ATOM   1112 C C   . LEU A 1 145 ? 13.103  -7.130  5.973   1.00 53.01  ? 145 LEU A C   1 
ATOM   1113 O O   . LEU A 1 145 ? 14.252  -7.382  5.614   1.00 55.23  ? 145 LEU A O   1 
ATOM   1114 C CB  . LEU A 1 145 ? 12.027  -5.047  5.161   1.00 45.44  ? 145 LEU A CB  1 
ATOM   1115 C CG  . LEU A 1 145 ? 11.278  -4.363  4.032   1.00 34.02  ? 145 LEU A CG  1 
ATOM   1116 C CD1 . LEU A 1 145 ? 11.038  -2.914  4.371   1.00 27.74  ? 145 LEU A CD1 1 
ATOM   1117 C CD2 . LEU A 1 145 ? 12.089  -4.527  2.752   1.00 28.79  ? 145 LEU A CD2 1 
ATOM   1118 N N   . ALA A 1 146 ? 12.668  -7.318  7.211   1.00 53.01  ? 146 ALA A N   1 
ATOM   1119 C CA  . ALA A 1 146 ? 13.527  -7.868  8.235   1.00 55.49  ? 146 ALA A CA  1 
ATOM   1120 C C   . ALA A 1 146 ? 13.914  -9.278  7.826   1.00 60.37  ? 146 ALA A C   1 
ATOM   1121 O O   . ALA A 1 146 ? 15.091  -9.629  7.801   1.00 66.92  ? 146 ALA A O   1 
ATOM   1122 C CB  . ALA A 1 146 ? 12.798  -7.894  9.558   1.00 54.28  ? 146 ALA A CB  1 
ATOM   1123 N N   . GLU A 1 147 ? 12.916  -10.079 7.482   1.00 66.62  ? 147 GLU A N   1 
ATOM   1124 C CA  . GLU A 1 147 ? 13.158  -11.459 7.101   1.00 66.85  ? 147 GLU A CA  1 
ATOM   1125 C C   . GLU A 1 147 ? 13.790  -11.608 5.726   1.00 66.38  ? 147 GLU A C   1 
ATOM   1126 O O   . GLU A 1 147 ? 14.061  -12.721 5.287   1.00 68.05  ? 147 GLU A O   1 
ATOM   1127 C CB  . GLU A 1 147 ? 11.854  -12.244 7.166   1.00 65.49  ? 147 GLU A CB  1 
ATOM   1128 C CG  . GLU A 1 147 ? 12.020  -13.620 7.774   1.00 79.65  ? 147 GLU A CG  1 
ATOM   1129 C CD  . GLU A 1 147 ? 10.693  -14.299 8.028   1.00 87.61  ? 147 GLU A CD  1 
ATOM   1130 O OE1 . GLU A 1 147 ? 10.681  -15.357 8.696   1.00 87.37  ? 147 GLU A OE1 1 
ATOM   1131 O OE2 . GLU A 1 147 ? 9.661   -13.774 7.554   1.00 93.01  ? 147 GLU A OE2 1 
ATOM   1132 N N   . MET A 1 148 ? 14.024  -10.491 5.049   1.00 69.76  ? 148 MET A N   1 
ATOM   1133 C CA  . MET A 1 148 ? 14.637  -10.527 3.723   1.00 74.47  ? 148 MET A CA  1 
ATOM   1134 C C   . MET A 1 148 ? 16.112  -10.154 3.786   1.00 78.34  ? 148 MET A C   1 
ATOM   1135 O O   . MET A 1 148 ? 16.903  -10.569 2.940   1.00 79.98  ? 148 MET A O   1 
ATOM   1136 C CB  . MET A 1 148 ? 13.904  -9.587  2.762   1.00 69.95  ? 148 MET A CB  1 
ATOM   1137 C CG  . MET A 1 148 ? 12.809  -10.263 1.948   1.00 69.28  ? 148 MET A CG  1 
ATOM   1138 S SD  . MET A 1 148 ? 11.961  -9.103  0.877   1.00 68.23  ? 148 MET A SD  1 
ATOM   1139 C CE  . MET A 1 148 ? 13.317  -8.560  -0.182  1.00 62.09  ? 148 MET A CE  1 
ATOM   1140 N N   . LYS A 1 149 ? 16.476  -9.359  4.786   1.00 79.93  ? 149 LYS A N   1 
ATOM   1141 C CA  . LYS A 1 149 ? 17.862  -8.951  4.963   1.00 77.85  ? 149 LYS A CA  1 
ATOM   1142 C C   . LYS A 1 149 ? 18.541  -10.007 5.828   1.00 75.37  ? 149 LYS A C   1 
ATOM   1143 O O   . LYS A 1 149 ? 19.763  -10.029 5.957   1.00 71.95  ? 149 LYS A O   1 
ATOM   1144 C CB  . LYS A 1 149 ? 17.933  -7.585  5.653   1.00 81.86  ? 149 LYS A CB  1 
ATOM   1145 C CG  . LYS A 1 149 ? 19.346  -7.006  5.744   1.00 83.51  ? 149 LYS A CG  1 
ATOM   1146 C CD  . LYS A 1 149 ? 19.391  -5.714  6.564   1.00 85.84  ? 149 LYS A CD  1 
ATOM   1147 C CE  . LYS A 1 149 ? 19.131  -5.972  8.040   1.00 77.53  ? 149 LYS A CE  1 
ATOM   1148 N NZ  . LYS A 1 149 ? 19.127  -4.715  8.832   1.00 81.29  ? 149 LYS A NZ  1 
ATOM   1149 N N   . ALA A 1 150 ? 17.733  -10.882 6.417   1.00 74.58  ? 150 ALA A N   1 
ATOM   1150 C CA  . ALA A 1 150 ? 18.236  -11.952 7.265   1.00 77.75  ? 150 ALA A CA  1 
ATOM   1151 C C   . ALA A 1 150 ? 18.497  -13.175 6.402   1.00 83.33  ? 150 ALA A C   1 
ATOM   1152 O O   . ALA A 1 150 ? 19.080  -14.160 6.850   1.00 85.32  ? 150 ALA A O   1 
ATOM   1153 C CB  . ALA A 1 150 ? 17.219  -12.281 8.345   1.00 77.92  ? 150 ALA A CB  1 
ATOM   1154 N N   . PHE A 1 151 ? 18.047  -13.096 5.156   1.00 87.74  ? 151 PHE A N   1 
ATOM   1155 C CA  . PHE A 1 151 ? 18.205  -14.168 4.187   1.00 91.76  ? 151 PHE A CA  1 
ATOM   1156 C C   . PHE A 1 151 ? 19.265  -13.707 3.205   1.00 94.18  ? 151 PHE A C   1 
ATOM   1157 O O   . PHE A 1 151 ? 20.017  -14.503 2.644   1.00 90.06  ? 151 PHE A O   1 
ATOM   1158 C CB  . PHE A 1 151 ? 16.865  -14.386 3.476   1.00 94.15  ? 151 PHE A CB  1 
ATOM   1159 C CG  . PHE A 1 151 ? 16.923  -15.342 2.316   1.00 99.74  ? 151 PHE A CG  1 
ATOM   1160 C CD1 . PHE A 1 151 ? 17.573  -14.993 1.136   1.00 100.67 ? 151 PHE A CD1 1 
ATOM   1161 C CD2 . PHE A 1 151 ? 16.299  -16.581 2.393   1.00 104.43 ? 151 PHE A CD2 1 
ATOM   1162 C CE1 . PHE A 1 151 ? 17.598  -15.863 0.050   1.00 102.18 ? 151 PHE A CE1 1 
ATOM   1163 C CE2 . PHE A 1 151 ? 16.317  -17.461 1.311   1.00 105.04 ? 151 PHE A CE2 1 
ATOM   1164 C CZ  . PHE A 1 151 ? 16.969  -17.098 0.138   1.00 105.02 ? 151 PHE A CZ  1 
ATOM   1165 N N   . GLN A 1 152 ? 19.308  -12.395 3.020   1.00 105.18 ? 152 GLN A N   1 
ATOM   1166 C CA  . GLN A 1 152 ? 20.241  -11.740 2.115   1.00 115.34 ? 152 GLN A CA  1 
ATOM   1167 C C   . GLN A 1 152 ? 21.679  -11.907 2.591   1.00 117.48 ? 152 GLN A C   1 
ATOM   1168 O O   . GLN A 1 152 ? 22.532  -12.408 1.858   1.00 116.02 ? 152 GLN A O   1 
ATOM   1169 C CB  . GLN A 1 152 ? 19.879  -10.255 2.026   1.00 121.47 ? 152 GLN A CB  1 
ATOM   1170 C CG  . GLN A 1 152 ? 20.670  -9.452  1.019   1.00 127.87 ? 152 GLN A CG  1 
ATOM   1171 C CD  . GLN A 1 152 ? 20.115  -8.049  0.852   1.00 130.88 ? 152 GLN A CD  1 
ATOM   1172 O OE1 . GLN A 1 152 ? 20.659  -7.238  0.103   1.00 132.45 ? 152 GLN A OE1 1 
ATOM   1173 N NE2 . GLN A 1 152 ? 19.021  -7.757  1.552   1.00 131.08 ? 152 GLN A NE2 1 
ATOM   1174 N N   . GLU A 1 153 ? 21.943  -11.485 3.820   1.00 120.36 ? 153 GLU A N   1 
ATOM   1175 C CA  . GLU A 1 153 ? 23.278  -11.596 4.382   1.00 122.94 ? 153 GLU A CA  1 
ATOM   1176 C C   . GLU A 1 153 ? 23.545  -13.018 4.852   1.00 121.74 ? 153 GLU A C   1 
ATOM   1177 O O   . GLU A 1 153 ? 24.695  -13.434 4.955   1.00 122.26 ? 153 GLU A O   1 
ATOM   1178 C CB  . GLU A 1 153 ? 23.444  -10.625 5.550   1.00 129.26 ? 153 GLU A CB  1 
ATOM   1179 C CG  . GLU A 1 153 ? 24.828  -10.649 6.178   1.00 139.35 ? 153 GLU A CG  1 
ATOM   1180 C CD  . GLU A 1 153 ? 24.988  -9.615  7.275   1.00 145.23 ? 153 GLU A CD  1 
ATOM   1181 O OE1 . GLU A 1 153 ? 26.081  -9.552  7.877   1.00 147.55 ? 153 GLU A OE1 1 
ATOM   1182 O OE2 . GLU A 1 153 ? 24.023  -8.865  7.536   1.00 147.47 ? 153 GLU A OE2 1 
ATOM   1183 N N   . ALA A 1 154 ? 22.481  -13.761 5.139   1.00 121.61 ? 154 ALA A N   1 
ATOM   1184 C CA  . ALA A 1 154 ? 22.620  -15.143 5.588   1.00 120.56 ? 154 ALA A CA  1 
ATOM   1185 C C   . ALA A 1 154 ? 23.261  -15.967 4.480   1.00 119.53 ? 154 ALA A C   1 
ATOM   1186 O O   . ALA A 1 154 ? 23.880  -17.000 4.731   1.00 121.45 ? 154 ALA A O   1 
ATOM   1187 C CB  . ALA A 1 154 ? 21.259  -15.719 5.946   1.00 123.86 ? 154 ALA A CB  1 
ATOM   1188 N N   . GLN A 1 155 ? 23.097  -15.501 3.248   1.00 118.15 ? 155 GLN A N   1 
ATOM   1189 C CA  . GLN A 1 155 ? 23.674  -16.166 2.091   1.00 117.23 ? 155 GLN A CA  1 
ATOM   1190 C C   . GLN A 1 155 ? 24.619  -15.193 1.399   1.00 117.75 ? 155 GLN A C   1 
ATOM   1191 O O   . GLN A 1 155 ? 24.462  -14.879 0.219   1.00 118.27 ? 155 GLN A O   1 
ATOM   1192 C CB  . GLN A 1 155 ? 22.574  -16.616 1.135   1.00 116.11 ? 155 GLN A CB  1 
ATOM   1193 C CG  . GLN A 1 155 ? 21.802  -17.817 1.630   1.00 116.57 ? 155 GLN A CG  1 
ATOM   1194 C CD  . GLN A 1 155 ? 20.699  -18.226 0.678   1.00 120.51 ? 155 GLN A CD  1 
ATOM   1195 O OE1 . GLN A 1 155 ? 20.923  -18.376 -0.524  1.00 120.72 ? 155 GLN A OE1 1 
ATOM   1196 N NE2 . GLN A 1 155 ? 19.501  -18.415 1.212   1.00 121.34 ? 155 GLN A NE2 1 
ATOM   1197 N N   . LYS A 1 156 ? 25.597  -14.716 2.163   1.00 117.33 ? 156 LYS A N   1 
ATOM   1198 C CA  . LYS A 1 156 ? 26.603  -13.771 1.687   1.00 114.67 ? 156 LYS A CA  1 
ATOM   1199 C C   . LYS A 1 156 ? 27.957  -14.236 2.211   1.00 115.42 ? 156 LYS A C   1 
ATOM   1200 O O   . LYS A 1 156 ? 28.977  -14.123 1.530   1.00 117.85 ? 156 LYS A O   1 
ATOM   1201 C CB  . LYS A 1 156 ? 26.290  -12.372 2.222   1.00 112.22 ? 156 LYS A CB  1 
ATOM   1202 C CG  . LYS A 1 156 ? 27.278  -11.287 1.823   1.00 106.25 ? 156 LYS A CG  1 
ATOM   1203 C CD  . LYS A 1 156 ? 26.888  -9.966  2.465   1.00 99.42  ? 156 LYS A CD  1 
ATOM   1204 C CE  . LYS A 1 156 ? 27.806  -8.840  2.053   1.00 90.56  ? 156 LYS A CE  1 
ATOM   1205 N NZ  . LYS A 1 156 ? 27.451  -7.599  2.782   1.00 92.53  ? 156 LYS A NZ  1 
ATOM   1206 N N   . ASN A 1 157 ? 27.944  -14.764 3.432   1.00 115.32 ? 157 ASN A N   1 
ATOM   1207 C CA  . ASN A 1 157 ? 29.145  -15.269 4.086   1.00 113.64 ? 157 ASN A CA  1 
ATOM   1208 C C   . ASN A 1 157 ? 29.308  -16.757 3.798   1.00 113.68 ? 157 ASN A C   1 
ATOM   1209 O O   . ASN A 1 157 ? 30.121  -17.436 4.431   1.00 114.58 ? 157 ASN A O   1 
ATOM   1210 C CB  . ASN A 1 157 ? 29.059  -15.051 5.602   1.00 111.76 ? 157 ASN A CB  1 
ATOM   1211 C CG  . ASN A 1 157 ? 29.189  -13.589 5.995   1.00 107.87 ? 157 ASN A CG  1 
ATOM   1212 O OD1 . ASN A 1 157 ? 28.426  -12.738 5.538   1.00 106.92 ? 157 ASN A OD1 1 
ATOM   1213 N ND2 . ASN A 1 157 ? 30.158  -13.293 6.852   1.00 108.63 ? 157 ASN A ND2 1 
ATOM   1214 N N   . ASN A 1 158 ? 28.530  -17.257 2.841   1.00 111.91 ? 158 ASN A N   1 
ATOM   1215 C CA  . ASN A 1 158 ? 28.586  -18.665 2.467   1.00 110.43 ? 158 ASN A CA  1 
ATOM   1216 C C   . ASN A 1 158 ? 28.803  -18.830 0.964   1.00 110.19 ? 158 ASN A C   1 
ATOM   1217 O O   . ASN A 1 158 ? 28.223  -18.104 0.156   1.00 108.88 ? 158 ASN A O   1 
ATOM   1218 C CB  . ASN A 1 158 ? 27.292  -19.369 2.886   1.00 108.51 ? 158 ASN A CB  1 
ATOM   1219 C CG  . ASN A 1 158 ? 27.386  -20.880 2.773   1.00 106.86 ? 158 ASN A CG  1 
ATOM   1220 O OD1 . ASN A 1 158 ? 27.611  -21.423 1.692   1.00 107.54 ? 158 ASN A OD1 1 
ATOM   1221 N ND2 . ASN A 1 158 ? 27.214  -21.568 3.897   1.00 104.33 ? 158 ASN A ND2 1 
HETATM 1222 C C1  . DQA B 2 .   ? -10.895 0.709   -1.929  1.00 36.40  ? 219 DQA A C1  1 
HETATM 1223 C C2  . DQA B 2 .   ? -11.378 -0.415  -2.723  1.00 32.43  ? 219 DQA A C2  1 
HETATM 1224 C C3  . DQA B 2 .   ? -11.649 -0.042  -4.111  1.00 44.78  ? 219 DQA A C3  1 
HETATM 1225 O O3  . DQA B 2 .   ? -12.032 -1.120  -4.935  1.00 29.57  ? 219 DQA A O3  1 
HETATM 1226 C C4  . DQA B 2 .   ? -12.749 0.879   -4.063  1.00 52.91  ? 219 DQA A C4  1 
HETATM 1227 O O4  . DQA B 2 .   ? -13.229 1.324   -5.285  1.00 66.72  ? 219 DQA A O4  1 
HETATM 1228 C C5  . DQA B 2 .   ? -12.412 2.098   -3.183  1.00 51.93  ? 219 DQA A C5  1 
HETATM 1229 C C6  . DQA B 2 .   ? -11.898 1.809   -1.883  1.00 36.34  ? 219 DQA A C6  1 
HETATM 1230 C C   . DQA B 2 .   ? -10.671 0.456   -0.577  1.00 34.07  ? 219 DQA A C   1 
HETATM 1231 O O1  . DQA B 2 .   ? -10.935 -0.718  -0.034  1.00 37.88  ? 219 DQA A O1  1 
HETATM 1232 O O2  . DQA B 2 .   ? -10.190 1.367   0.260   1.00 38.10  ? 219 DQA A O2  1 
HETATM 1233 O O5  . DQA B 2 .   ? -12.485 3.171   -3.323  1.00 41.17  ? 219 DQA A O5  1 
HETATM 1234 O O6  . DQA B 2 .   ? -9.585  1.059   -2.338  1.00 33.01  ? 219 DQA A O6  1 
HETATM 1235 O O   . HOH C 3 .   ? 0.065   -8.018  -15.139 1.00 52.52  ? 200 HOH A O   1 
HETATM 1236 O O   . HOH C 3 .   ? -22.982 3.832   2.125   1.00 52.37  ? 201 HOH A O   1 
HETATM 1237 O O   . HOH C 3 .   ? 0.031   13.203  -0.298  1.00 44.45  ? 202 HOH A O   1 
HETATM 1238 O O   . HOH C 3 .   ? -11.787 -11.871 -9.271  1.00 25.20  ? 203 HOH A O   1 
HETATM 1239 O O   . HOH C 3 .   ? -22.196 11.309  -0.367  1.00 55.56  ? 204 HOH A O   1 
HETATM 1240 O O   . HOH C 3 .   ? -3.220  14.745  -2.812  1.00 43.35  ? 205 HOH A O   1 
HETATM 1241 O O   . HOH C 3 .   ? -7.820  17.188  -5.989  1.00 42.29  ? 206 HOH A O   1 
HETATM 1242 O O   . HOH C 3 .   ? -5.902  15.782  10.157  1.00 47.66  ? 207 HOH A O   1 
HETATM 1243 O O   . HOH C 3 .   ? -11.690 17.070  9.780   1.00 45.41  ? 208 HOH A O   1 
HETATM 1244 O O   . HOH C 3 .   ? -11.725 17.485  14.610  1.00 51.45  ? 209 HOH A O   1 
HETATM 1245 O O   . HOH C 3 .   ? -4.187  -1.213  -18.767 1.00 48.27  ? 210 HOH A O   1 
HETATM 1246 O O   . HOH C 3 .   ? 2.313   -2.030  -20.238 1.00 36.11  ? 211 HOH A O   1 
HETATM 1247 O O   . HOH C 3 .   ? 7.664   -10.058 -8.748  1.00 39.01  ? 212 HOH A O   1 
HETATM 1248 O O   . HOH C 3 .   ? 5.565   -7.924  -4.535  1.00 37.89  ? 213 HOH A O   1 
HETATM 1249 O O   . HOH C 3 .   ? -17.367 -7.078  -4.980  1.00 58.71  ? 214 HOH A O   1 
HETATM 1250 O O   . HOH C 3 .   ? -21.413 -1.898  -2.684  1.00 54.79  ? 215 HOH A O   1 
HETATM 1251 O O   . HOH C 3 .   ? -21.711 -5.156  -10.474 1.00 50.58  ? 216 HOH A O   1 
HETATM 1252 O O   . HOH C 3 .   ? 14.162  -16.581 -0.783  1.00 54.31  ? 217 HOH A O   1 
HETATM 1253 O O   . HOH C 3 .   ? 28.148  -18.592 -3.463  1.00 46.88  ? 218 HOH A O   1 
# 
loop_
_pdbx_poly_seq_scheme.asym_id 
_pdbx_poly_seq_scheme.entity_id 
_pdbx_poly_seq_scheme.seq_id 
_pdbx_poly_seq_scheme.mon_id 
_pdbx_poly_seq_scheme.ndb_seq_num 
_pdbx_poly_seq_scheme.pdb_seq_num 
_pdbx_poly_seq_scheme.auth_seq_num 
_pdbx_poly_seq_scheme.pdb_mon_id 
_pdbx_poly_seq_scheme.auth_mon_id 
_pdbx_poly_seq_scheme.pdb_strand_id 
_pdbx_poly_seq_scheme.pdb_ins_code 
_pdbx_poly_seq_scheme.hetero 
A 1 1   MET 1   1   1   MET MET A . n 
A 1 2   LYS 2   2   2   LYS LYS A . n 
A 1 3   ILE 3   3   3   ILE ILE A . n 
A 1 4   LEU 4   4   4   LEU LEU A . n 
A 1 5   VAL 5   5   5   VAL VAL A . n 
A 1 6   ILE 6   6   6   ILE ILE A . n 
A 1 7   GLN 7   7   7   GLN GLN A . n 
A 1 8   GLY 8   8   8   GLY GLY A . n 
A 1 9   PRO 9   9   9   PRO PRO A . n 
A 1 10  ASN 10  10  10  ASN ASN A . n 
A 1 11  LEU 11  11  11  LEU LEU A . n 
A 1 12  ASN 12  12  12  ASN ASN A . n 
A 1 13  MET 13  13  13  MET MET A . n 
A 1 14  LEU 14  14  14  LEU LEU A . n 
A 1 15  GLY 15  15  15  GLY GLY A . n 
A 1 16  HIS 16  16  16  HIS HIS A . n 
A 1 17  ARG 17  17  17  ARG ARG A . n 
A 1 18  ASP 18  18  18  ASP ASP A . n 
A 1 19  PRO 19  19  19  PRO PRO A . n 
A 1 20  ARG 20  20  20  ARG ARG A . n 
A 1 21  LEU 21  21  21  LEU LEU A . n 
A 1 22  TYR 22  22  22  TYR TYR A . n 
A 1 23  GLY 23  23  23  GLY GLY A . n 
A 1 24  MET 24  24  24  MET MET A . n 
A 1 25  VAL 25  25  25  VAL VAL A . n 
A 1 26  THR 26  26  26  THR THR A . n 
A 1 27  LEU 27  27  27  LEU LEU A . n 
A 1 28  ASP 28  28  28  ASP ASP A . n 
A 1 29  GLN 29  29  29  GLN GLN A . n 
A 1 30  ILE 30  30  30  ILE ILE A . n 
A 1 31  HIS 31  31  31  HIS HIS A . n 
A 1 32  GLU 32  32  32  GLU GLU A . n 
A 1 33  ILE 33  33  33  ILE ILE A . n 
A 1 34  MET 34  34  34  MET MET A . n 
A 1 35  GLN 35  35  35  GLN GLN A . n 
A 1 36  THR 36  36  36  THR THR A . n 
A 1 37  PHE 37  37  37  PHE PHE A . n 
A 1 38  VAL 38  38  38  VAL VAL A . n 
A 1 39  LYS 39  39  39  LYS LYS A . n 
A 1 40  GLN 40  40  40  GLN GLN A . n 
A 1 41  GLY 41  41  41  GLY GLY A . n 
A 1 42  ASN 42  42  42  ASN ASN A . n 
A 1 43  LEU 43  43  43  LEU LEU A . n 
A 1 44  ASP 44  44  44  ASP ASP A . n 
A 1 45  VAL 45  45  45  VAL VAL A . n 
A 1 46  GLU 46  46  46  GLU GLU A . n 
A 1 47  LEU 47  47  47  LEU LEU A . n 
A 1 48  GLU 48  48  48  GLU GLU A . n 
A 1 49  PHE 49  49  49  PHE PHE A . n 
A 1 50  PHE 50  50  50  PHE PHE A . n 
A 1 51  GLN 51  51  51  GLN GLN A . n 
A 1 52  THR 52  52  52  THR THR A . n 
A 1 53  ASN 53  53  53  ASN ASN A . n 
A 1 54  PHE 54  54  54  PHE PHE A . n 
A 1 55  GLU 55  55  55  GLU GLU A . n 
A 1 56  GLY 56  56  56  GLY GLY A . n 
A 1 57  GLU 57  57  57  GLU GLU A . n 
A 1 58  ILE 58  58  58  ILE ILE A . n 
A 1 59  ILE 59  59  59  ILE ILE A . n 
A 1 60  ASP 60  60  60  ASP ASP A . n 
A 1 61  LYS 61  61  61  LYS LYS A . n 
A 1 62  ILE 62  62  62  ILE ILE A . n 
A 1 63  GLN 63  63  63  GLN GLN A . n 
A 1 64  GLU 64  64  64  GLU GLU A . n 
A 1 65  SER 65  65  65  SER SER A . n 
A 1 66  VAL 66  66  66  VAL VAL A . n 
A 1 67  GLY 67  67  67  GLY GLY A . n 
A 1 68  SER 68  68  68  SER SER A . n 
A 1 69  ASP 69  69  69  ASP ASP A . n 
A 1 70  TYR 70  70  70  TYR TYR A . n 
A 1 71  GLU 71  71  71  GLU GLU A . n 
A 1 72  GLY 72  72  72  GLY GLY A . n 
A 1 73  ILE 73  73  73  ILE ILE A . n 
A 1 74  ILE 74  74  74  ILE ILE A . n 
A 1 75  ILE 75  75  75  ILE ILE A . n 
A 1 76  ASN 76  76  76  ASN ASN A . n 
A 1 77  PRO 77  77  77  PRO PRO A . n 
A 1 78  GLY 78  78  78  GLY GLY A . n 
A 1 79  ALA 79  79  79  ALA ALA A . n 
A 1 80  PHE 80  80  80  PHE PHE A . n 
A 1 81  SER 81  81  81  SER SER A . n 
A 1 82  HIS 82  82  82  HIS HIS A . n 
A 1 83  THR 83  83  83  THR THR A . n 
A 1 84  SER 84  84  84  SER SER A . n 
A 1 85  ILE 85  85  85  ILE ILE A . n 
A 1 86  ALA 86  86  86  ALA ALA A . n 
A 1 87  ILE 87  87  87  ILE ILE A . n 
A 1 88  ALA 88  88  88  ALA ALA A . n 
A 1 89  ASP 89  89  89  ASP ASP A . n 
A 1 90  ALA 90  90  90  ALA ALA A . n 
A 1 91  ILE 91  91  91  ILE ILE A . n 
A 1 92  MET 92  92  92  MET MET A . n 
A 1 93  LEU 93  93  93  LEU LEU A . n 
A 1 94  ALA 94  94  94  ALA ALA A . n 
A 1 95  GLY 95  95  95  GLY GLY A . n 
A 1 96  LYS 96  96  96  LYS LYS A . n 
A 1 97  PRO 97  97  97  PRO PRO A . n 
A 1 98  VAL 98  98  98  VAL VAL A . n 
A 1 99  ILE 99  99  99  ILE ILE A . n 
A 1 100 GLU 100 100 100 GLU GLU A . n 
A 1 101 VAL 101 101 101 VAL VAL A . n 
A 1 102 HIS 102 102 102 HIS HIS A . n 
A 1 103 LEU 103 103 103 LEU LEU A . n 
A 1 104 THR 104 104 104 THR THR A . n 
A 1 105 ASN 105 105 105 ASN ASN A . n 
A 1 106 ILE 106 106 106 ILE ILE A . n 
A 1 107 GLN 107 107 107 GLN GLN A . n 
A 1 108 ALA 108 108 108 ALA ALA A . n 
A 1 109 ARG 109 109 109 ARG ARG A . n 
A 1 110 GLU 110 110 110 GLU GLU A . n 
A 1 111 GLU 111 111 111 GLU GLU A . n 
A 1 112 PHE 112 112 112 PHE PHE A . n 
A 1 113 ARG 113 113 113 ARG ARG A . n 
A 1 114 LYS 114 114 114 LYS LYS A . n 
A 1 115 ASN 115 115 115 ASN ASN A . n 
A 1 116 SER 116 116 116 SER SER A . n 
A 1 117 TYR 117 117 117 TYR TYR A . n 
A 1 118 THR 118 118 118 THR THR A . n 
A 1 119 GLY 119 119 119 GLY GLY A . n 
A 1 120 ALA 120 120 120 ALA ALA A . n 
A 1 121 ALA 121 121 121 ALA ALA A . n 
A 1 122 CYS 122 122 122 CYS CYS A . n 
A 1 123 GLY 123 123 123 GLY GLY A . n 
A 1 124 GLY 124 124 124 GLY GLY A . n 
A 1 125 VAL 125 125 125 VAL VAL A . n 
A 1 126 ILE 126 126 126 ILE ILE A . n 
A 1 127 MET 127 127 127 MET MET A . n 
A 1 128 GLY 128 128 128 GLY GLY A . n 
A 1 129 PHE 129 129 129 PHE PHE A . n 
A 1 130 GLY 130 130 130 GLY GLY A . n 
A 1 131 PRO 131 131 131 PRO PRO A . n 
A 1 132 LEU 132 132 132 LEU LEU A . n 
A 1 133 GLY 133 133 133 GLY GLY A . n 
A 1 134 TYR 134 134 134 TYR TYR A . n 
A 1 135 ASN 135 135 135 ASN ASN A . n 
A 1 136 MET 136 136 136 MET MET A . n 
A 1 137 ALA 137 137 137 ALA ALA A . n 
A 1 138 LEU 138 138 138 LEU LEU A . n 
A 1 139 MET 139 139 139 MET MET A . n 
A 1 140 ALA 140 140 140 ALA ALA A . n 
A 1 141 MET 141 141 141 MET MET A . n 
A 1 142 VAL 142 142 142 VAL VAL A . n 
A 1 143 ASN 143 143 143 ASN ASN A . n 
A 1 144 ILE 144 144 144 ILE ILE A . n 
A 1 145 LEU 145 145 145 LEU LEU A . n 
A 1 146 ALA 146 146 146 ALA ALA A . n 
A 1 147 GLU 147 147 147 GLU GLU A . n 
A 1 148 MET 148 148 148 MET MET A . n 
A 1 149 LYS 149 149 149 LYS LYS A . n 
A 1 150 ALA 150 150 150 ALA ALA A . n 
A 1 151 PHE 151 151 151 PHE PHE A . n 
A 1 152 GLN 152 152 152 GLN GLN A . n 
A 1 153 GLU 153 153 153 GLU GLU A . n 
A 1 154 ALA 154 154 154 ALA ALA A . n 
A 1 155 GLN 155 155 155 GLN GLN A . n 
A 1 156 LYS 156 156 156 LYS LYS A . n 
A 1 157 ASN 157 157 157 ASN ASN A . n 
A 1 158 ASN 158 158 158 ASN ASN A . n 
A 1 159 PRO 159 159 ?   ?   ?   A . n 
A 1 160 ASN 160 160 ?   ?   ?   A . n 
A 1 161 ASN 161 161 ?   ?   ?   A . n 
A 1 162 PRO 162 162 ?   ?   ?   A . n 
A 1 163 ILE 163 163 ?   ?   ?   A . n 
A 1 164 ASN 164 164 ?   ?   ?   A . n 
A 1 165 ASN 165 165 ?   ?   ?   A . n 
A 1 166 GLN 166 166 ?   ?   ?   A . n 
A 1 167 LYS 167 167 ?   ?   ?   A . n 
# 
loop_
_pdbx_nonpoly_scheme.asym_id 
_pdbx_nonpoly_scheme.entity_id 
_pdbx_nonpoly_scheme.mon_id 
_pdbx_nonpoly_scheme.ndb_seq_num 
_pdbx_nonpoly_scheme.pdb_seq_num 
_pdbx_nonpoly_scheme.auth_seq_num 
_pdbx_nonpoly_scheme.pdb_mon_id 
_pdbx_nonpoly_scheme.auth_mon_id 
_pdbx_nonpoly_scheme.pdb_strand_id 
_pdbx_nonpoly_scheme.pdb_ins_code 
B 2 DQA 1  219 219 DQA DHQ A . 
C 3 HOH 1  200 200 HOH TIP A . 
C 3 HOH 2  201 201 HOH TIP A . 
C 3 HOH 3  202 202 HOH TIP A . 
C 3 HOH 4  203 203 HOH TIP A . 
C 3 HOH 5  204 204 HOH TIP A . 
C 3 HOH 6  205 205 HOH TIP A . 
C 3 HOH 7  206 206 HOH TIP A . 
C 3 HOH 8  207 207 HOH TIP A . 
C 3 HOH 9  208 208 HOH TIP A . 
C 3 HOH 10 209 209 HOH TIP A . 
C 3 HOH 11 210 210 HOH TIP A . 
C 3 HOH 12 211 211 HOH TIP A . 
C 3 HOH 13 212 212 HOH TIP A . 
C 3 HOH 14 213 213 HOH TIP A . 
C 3 HOH 15 214 214 HOH TIP A . 
C 3 HOH 16 215 215 HOH TIP A . 
C 3 HOH 17 216 216 HOH TIP A . 
C 3 HOH 18 217 217 HOH TIP A . 
C 3 HOH 19 218 218 HOH TIP A . 
# 
_pdbx_struct_assembly.id                   1 
_pdbx_struct_assembly.details              author_and_software_defined_assembly 
_pdbx_struct_assembly.method_details       PISA,PQS 
_pdbx_struct_assembly.oligomeric_details   dodecameric 
_pdbx_struct_assembly.oligomeric_count     12 
# 
_pdbx_struct_assembly_gen.assembly_id       1 
_pdbx_struct_assembly_gen.oper_expression   1,2,3,4,5,6,7,8,9,10,11,12 
_pdbx_struct_assembly_gen.asym_id_list      A,B,C 
# 
loop_
_pdbx_struct_assembly_prop.biol_id 
_pdbx_struct_assembly_prop.type 
_pdbx_struct_assembly_prop.value 
_pdbx_struct_assembly_prop.details 
1 'ABSA (A^2)' 31510 ? 
1 MORE         -201  ? 
1 'SSA (A^2)'  75370 ? 
# 
loop_
_pdbx_struct_oper_list.id 
_pdbx_struct_oper_list.type 
_pdbx_struct_oper_list.name 
_pdbx_struct_oper_list.symmetry_operation 
_pdbx_struct_oper_list.matrix[1][1] 
_pdbx_struct_oper_list.matrix[1][2] 
_pdbx_struct_oper_list.matrix[1][3] 
_pdbx_struct_oper_list.vector[1] 
_pdbx_struct_oper_list.matrix[2][1] 
_pdbx_struct_oper_list.matrix[2][2] 
_pdbx_struct_oper_list.matrix[2][3] 
_pdbx_struct_oper_list.vector[2] 
_pdbx_struct_oper_list.matrix[3][1] 
_pdbx_struct_oper_list.matrix[3][2] 
_pdbx_struct_oper_list.matrix[3][3] 
_pdbx_struct_oper_list.vector[3] 
1  'identity operation'         1_555  x,y,z         1.0000000000  0.0000000000  0.0000000000  0.0000000000   0.0000000000  1.0000000000  0.0000000000  0.0000000000   0.0000000000  0.0000000000  1.0000000000  0.0000000000   
2  'crystal symmetry operation' 2_755  -x+2,-y,z     -0.7264953008 -0.6860398777 0.0394190829  -45.8141860338 -0.6860398777 0.7208139940  -0.0988760446 -20.6757940995 0.0394190829  -0.0988760446 -0.9943186932 -41.9599838868 
3  'crystal symmetry operation' 3_757  -x+2,y,-z+2   -0.4918372004 0.2505035455  0.8338729772  -9.2439006382  0.2505035455  -0.8765119636 0.4110653858  -17.1906521417 0.8338729772  0.4110653858  0.3683491639  10.7974787351  
4  'crystal symmetry operation' 4_557  x,-y,-z+2     0.2183325011  0.4355363322  -0.8732920601 -26.8794360559 0.4355363322  -0.8443020304 -0.3121893411 -27.7929842551 -0.8732920601 -0.3121893411 -0.3740304707 -51.3607612307 
5  'crystal symmetry operation' 5_546  z,x-1,y+1     -0.0816111970 0.7727208905  -0.6294775913 -22.4586688470 0.5583206195  0.5586274589  0.6133624116  16.8459521121  0.8256014161  -0.3013930781 -0.4770162619 -18.5074423747 
6  'crystal symmetry operation' 6_566  z,-x+1,-y+1   -0.4956406235 0.6752168214  0.5462807122  -8.2834667230  -0.7646798363 -0.0410105689 -0.6431040983 -46.0197958430 -0.4118314223 -0.7364783618 0.5366511923  -30.0845633536 
7  'crystal symmetry operation' 7_766  -z+2,-x+1,y+1 -0.2911956077 -0.9564994481 0.0177178946  -41.7846099876 0.3768016489  -0.0976502999 0.9211324206  8.7044890532   -0.8793324943 0.2749058469  0.3888459076  -26.1086492125 
8  'crystal symmetry operation' 8_746  -z+2,x-1,-y+1 0.8684474282  -0.4914382637 0.0654789845  -9.4107771702  -0.1704424321 -0.4199665902 -0.8913907339 -45.1900758185 0.4655625004  0.7629655930  -0.4484808381 -7.8226114415  
9  'crystal symmetry operation' 9_645  y+1,z-1,x     -0.0816111970 0.5583206195  0.8256014161  4.0414493655   0.7727208905  0.5586274589  -0.3013930781 2.3656561427   -0.6294775913 0.6133624116  -0.4770162619 -33.2982535613 
10 'crystal symmetry operation' 10_647 -y+1,z-1,-x+2 -0.2911956077 0.3768016489  -0.8793324943 -38.4055443599 -0.9564994481 -0.0976502999 0.2749058469  -31.9395401031 0.0177178946  0.9211324206  0.3888459076  2.8745896442   
11 'crystal symmetry operation' 11_667 y+1,-z+1,-x+2 0.8684474282  -0.1704424321 0.4655625004  4.1123733425   -0.4914382637 -0.4199665902 0.7629655930  -17.6347546654 0.0654789845  -0.8913907339 -0.4484808381 -43.1740980517 
12 'crystal symmetry operation' 12_665 -y+1,-z+1,x   -0.4956406235 -0.7646798363 -0.4118314223 -51.6858010761 0.6752168214  -0.0410105689 -0.7364783618 -18.4507918705 0.5462807122  -0.6431040983 0.5366511923  -8.9255044135   
# 
loop_
_pdbx_audit_revision_history.ordinal 
_pdbx_audit_revision_history.data_content_type 
_pdbx_audit_revision_history.major_revision 
_pdbx_audit_revision_history.minor_revision 
_pdbx_audit_revision_history.revision_date 
1 'Structure model' 1 0 2003-06-24 
2 'Structure model' 1 1 2008-04-27 
3 'Structure model' 1 2 2011-07-13 
4 'Structure model' 1 3 2023-10-25 
# 
_pdbx_audit_revision_details.ordinal             1 
_pdbx_audit_revision_details.revision_ordinal    1 
_pdbx_audit_revision_details.data_content_type   'Structure model' 
_pdbx_audit_revision_details.provider            repository 
_pdbx_audit_revision_details.type                'Initial release' 
_pdbx_audit_revision_details.description         ? 
_pdbx_audit_revision_details.details             ? 
# 
loop_
_pdbx_audit_revision_group.ordinal 
_pdbx_audit_revision_group.revision_ordinal 
_pdbx_audit_revision_group.data_content_type 
_pdbx_audit_revision_group.group 
1 2 'Structure model' 'Version format compliance' 
2 3 'Structure model' 'Derived calculations'      
3 3 'Structure model' 'Version format compliance' 
4 4 'Structure model' 'Data collection'           
5 4 'Structure model' 'Database references'       
6 4 'Structure model' 'Derived calculations'      
7 4 'Structure model' 'Refinement description'    
# 
loop_
_pdbx_audit_revision_category.ordinal 
_pdbx_audit_revision_category.revision_ordinal 
_pdbx_audit_revision_category.data_content_type 
_pdbx_audit_revision_category.category 
1 4 'Structure model' chem_comp_atom                
2 4 'Structure model' chem_comp_bond                
3 4 'Structure model' database_2                    
4 4 'Structure model' pdbx_initial_refinement_model 
5 4 'Structure model' struct_site                   
# 
loop_
_pdbx_audit_revision_item.ordinal 
_pdbx_audit_revision_item.revision_ordinal 
_pdbx_audit_revision_item.data_content_type 
_pdbx_audit_revision_item.item 
1 4 'Structure model' '_database_2.pdbx_DOI'                
2 4 'Structure model' '_database_2.pdbx_database_accession' 
3 4 'Structure model' '_struct_site.pdbx_auth_asym_id'      
4 4 'Structure model' '_struct_site.pdbx_auth_comp_id'      
5 4 'Structure model' '_struct_site.pdbx_auth_seq_id'       
# 
loop_
_software.name 
_software.classification 
_software.version 
_software.citation_id 
_software.pdbx_ordinal 
CNS    refinement       1.1       ? 1 
MOSFLM 'data reduction' .         ? 2 
CCP4   'data scaling'   '(SCALA)' ? 3 
CNS    phasing          .         ? 4 
# 
_pdbx_validate_symm_contact.id                1 
_pdbx_validate_symm_contact.PDB_model_num     1 
_pdbx_validate_symm_contact.auth_atom_id_1    CE 
_pdbx_validate_symm_contact.auth_asym_id_1    A 
_pdbx_validate_symm_contact.auth_comp_id_1    MET 
_pdbx_validate_symm_contact.auth_seq_id_1     139 
_pdbx_validate_symm_contact.PDB_ins_code_1    ? 
_pdbx_validate_symm_contact.label_alt_id_1    ? 
_pdbx_validate_symm_contact.site_symmetry_1   1_555 
_pdbx_validate_symm_contact.auth_atom_id_2    CE 
_pdbx_validate_symm_contact.auth_asym_id_2    A 
_pdbx_validate_symm_contact.auth_comp_id_2    MET 
_pdbx_validate_symm_contact.auth_seq_id_2     139 
_pdbx_validate_symm_contact.PDB_ins_code_2    ? 
_pdbx_validate_symm_contact.label_alt_id_2    ? 
_pdbx_validate_symm_contact.site_symmetry_2   3_757 
_pdbx_validate_symm_contact.dist              1.74 
# 
loop_
_pdbx_validate_torsion.id 
_pdbx_validate_torsion.PDB_model_num 
_pdbx_validate_torsion.auth_comp_id 
_pdbx_validate_torsion.auth_asym_id 
_pdbx_validate_torsion.auth_seq_id 
_pdbx_validate_torsion.PDB_ins_code 
_pdbx_validate_torsion.label_alt_id 
_pdbx_validate_torsion.phi 
_pdbx_validate_torsion.psi 
1 1 PRO A 9   ? ? -24.96  -129.58 
2 1 ASN A 10  ? ? -49.21  19.08   
3 1 THR A 36  ? ? -56.64  -6.04   
4 1 GLN A 40  ? ? -63.11  -73.70  
5 1 ASN A 42  ? ? -53.11  97.73   
6 1 ASP A 44  ? ? -63.99  64.27   
7 1 SER A 68  ? ? -167.69 -36.80  
8 1 ARG A 109 ? ? -137.70 -155.90 
9 1 LYS A 156 ? ? -136.27 -36.57  
# 
loop_
_pdbx_unobs_or_zero_occ_residues.id 
_pdbx_unobs_or_zero_occ_residues.PDB_model_num 
_pdbx_unobs_or_zero_occ_residues.polymer_flag 
_pdbx_unobs_or_zero_occ_residues.occupancy_flag 
_pdbx_unobs_or_zero_occ_residues.auth_asym_id 
_pdbx_unobs_or_zero_occ_residues.auth_comp_id 
_pdbx_unobs_or_zero_occ_residues.auth_seq_id 
_pdbx_unobs_or_zero_occ_residues.PDB_ins_code 
_pdbx_unobs_or_zero_occ_residues.label_asym_id 
_pdbx_unobs_or_zero_occ_residues.label_comp_id 
_pdbx_unobs_or_zero_occ_residues.label_seq_id 
1 1 Y 1 A PRO 159 ? A PRO 159 
2 1 Y 1 A ASN 160 ? A ASN 160 
3 1 Y 1 A ASN 161 ? A ASN 161 
4 1 Y 1 A PRO 162 ? A PRO 162 
5 1 Y 1 A ILE 163 ? A ILE 163 
6 1 Y 1 A ASN 164 ? A ASN 164 
7 1 Y 1 A ASN 165 ? A ASN 165 
8 1 Y 1 A GLN 166 ? A GLN 166 
9 1 Y 1 A LYS 167 ? A LYS 167 
# 
loop_
_chem_comp_atom.comp_id 
_chem_comp_atom.atom_id 
_chem_comp_atom.type_symbol 
_chem_comp_atom.pdbx_aromatic_flag 
_chem_comp_atom.pdbx_stereo_config 
_chem_comp_atom.pdbx_ordinal 
ALA N    N N N 1   
ALA CA   C N S 2   
ALA C    C N N 3   
ALA O    O N N 4   
ALA CB   C N N 5   
ALA OXT  O N N 6   
ALA H    H N N 7   
ALA H2   H N N 8   
ALA HA   H N N 9   
ALA HB1  H N N 10  
ALA HB2  H N N 11  
ALA HB3  H N N 12  
ALA HXT  H N N 13  
ARG N    N N N 14  
ARG CA   C N S 15  
ARG C    C N N 16  
ARG O    O N N 17  
ARG CB   C N N 18  
ARG CG   C N N 19  
ARG CD   C N N 20  
ARG NE   N N N 21  
ARG CZ   C N N 22  
ARG NH1  N N N 23  
ARG NH2  N N N 24  
ARG OXT  O N N 25  
ARG H    H N N 26  
ARG H2   H N N 27  
ARG HA   H N N 28  
ARG HB2  H N N 29  
ARG HB3  H N N 30  
ARG HG2  H N N 31  
ARG HG3  H N N 32  
ARG HD2  H N N 33  
ARG HD3  H N N 34  
ARG HE   H N N 35  
ARG HH11 H N N 36  
ARG HH12 H N N 37  
ARG HH21 H N N 38  
ARG HH22 H N N 39  
ARG HXT  H N N 40  
ASN N    N N N 41  
ASN CA   C N S 42  
ASN C    C N N 43  
ASN O    O N N 44  
ASN CB   C N N 45  
ASN CG   C N N 46  
ASN OD1  O N N 47  
ASN ND2  N N N 48  
ASN OXT  O N N 49  
ASN H    H N N 50  
ASN H2   H N N 51  
ASN HA   H N N 52  
ASN HB2  H N N 53  
ASN HB3  H N N 54  
ASN HD21 H N N 55  
ASN HD22 H N N 56  
ASN HXT  H N N 57  
ASP N    N N N 58  
ASP CA   C N S 59  
ASP C    C N N 60  
ASP O    O N N 61  
ASP CB   C N N 62  
ASP CG   C N N 63  
ASP OD1  O N N 64  
ASP OD2  O N N 65  
ASP OXT  O N N 66  
ASP H    H N N 67  
ASP H2   H N N 68  
ASP HA   H N N 69  
ASP HB2  H N N 70  
ASP HB3  H N N 71  
ASP HD2  H N N 72  
ASP HXT  H N N 73  
CYS N    N N N 74  
CYS CA   C N R 75  
CYS C    C N N 76  
CYS O    O N N 77  
CYS CB   C N N 78  
CYS SG   S N N 79  
CYS OXT  O N N 80  
CYS H    H N N 81  
CYS H2   H N N 82  
CYS HA   H N N 83  
CYS HB2  H N N 84  
CYS HB3  H N N 85  
CYS HG   H N N 86  
CYS HXT  H N N 87  
DQA C1   C N R 88  
DQA C2   C N N 89  
DQA C3   C N R 90  
DQA O3   O N N 91  
DQA C4   C N S 92  
DQA O4   O N N 93  
DQA C5   C N N 94  
DQA C6   C N N 95  
DQA C    C N N 96  
DQA O1   O N N 97  
DQA O2   O N N 98  
DQA O5   O N N 99  
DQA O6   O N N 100 
DQA H21  H N N 101 
DQA H22  H N N 102 
DQA H3   H N N 103 
DQA HO3  H N N 104 
DQA H4   H N N 105 
DQA HO4  H N N 106 
DQA H61  H N N 107 
DQA H62  H N N 108 
DQA HO2  H N N 109 
DQA HO6  H N N 110 
GLN N    N N N 111 
GLN CA   C N S 112 
GLN C    C N N 113 
GLN O    O N N 114 
GLN CB   C N N 115 
GLN CG   C N N 116 
GLN CD   C N N 117 
GLN OE1  O N N 118 
GLN NE2  N N N 119 
GLN OXT  O N N 120 
GLN H    H N N 121 
GLN H2   H N N 122 
GLN HA   H N N 123 
GLN HB2  H N N 124 
GLN HB3  H N N 125 
GLN HG2  H N N 126 
GLN HG3  H N N 127 
GLN HE21 H N N 128 
GLN HE22 H N N 129 
GLN HXT  H N N 130 
GLU N    N N N 131 
GLU CA   C N S 132 
GLU C    C N N 133 
GLU O    O N N 134 
GLU CB   C N N 135 
GLU CG   C N N 136 
GLU CD   C N N 137 
GLU OE1  O N N 138 
GLU OE2  O N N 139 
GLU OXT  O N N 140 
GLU H    H N N 141 
GLU H2   H N N 142 
GLU HA   H N N 143 
GLU HB2  H N N 144 
GLU HB3  H N N 145 
GLU HG2  H N N 146 
GLU HG3  H N N 147 
GLU HE2  H N N 148 
GLU HXT  H N N 149 
GLY N    N N N 150 
GLY CA   C N N 151 
GLY C    C N N 152 
GLY O    O N N 153 
GLY OXT  O N N 154 
GLY H    H N N 155 
GLY H2   H N N 156 
GLY HA2  H N N 157 
GLY HA3  H N N 158 
GLY HXT  H N N 159 
HIS N    N N N 160 
HIS CA   C N S 161 
HIS C    C N N 162 
HIS O    O N N 163 
HIS CB   C N N 164 
HIS CG   C Y N 165 
HIS ND1  N Y N 166 
HIS CD2  C Y N 167 
HIS CE1  C Y N 168 
HIS NE2  N Y N 169 
HIS OXT  O N N 170 
HIS H    H N N 171 
HIS H2   H N N 172 
HIS HA   H N N 173 
HIS HB2  H N N 174 
HIS HB3  H N N 175 
HIS HD1  H N N 176 
HIS HD2  H N N 177 
HIS HE1  H N N 178 
HIS HE2  H N N 179 
HIS HXT  H N N 180 
HOH O    O N N 181 
HOH H1   H N N 182 
HOH H2   H N N 183 
ILE N    N N N 184 
ILE CA   C N S 185 
ILE C    C N N 186 
ILE O    O N N 187 
ILE CB   C N S 188 
ILE CG1  C N N 189 
ILE CG2  C N N 190 
ILE CD1  C N N 191 
ILE OXT  O N N 192 
ILE H    H N N 193 
ILE H2   H N N 194 
ILE HA   H N N 195 
ILE HB   H N N 196 
ILE HG12 H N N 197 
ILE HG13 H N N 198 
ILE HG21 H N N 199 
ILE HG22 H N N 200 
ILE HG23 H N N 201 
ILE HD11 H N N 202 
ILE HD12 H N N 203 
ILE HD13 H N N 204 
ILE HXT  H N N 205 
LEU N    N N N 206 
LEU CA   C N S 207 
LEU C    C N N 208 
LEU O    O N N 209 
LEU CB   C N N 210 
LEU CG   C N N 211 
LEU CD1  C N N 212 
LEU CD2  C N N 213 
LEU OXT  O N N 214 
LEU H    H N N 215 
LEU H2   H N N 216 
LEU HA   H N N 217 
LEU HB2  H N N 218 
LEU HB3  H N N 219 
LEU HG   H N N 220 
LEU HD11 H N N 221 
LEU HD12 H N N 222 
LEU HD13 H N N 223 
LEU HD21 H N N 224 
LEU HD22 H N N 225 
LEU HD23 H N N 226 
LEU HXT  H N N 227 
LYS N    N N N 228 
LYS CA   C N S 229 
LYS C    C N N 230 
LYS O    O N N 231 
LYS CB   C N N 232 
LYS CG   C N N 233 
LYS CD   C N N 234 
LYS CE   C N N 235 
LYS NZ   N N N 236 
LYS OXT  O N N 237 
LYS H    H N N 238 
LYS H2   H N N 239 
LYS HA   H N N 240 
LYS HB2  H N N 241 
LYS HB3  H N N 242 
LYS HG2  H N N 243 
LYS HG3  H N N 244 
LYS HD2  H N N 245 
LYS HD3  H N N 246 
LYS HE2  H N N 247 
LYS HE3  H N N 248 
LYS HZ1  H N N 249 
LYS HZ2  H N N 250 
LYS HZ3  H N N 251 
LYS HXT  H N N 252 
MET N    N N N 253 
MET CA   C N S 254 
MET C    C N N 255 
MET O    O N N 256 
MET CB   C N N 257 
MET CG   C N N 258 
MET SD   S N N 259 
MET CE   C N N 260 
MET OXT  O N N 261 
MET H    H N N 262 
MET H2   H N N 263 
MET HA   H N N 264 
MET HB2  H N N 265 
MET HB3  H N N 266 
MET HG2  H N N 267 
MET HG3  H N N 268 
MET HE1  H N N 269 
MET HE2  H N N 270 
MET HE3  H N N 271 
MET HXT  H N N 272 
PHE N    N N N 273 
PHE CA   C N S 274 
PHE C    C N N 275 
PHE O    O N N 276 
PHE CB   C N N 277 
PHE CG   C Y N 278 
PHE CD1  C Y N 279 
PHE CD2  C Y N 280 
PHE CE1  C Y N 281 
PHE CE2  C Y N 282 
PHE CZ   C Y N 283 
PHE OXT  O N N 284 
PHE H    H N N 285 
PHE H2   H N N 286 
PHE HA   H N N 287 
PHE HB2  H N N 288 
PHE HB3  H N N 289 
PHE HD1  H N N 290 
PHE HD2  H N N 291 
PHE HE1  H N N 292 
PHE HE2  H N N 293 
PHE HZ   H N N 294 
PHE HXT  H N N 295 
PRO N    N N N 296 
PRO CA   C N S 297 
PRO C    C N N 298 
PRO O    O N N 299 
PRO CB   C N N 300 
PRO CG   C N N 301 
PRO CD   C N N 302 
PRO OXT  O N N 303 
PRO H    H N N 304 
PRO HA   H N N 305 
PRO HB2  H N N 306 
PRO HB3  H N N 307 
PRO HG2  H N N 308 
PRO HG3  H N N 309 
PRO HD2  H N N 310 
PRO HD3  H N N 311 
PRO HXT  H N N 312 
SER N    N N N 313 
SER CA   C N S 314 
SER C    C N N 315 
SER O    O N N 316 
SER CB   C N N 317 
SER OG   O N N 318 
SER OXT  O N N 319 
SER H    H N N 320 
SER H2   H N N 321 
SER HA   H N N 322 
SER HB2  H N N 323 
SER HB3  H N N 324 
SER HG   H N N 325 
SER HXT  H N N 326 
THR N    N N N 327 
THR CA   C N S 328 
THR C    C N N 329 
THR O    O N N 330 
THR CB   C N R 331 
THR OG1  O N N 332 
THR CG2  C N N 333 
THR OXT  O N N 334 
THR H    H N N 335 
THR H2   H N N 336 
THR HA   H N N 337 
THR HB   H N N 338 
THR HG1  H N N 339 
THR HG21 H N N 340 
THR HG22 H N N 341 
THR HG23 H N N 342 
THR HXT  H N N 343 
TYR N    N N N 344 
TYR CA   C N S 345 
TYR C    C N N 346 
TYR O    O N N 347 
TYR CB   C N N 348 
TYR CG   C Y N 349 
TYR CD1  C Y N 350 
TYR CD2  C Y N 351 
TYR CE1  C Y N 352 
TYR CE2  C Y N 353 
TYR CZ   C Y N 354 
TYR OH   O N N 355 
TYR OXT  O N N 356 
TYR H    H N N 357 
TYR H2   H N N 358 
TYR HA   H N N 359 
TYR HB2  H N N 360 
TYR HB3  H N N 361 
TYR HD1  H N N 362 
TYR HD2  H N N 363 
TYR HE1  H N N 364 
TYR HE2  H N N 365 
TYR HH   H N N 366 
TYR HXT  H N N 367 
VAL N    N N N 368 
VAL CA   C N S 369 
VAL C    C N N 370 
VAL O    O N N 371 
VAL CB   C N N 372 
VAL CG1  C N N 373 
VAL CG2  C N N 374 
VAL OXT  O N N 375 
VAL H    H N N 376 
VAL H2   H N N 377 
VAL HA   H N N 378 
VAL HB   H N N 379 
VAL HG11 H N N 380 
VAL HG12 H N N 381 
VAL HG13 H N N 382 
VAL HG21 H N N 383 
VAL HG22 H N N 384 
VAL HG23 H N N 385 
VAL HXT  H N N 386 
# 
loop_
_chem_comp_bond.comp_id 
_chem_comp_bond.atom_id_1 
_chem_comp_bond.atom_id_2 
_chem_comp_bond.value_order 
_chem_comp_bond.pdbx_aromatic_flag 
_chem_comp_bond.pdbx_stereo_config 
_chem_comp_bond.pdbx_ordinal 
ALA N   CA   sing N N 1   
ALA N   H    sing N N 2   
ALA N   H2   sing N N 3   
ALA CA  C    sing N N 4   
ALA CA  CB   sing N N 5   
ALA CA  HA   sing N N 6   
ALA C   O    doub N N 7   
ALA C   OXT  sing N N 8   
ALA CB  HB1  sing N N 9   
ALA CB  HB2  sing N N 10  
ALA CB  HB3  sing N N 11  
ALA OXT HXT  sing N N 12  
ARG N   CA   sing N N 13  
ARG N   H    sing N N 14  
ARG N   H2   sing N N 15  
ARG CA  C    sing N N 16  
ARG CA  CB   sing N N 17  
ARG CA  HA   sing N N 18  
ARG C   O    doub N N 19  
ARG C   OXT  sing N N 20  
ARG CB  CG   sing N N 21  
ARG CB  HB2  sing N N 22  
ARG CB  HB3  sing N N 23  
ARG CG  CD   sing N N 24  
ARG CG  HG2  sing N N 25  
ARG CG  HG3  sing N N 26  
ARG CD  NE   sing N N 27  
ARG CD  HD2  sing N N 28  
ARG CD  HD3  sing N N 29  
ARG NE  CZ   sing N N 30  
ARG NE  HE   sing N N 31  
ARG CZ  NH1  sing N N 32  
ARG CZ  NH2  doub N N 33  
ARG NH1 HH11 sing N N 34  
ARG NH1 HH12 sing N N 35  
ARG NH2 HH21 sing N N 36  
ARG NH2 HH22 sing N N 37  
ARG OXT HXT  sing N N 38  
ASN N   CA   sing N N 39  
ASN N   H    sing N N 40  
ASN N   H2   sing N N 41  
ASN CA  C    sing N N 42  
ASN CA  CB   sing N N 43  
ASN CA  HA   sing N N 44  
ASN C   O    doub N N 45  
ASN C   OXT  sing N N 46  
ASN CB  CG   sing N N 47  
ASN CB  HB2  sing N N 48  
ASN CB  HB3  sing N N 49  
ASN CG  OD1  doub N N 50  
ASN CG  ND2  sing N N 51  
ASN ND2 HD21 sing N N 52  
ASN ND2 HD22 sing N N 53  
ASN OXT HXT  sing N N 54  
ASP N   CA   sing N N 55  
ASP N   H    sing N N 56  
ASP N   H2   sing N N 57  
ASP CA  C    sing N N 58  
ASP CA  CB   sing N N 59  
ASP CA  HA   sing N N 60  
ASP C   O    doub N N 61  
ASP C   OXT  sing N N 62  
ASP CB  CG   sing N N 63  
ASP CB  HB2  sing N N 64  
ASP CB  HB3  sing N N 65  
ASP CG  OD1  doub N N 66  
ASP CG  OD2  sing N N 67  
ASP OD2 HD2  sing N N 68  
ASP OXT HXT  sing N N 69  
CYS N   CA   sing N N 70  
CYS N   H    sing N N 71  
CYS N   H2   sing N N 72  
CYS CA  C    sing N N 73  
CYS CA  CB   sing N N 74  
CYS CA  HA   sing N N 75  
CYS C   O    doub N N 76  
CYS C   OXT  sing N N 77  
CYS CB  SG   sing N N 78  
CYS CB  HB2  sing N N 79  
CYS CB  HB3  sing N N 80  
CYS SG  HG   sing N N 81  
CYS OXT HXT  sing N N 82  
DQA C1  C2   sing N N 83  
DQA C1  C6   sing N N 84  
DQA C1  C    sing N N 85  
DQA C1  O6   sing N N 86  
DQA C2  C3   sing N N 87  
DQA C2  H21  sing N N 88  
DQA C2  H22  sing N N 89  
DQA C3  O3   sing N N 90  
DQA C3  C4   sing N N 91  
DQA C3  H3   sing N N 92  
DQA O3  HO3  sing N N 93  
DQA C4  O4   sing N N 94  
DQA C4  C5   sing N N 95  
DQA C4  H4   sing N N 96  
DQA O4  HO4  sing N N 97  
DQA C5  C6   sing N N 98  
DQA C5  O5   doub N N 99  
DQA C6  H61  sing N N 100 
DQA C6  H62  sing N N 101 
DQA C   O1   doub N N 102 
DQA C   O2   sing N N 103 
DQA O2  HO2  sing N N 104 
DQA O6  HO6  sing N N 105 
GLN N   CA   sing N N 106 
GLN N   H    sing N N 107 
GLN N   H2   sing N N 108 
GLN CA  C    sing N N 109 
GLN CA  CB   sing N N 110 
GLN CA  HA   sing N N 111 
GLN C   O    doub N N 112 
GLN C   OXT  sing N N 113 
GLN CB  CG   sing N N 114 
GLN CB  HB2  sing N N 115 
GLN CB  HB3  sing N N 116 
GLN CG  CD   sing N N 117 
GLN CG  HG2  sing N N 118 
GLN CG  HG3  sing N N 119 
GLN CD  OE1  doub N N 120 
GLN CD  NE2  sing N N 121 
GLN NE2 HE21 sing N N 122 
GLN NE2 HE22 sing N N 123 
GLN OXT HXT  sing N N 124 
GLU N   CA   sing N N 125 
GLU N   H    sing N N 126 
GLU N   H2   sing N N 127 
GLU CA  C    sing N N 128 
GLU CA  CB   sing N N 129 
GLU CA  HA   sing N N 130 
GLU C   O    doub N N 131 
GLU C   OXT  sing N N 132 
GLU CB  CG   sing N N 133 
GLU CB  HB2  sing N N 134 
GLU CB  HB3  sing N N 135 
GLU CG  CD   sing N N 136 
GLU CG  HG2  sing N N 137 
GLU CG  HG3  sing N N 138 
GLU CD  OE1  doub N N 139 
GLU CD  OE2  sing N N 140 
GLU OE2 HE2  sing N N 141 
GLU OXT HXT  sing N N 142 
GLY N   CA   sing N N 143 
GLY N   H    sing N N 144 
GLY N   H2   sing N N 145 
GLY CA  C    sing N N 146 
GLY CA  HA2  sing N N 147 
GLY CA  HA3  sing N N 148 
GLY C   O    doub N N 149 
GLY C   OXT  sing N N 150 
GLY OXT HXT  sing N N 151 
HIS N   CA   sing N N 152 
HIS N   H    sing N N 153 
HIS N   H2   sing N N 154 
HIS CA  C    sing N N 155 
HIS CA  CB   sing N N 156 
HIS CA  HA   sing N N 157 
HIS C   O    doub N N 158 
HIS C   OXT  sing N N 159 
HIS CB  CG   sing N N 160 
HIS CB  HB2  sing N N 161 
HIS CB  HB3  sing N N 162 
HIS CG  ND1  sing Y N 163 
HIS CG  CD2  doub Y N 164 
HIS ND1 CE1  doub Y N 165 
HIS ND1 HD1  sing N N 166 
HIS CD2 NE2  sing Y N 167 
HIS CD2 HD2  sing N N 168 
HIS CE1 NE2  sing Y N 169 
HIS CE1 HE1  sing N N 170 
HIS NE2 HE2  sing N N 171 
HIS OXT HXT  sing N N 172 
HOH O   H1   sing N N 173 
HOH O   H2   sing N N 174 
ILE N   CA   sing N N 175 
ILE N   H    sing N N 176 
ILE N   H2   sing N N 177 
ILE CA  C    sing N N 178 
ILE CA  CB   sing N N 179 
ILE CA  HA   sing N N 180 
ILE C   O    doub N N 181 
ILE C   OXT  sing N N 182 
ILE CB  CG1  sing N N 183 
ILE CB  CG2  sing N N 184 
ILE CB  HB   sing N N 185 
ILE CG1 CD1  sing N N 186 
ILE CG1 HG12 sing N N 187 
ILE CG1 HG13 sing N N 188 
ILE CG2 HG21 sing N N 189 
ILE CG2 HG22 sing N N 190 
ILE CG2 HG23 sing N N 191 
ILE CD1 HD11 sing N N 192 
ILE CD1 HD12 sing N N 193 
ILE CD1 HD13 sing N N 194 
ILE OXT HXT  sing N N 195 
LEU N   CA   sing N N 196 
LEU N   H    sing N N 197 
LEU N   H2   sing N N 198 
LEU CA  C    sing N N 199 
LEU CA  CB   sing N N 200 
LEU CA  HA   sing N N 201 
LEU C   O    doub N N 202 
LEU C   OXT  sing N N 203 
LEU CB  CG   sing N N 204 
LEU CB  HB2  sing N N 205 
LEU CB  HB3  sing N N 206 
LEU CG  CD1  sing N N 207 
LEU CG  CD2  sing N N 208 
LEU CG  HG   sing N N 209 
LEU CD1 HD11 sing N N 210 
LEU CD1 HD12 sing N N 211 
LEU CD1 HD13 sing N N 212 
LEU CD2 HD21 sing N N 213 
LEU CD2 HD22 sing N N 214 
LEU CD2 HD23 sing N N 215 
LEU OXT HXT  sing N N 216 
LYS N   CA   sing N N 217 
LYS N   H    sing N N 218 
LYS N   H2   sing N N 219 
LYS CA  C    sing N N 220 
LYS CA  CB   sing N N 221 
LYS CA  HA   sing N N 222 
LYS C   O    doub N N 223 
LYS C   OXT  sing N N 224 
LYS CB  CG   sing N N 225 
LYS CB  HB2  sing N N 226 
LYS CB  HB3  sing N N 227 
LYS CG  CD   sing N N 228 
LYS CG  HG2  sing N N 229 
LYS CG  HG3  sing N N 230 
LYS CD  CE   sing N N 231 
LYS CD  HD2  sing N N 232 
LYS CD  HD3  sing N N 233 
LYS CE  NZ   sing N N 234 
LYS CE  HE2  sing N N 235 
LYS CE  HE3  sing N N 236 
LYS NZ  HZ1  sing N N 237 
LYS NZ  HZ2  sing N N 238 
LYS NZ  HZ3  sing N N 239 
LYS OXT HXT  sing N N 240 
MET N   CA   sing N N 241 
MET N   H    sing N N 242 
MET N   H2   sing N N 243 
MET CA  C    sing N N 244 
MET CA  CB   sing N N 245 
MET CA  HA   sing N N 246 
MET C   O    doub N N 247 
MET C   OXT  sing N N 248 
MET CB  CG   sing N N 249 
MET CB  HB2  sing N N 250 
MET CB  HB3  sing N N 251 
MET CG  SD   sing N N 252 
MET CG  HG2  sing N N 253 
MET CG  HG3  sing N N 254 
MET SD  CE   sing N N 255 
MET CE  HE1  sing N N 256 
MET CE  HE2  sing N N 257 
MET CE  HE3  sing N N 258 
MET OXT HXT  sing N N 259 
PHE N   CA   sing N N 260 
PHE N   H    sing N N 261 
PHE N   H2   sing N N 262 
PHE CA  C    sing N N 263 
PHE CA  CB   sing N N 264 
PHE CA  HA   sing N N 265 
PHE C   O    doub N N 266 
PHE C   OXT  sing N N 267 
PHE CB  CG   sing N N 268 
PHE CB  HB2  sing N N 269 
PHE CB  HB3  sing N N 270 
PHE CG  CD1  doub Y N 271 
PHE CG  CD2  sing Y N 272 
PHE CD1 CE1  sing Y N 273 
PHE CD1 HD1  sing N N 274 
PHE CD2 CE2  doub Y N 275 
PHE CD2 HD2  sing N N 276 
PHE CE1 CZ   doub Y N 277 
PHE CE1 HE1  sing N N 278 
PHE CE2 CZ   sing Y N 279 
PHE CE2 HE2  sing N N 280 
PHE CZ  HZ   sing N N 281 
PHE OXT HXT  sing N N 282 
PRO N   CA   sing N N 283 
PRO N   CD   sing N N 284 
PRO N   H    sing N N 285 
PRO CA  C    sing N N 286 
PRO CA  CB   sing N N 287 
PRO CA  HA   sing N N 288 
PRO C   O    doub N N 289 
PRO C   OXT  sing N N 290 
PRO CB  CG   sing N N 291 
PRO CB  HB2  sing N N 292 
PRO CB  HB3  sing N N 293 
PRO CG  CD   sing N N 294 
PRO CG  HG2  sing N N 295 
PRO CG  HG3  sing N N 296 
PRO CD  HD2  sing N N 297 
PRO CD  HD3  sing N N 298 
PRO OXT HXT  sing N N 299 
SER N   CA   sing N N 300 
SER N   H    sing N N 301 
SER N   H2   sing N N 302 
SER CA  C    sing N N 303 
SER CA  CB   sing N N 304 
SER CA  HA   sing N N 305 
SER C   O    doub N N 306 
SER C   OXT  sing N N 307 
SER CB  OG   sing N N 308 
SER CB  HB2  sing N N 309 
SER CB  HB3  sing N N 310 
SER OG  HG   sing N N 311 
SER OXT HXT  sing N N 312 
THR N   CA   sing N N 313 
THR N   H    sing N N 314 
THR N   H2   sing N N 315 
THR CA  C    sing N N 316 
THR CA  CB   sing N N 317 
THR CA  HA   sing N N 318 
THR C   O    doub N N 319 
THR C   OXT  sing N N 320 
THR CB  OG1  sing N N 321 
THR CB  CG2  sing N N 322 
THR CB  HB   sing N N 323 
THR OG1 HG1  sing N N 324 
THR CG2 HG21 sing N N 325 
THR CG2 HG22 sing N N 326 
THR CG2 HG23 sing N N 327 
THR OXT HXT  sing N N 328 
TYR N   CA   sing N N 329 
TYR N   H    sing N N 330 
TYR N   H2   sing N N 331 
TYR CA  C    sing N N 332 
TYR CA  CB   sing N N 333 
TYR CA  HA   sing N N 334 
TYR C   O    doub N N 335 
TYR C   OXT  sing N N 336 
TYR CB  CG   sing N N 337 
TYR CB  HB2  sing N N 338 
TYR CB  HB3  sing N N 339 
TYR CG  CD1  doub Y N 340 
TYR CG  CD2  sing Y N 341 
TYR CD1 CE1  sing Y N 342 
TYR CD1 HD1  sing N N 343 
TYR CD2 CE2  doub Y N 344 
TYR CD2 HD2  sing N N 345 
TYR CE1 CZ   doub Y N 346 
TYR CE1 HE1  sing N N 347 
TYR CE2 CZ   sing Y N 348 
TYR CE2 HE2  sing N N 349 
TYR CZ  OH   sing N N 350 
TYR OH  HH   sing N N 351 
TYR OXT HXT  sing N N 352 
VAL N   CA   sing N N 353 
VAL N   H    sing N N 354 
VAL N   H2   sing N N 355 
VAL CA  C    sing N N 356 
VAL CA  CB   sing N N 357 
VAL CA  HA   sing N N 358 
VAL C   O    doub N N 359 
VAL C   OXT  sing N N 360 
VAL CB  CG1  sing N N 361 
VAL CB  CG2  sing N N 362 
VAL CB  HB   sing N N 363 
VAL CG1 HG11 sing N N 364 
VAL CG1 HG12 sing N N 365 
VAL CG1 HG13 sing N N 366 
VAL CG2 HG21 sing N N 367 
VAL CG2 HG22 sing N N 368 
VAL CG2 HG23 sing N N 369 
VAL OXT HXT  sing N N 370 
# 
loop_
_pdbx_entity_nonpoly.entity_id 
_pdbx_entity_nonpoly.name 
_pdbx_entity_nonpoly.comp_id 
2 '1,3,4-TRIHYDROXY-5-OXO-CYCLOHEXANECARBOXYLIC ACID' DQA 
3 water                                               HOH 
# 
_pdbx_initial_refinement_model.id               1 
_pdbx_initial_refinement_model.entity_id_list   ? 
_pdbx_initial_refinement_model.type             'experimental model' 
_pdbx_initial_refinement_model.source_name      PDB 
_pdbx_initial_refinement_model.accession_code   2DHQ 
_pdbx_initial_refinement_model.details          'PDB ENTRY 2DHQ' 
# 
